data_9HFL
#
_entry.id   9HFL
#
_cell.length_a   1.00
_cell.length_b   1.00
_cell.length_c   1.00
_cell.angle_alpha   90.00
_cell.angle_beta   90.00
_cell.angle_gamma   90.00
#
_symmetry.space_group_name_H-M   'P 1'
#
loop_
_entity.id
_entity.type
_entity.pdbx_description
1 polymer Exportin-1
2 polymer 'GTP-binding nuclear protein Ran'
3 polymer 'Nuclear cap-binding protein subunit 1'
4 polymer 'Nuclear cap-binding protein subunit 2'
5 polymer 'Phosphorylated adapter RNA export protein'
6 polymer "RNA (5'-D(*(ADM))-R(P*A)-3')"
7 non-polymer "GUANOSINE-5'-TRIPHOSPHATE"
8 non-polymer 'MAGNESIUM ION'
9 non-polymer "P1-7-METHYLGUANOSINE-P3-ADENOSINE-5',5'-TRIPHOSPHATE"
10 water water
#
loop_
_entity_poly.entity_id
_entity_poly.type
_entity_poly.pdbx_seq_one_letter_code
_entity_poly.pdbx_strand_id
1 'polypeptide(L)'
;MPAIMTMLADHAARQLLDFSQKLDINLLDNVVNCLYHGEGAQQRMAQEVLTHLKEHPDAWTRVDTILEFSQNMNTKYYGL
QILENVIKTRWKILPRNQCEGIKKYVVGLIIKTSSDPTCVEKEKVYIGKLNMILVQILKQEWPKHWPTFISDIVGASRTS
ESLCQNNMVILKLLSEEVFDFSSGQITQVKSKHLKDSMCNEFSQIFQLCQFVMENSQNAPLVHATLETLLRFLNWIPLGY
IFETKLISTLIYKFLNVPMFRNVSLKCLTEIAGVSVSQYEEQFVTLFTLTMMQLKQMLPLNTNIRLAYSNGKDDEQNFIQ
NLSLFLCTFLKEHDQLIEKRLNLRETLMEALHYMLLVSEVEETEIFKICLEYWNHLAAELYRESPFSTSASPLLSGSQHF
DVPPRRQLYLPMLFKVRLLMVSRMAKPEEVLVVENDQGEVVREFMKDTDSINLYKNMRETLVYLTHLDYVDTERIMTEKL
HNQVNGTEWSWKNLNTLCWAIGSISGAMHEEDEKRFLVTVIKDLLGLCEQKRGKDNKAIIASNIMYIVGQYPRFLRAHWK
FLKTVVNKLFEFMHETHDGVQDMACDTFIKIAQKCRRHFVQVQVGEVMPFIDEILNNINTIICDLQPQQVHTFYEAVGYM
IGAQTDQTVQEHLIEKYMLLPNQVWDSIIQQATKNVDILKDPETVKQLGSILKTNVRACKAVGHPFVIQLGRIYLDMLNV
YKCLSENISAAIQANGEMVTKQPLIRSMRTVKRETLKLISGWVSRSNDPQMVAENFVPPLLDAVLIDYQRNVPAAREPEV
LSTMAIIVNKLGGHITAEIPQIFDAVFECTLNMINKDFEEYPEHRTNFFLLLQAVNSHCFPAFLAIPPTQFKLVLDSIIW
AFKHTMRNVADTGLQILFTLLQNVAQEEAAAQSFYQTYFCDILQHIFSVVTDTSHTAGLTMHASILAYMFNLVEEGKIST
SLNPGNPVNNQIFLQEYVANLLKSAFPHLQDAQVKLFVTGLFSLNQDIPAFKEHLRDFLVQIKEFAGEDTSDLFLEEREI
ALRQADEEKHKRQMSVPGIFNPHEIPEEMCD
;
A
2 'polypeptide(L)'
;MAAQGEPQVQFKLVLVGDGGTGKTTFVKRHLTGEFEKKYVATLGVEVHPLVFHTNRGPIKFNVWDTAGLEKFGGLRDGYY
IQAQCAIIMFDVTSRVTYKNVPNWHRDLVRVCENIPIVLCGNKVDIKDRKVKAKSIVFHRKKNLQYYDISAKSNYNFEKP
FLWLARKLIGDPNLEFVAMPALAPPEVVMDPALAAQYEHDLEVAQTTALPDEDDDL
;
B
3 'polypeptide(L)'
;MSRRRHSDENDGGQPHKRRKTSDANETEDHLESLICKVGEKSACSLESNLEGLAGVLEADLPNYKSKILRLLCTVARLLP
EKLTIYTTLVGLLNARNYNFGGEFVEAMIRQLKESLKANNYNEAVYLVRFLSDLVNCHVIAAPSMVAMFENFVSVTQEED
VPQVRRDWYVYAFLSSLPWVGKELYEKKDAEMDRIFANTESYLKRRQKTHVPMLQVWTADKPHPQEEYLDCLWAQIQKLK
KDRWQERHILRPYLAFDSILCEALQHNLPPFTPPPHTEDSVYPMPRVIFRMFDYTDDPEGPVMPGSHSVERFVIEENLHC
IIKSHWKERKTCAAQLVSYPGKNKIPLNYHIVEVIFAELFQLPAPPHIDVMYTTLLIELCKLQPGSLPQVLAQATEMLYM
RLDTMNTTCVDRFINWFSHHLSNFQFRWSWEDWSDCLSQDPESPKPKFVREVLEKCMRLSYHQRILDIVPPTFSALCPAN
PTCIYKYGDESSNSLPGHSVALCLAVAFKSKATNDEIFSILKDVPNPNQDDDDDEGFSFNPLKIEVFVQTLLHLAAKSFS
HSFSALAKFHEVFKTLAESDEGKLHVLRVMFEVWRNHPQMIAVLVDKMIRTQIVDCAAVANWIFSSELSRDFTRLFVWEI
LHSTIRKMNKHVLKIQKELEEAKEKLARQHKRRSDDDDRSSDRKDGVLEEQIERLQEKVESAQSEQKNLFLVIFQRFIMI
LTEHLVRCETDGTSVLTPWYKNCIERLQQIFLQHHQIIQQYMVTLENLLFTAELDPHILAVFQQFCALQA
;
C
4 'polypeptide(L)'
;MSGGLLKALRSDSYVELSQYRDQHFRGDNEEQEKLLKKSCTLYVGNLSFYTTEEQIYELFSKSGDIKKIIMGLDKMKKTA
CGFCFVEYYSRADAENAMRYINGTRLDDRIIRTDWDAGFKEGRQYGRGRSGGQVRDEYRQDYDAGRGGYGKLAQNQ
;
D
5 'polypeptide(L)'
;MALEVGDMEDGQLSDSDSDMTVAPSDRPLQLPKVLGGDSAMRAFQNTATACAPVSHYRAVESVDSSEESFSDSDDDSCLW
KRKRQKCFNPPPKPEPFQFGQSSQKPPVAGGKKINNIWGAVLQEQNQDAVATELGILGMEGTIDRSRQSETYNYLLAKKL
RKESQEHTKDLDKELDEYMHGGKKMGSKEEENGQGHLKRKRPVKDRLGNRPEMNYKGRYEITAEDSQEKVADEISFRLQE
PKKDLIARVVRIIGNKKAIELLMETAEVEQNGGLFIMNGSRRRTPGGVFLNLLKNTPSISEEQIKDIFYIENQKEYENKK
AARKRRTQVLGKKMKQAIKSLNFQEDDDTSRETFASDTNEALASLDESQEGHAEAKLEAEEAIEVDHSHDLDIF
;
N,P
6 'polyribonucleotide' AAUCUAUAAUAGCA R
#
# COMPACT_ATOMS: atom_id res chain seq x y z
N LEU A 8 53.45 40.09 34.67
CA LEU A 8 53.26 41.20 33.75
C LEU A 8 51.78 41.45 33.48
N ALA A 9 51.02 40.36 33.33
CA ALA A 9 49.60 40.47 33.03
C ALA A 9 48.85 41.17 34.16
N ASP A 10 49.14 40.79 35.41
CA ASP A 10 48.45 41.43 36.54
C ASP A 10 48.80 42.91 36.62
N HIS A 11 50.07 43.26 36.40
CA HIS A 11 50.46 44.66 36.42
C HIS A 11 49.77 45.43 35.31
N ALA A 12 49.66 44.83 34.12
CA ALA A 12 48.95 45.48 33.03
C ALA A 12 47.48 45.71 33.38
N ALA A 13 46.85 44.71 33.99
CA ALA A 13 45.45 44.86 34.39
C ALA A 13 45.30 45.97 35.41
N ARG A 14 46.18 46.03 36.41
CA ARG A 14 46.10 47.06 37.42
C ARG A 14 46.32 48.45 36.81
N GLN A 15 47.28 48.56 35.88
CA GLN A 15 47.50 49.84 35.21
C GLN A 15 46.28 50.26 34.41
N LEU A 16 45.65 49.31 33.70
CA LEU A 16 44.46 49.64 32.92
C LEU A 16 43.32 50.08 33.82
N LEU A 17 43.11 49.38 34.94
CA LEU A 17 42.03 49.71 35.85
C LEU A 17 42.36 50.87 36.78
N ASP A 18 43.63 51.26 36.89
CA ASP A 18 44.02 52.39 37.72
C ASP A 18 43.75 53.67 36.93
N PHE A 19 42.66 54.34 37.27
CA PHE A 19 42.24 55.56 36.57
C PHE A 19 42.93 56.80 37.10
N SER A 20 43.77 56.69 38.12
CA SER A 20 44.57 57.80 38.61
C SER A 20 45.83 58.01 37.79
N GLN A 21 46.10 57.16 36.79
CA GLN A 21 47.26 57.28 35.94
C GLN A 21 46.81 57.27 34.48
N LYS A 22 47.65 57.84 33.62
CA LYS A 22 47.34 57.92 32.20
C LYS A 22 47.27 56.53 31.59
N LEU A 23 46.32 56.35 30.67
CA LEU A 23 46.15 55.05 30.02
C LEU A 23 47.34 54.74 29.11
N ASP A 24 47.74 53.47 29.10
CA ASP A 24 48.83 52.99 28.24
C ASP A 24 48.19 52.41 26.98
N ILE A 25 48.21 53.18 25.90
CA ILE A 25 47.58 52.74 24.66
C ILE A 25 48.30 51.52 24.10
N ASN A 26 49.63 51.50 24.18
CA ASN A 26 50.37 50.34 23.69
C ASN A 26 50.01 49.08 24.48
N LEU A 27 49.87 49.21 25.80
CA LEU A 27 49.49 48.07 26.61
C LEU A 27 48.10 47.58 26.25
N LEU A 28 47.16 48.50 26.02
CA LEU A 28 45.82 48.11 25.62
C LEU A 28 45.83 47.39 24.27
N ASP A 29 46.61 47.91 23.32
CA ASP A 29 46.73 47.25 22.02
C ASP A 29 47.29 45.84 22.17
N ASN A 30 48.32 45.69 23.00
CA ASN A 30 48.90 44.37 23.22
C ASN A 30 47.88 43.43 23.87
N VAL A 31 47.11 43.93 24.82
CA VAL A 31 46.11 43.09 25.49
C VAL A 31 45.06 42.63 24.50
N VAL A 32 44.57 43.54 23.66
CA VAL A 32 43.53 43.18 22.71
C VAL A 32 44.08 42.22 21.65
N ASN A 33 45.33 42.42 21.22
CA ASN A 33 45.95 41.49 20.28
C ASN A 33 46.09 40.10 20.90
N CYS A 34 46.45 40.04 22.19
CA CYS A 34 46.50 38.76 22.87
C CYS A 34 45.13 38.11 22.94
N LEU A 35 44.10 38.91 23.23
CA LEU A 35 42.74 38.36 23.29
C LEU A 35 42.35 37.75 21.94
N TYR A 36 42.59 38.47 20.86
CA TYR A 36 42.15 38.02 19.54
C TYR A 36 43.09 37.01 18.90
N HIS A 37 44.30 36.82 19.44
CA HIS A 37 45.24 35.86 18.87
C HIS A 37 46.00 35.09 19.95
N GLY A 38 45.47 35.03 21.17
CA GLY A 38 46.17 34.37 22.26
C GLY A 38 46.03 32.87 22.22
N GLU A 39 46.67 32.23 23.20
CA GLU A 39 46.65 30.77 23.31
C GLU A 39 46.87 30.40 24.77
N GLY A 40 45.79 29.99 25.45
CA GLY A 40 45.89 29.58 26.84
C GLY A 40 45.20 30.53 27.80
N ALA A 41 45.72 30.62 29.03
CA ALA A 41 45.10 31.47 30.03
C ALA A 41 45.26 32.95 29.72
N GLN A 42 46.19 33.31 28.84
CA GLN A 42 46.40 34.73 28.52
C GLN A 42 45.15 35.33 27.87
N GLN A 43 44.50 34.59 26.99
CA GLN A 43 43.29 35.10 26.34
C GLN A 43 42.17 35.31 27.35
N ARG A 44 41.98 34.37 28.27
CA ARG A 44 40.96 34.53 29.29
C ARG A 44 41.28 35.72 30.19
N MET A 45 42.56 35.89 30.56
CA MET A 45 42.93 37.02 31.38
C MET A 45 42.67 38.34 30.66
N ALA A 46 42.97 38.40 29.36
CA ALA A 46 42.69 39.59 28.59
C ALA A 46 41.19 39.87 28.56
N GLN A 47 40.37 38.82 28.38
CA GLN A 47 38.93 38.99 28.40
C GLN A 47 38.48 39.59 29.73
N GLU A 48 38.96 39.03 30.83
CA GLU A 48 38.56 39.51 32.15
C GLU A 48 38.99 40.95 32.35
N VAL A 49 40.21 41.30 31.95
CA VAL A 49 40.71 42.65 32.13
C VAL A 49 39.89 43.64 31.32
N LEU A 50 39.59 43.29 30.06
CA LEU A 50 38.79 44.19 29.22
C LEU A 50 37.39 44.35 29.78
N THR A 51 36.77 43.26 30.25
CA THR A 51 35.44 43.36 30.82
C THR A 51 35.45 44.24 32.07
N HIS A 52 36.44 44.07 32.94
CA HIS A 52 36.52 44.90 34.14
C HIS A 52 36.73 46.36 33.77
N LEU A 53 37.58 46.64 32.79
CA LEU A 53 37.81 48.02 32.37
C LEU A 53 36.54 48.64 31.80
N LYS A 54 35.79 47.88 31.01
CA LYS A 54 34.53 48.38 30.47
C LYS A 54 33.52 48.63 31.59
N GLU A 55 33.51 47.77 32.60
CA GLU A 55 32.54 47.91 33.68
C GLU A 55 32.73 49.22 34.45
N HIS A 56 33.96 49.67 34.61
CA HIS A 56 34.21 50.83 35.45
C HIS A 56 33.45 52.05 34.93
N PRO A 57 32.81 52.83 35.80
CA PRO A 57 31.99 53.95 35.31
C PRO A 57 32.79 55.04 34.62
N ASP A 58 34.10 55.11 34.82
CA ASP A 58 34.92 56.18 34.28
C ASP A 58 35.76 55.72 33.08
N ALA A 59 35.40 54.59 32.48
CA ALA A 59 36.16 54.10 31.33
C ALA A 59 36.08 55.08 30.15
N TRP A 60 34.89 55.62 29.91
CA TRP A 60 34.71 56.49 28.75
C TRP A 60 35.59 57.74 28.81
N THR A 61 36.03 58.14 30.00
CA THR A 61 36.92 59.28 30.10
C THR A 61 38.21 59.07 29.32
N ARG A 62 38.57 57.81 29.06
CA ARG A 62 39.73 57.49 28.25
C ARG A 62 39.39 57.16 26.81
N VAL A 63 38.11 56.93 26.50
CA VAL A 63 37.74 56.45 25.17
C VAL A 63 38.27 57.39 24.09
N ASP A 64 38.01 58.69 24.26
CA ASP A 64 38.54 59.66 23.29
C ASP A 64 40.03 59.47 23.09
N THR A 65 40.78 59.40 24.19
CA THR A 65 42.22 59.18 24.09
C THR A 65 42.53 57.96 23.26
N ILE A 66 41.81 56.86 23.48
CA ILE A 66 42.01 55.66 22.68
C ILE A 66 41.82 55.98 21.21
N LEU A 67 40.69 56.63 20.88
CA LEU A 67 40.41 56.98 19.50
C LEU A 67 41.39 58.01 18.95
N GLU A 68 42.17 58.65 19.82
CA GLU A 68 43.21 59.58 19.39
C GLU A 68 44.56 58.90 19.19
N PHE A 69 44.75 57.70 19.74
CA PHE A 69 46.05 57.05 19.70
C PHE A 69 46.02 55.59 19.29
N SER A 70 44.85 54.95 19.27
CA SER A 70 44.79 53.54 18.93
C SER A 70 45.17 53.32 17.47
N GLN A 71 45.84 52.20 17.21
CA GLN A 71 46.19 51.78 15.85
C GLN A 71 45.43 50.55 15.40
N ASN A 72 45.20 49.59 16.29
CA ASN A 72 44.44 48.39 15.93
C ASN A 72 42.95 48.68 16.00
N MET A 73 42.22 48.23 14.97
CA MET A 73 40.78 48.44 14.92
C MET A 73 40.05 47.76 16.07
N ASN A 74 40.63 46.70 16.64
CA ASN A 74 40.00 46.03 17.77
C ASN A 74 39.89 46.95 18.98
N THR A 75 40.96 47.70 19.27
CA THR A 75 40.92 48.63 20.40
C THR A 75 39.93 49.76 20.13
N LYS A 76 39.84 50.23 18.89
CA LYS A 76 38.86 51.24 18.55
C LYS A 76 37.45 50.71 18.76
N TYR A 77 37.21 49.46 18.38
CA TYR A 77 35.90 48.85 18.63
C TYR A 77 35.62 48.74 20.12
N TYR A 78 36.62 48.39 20.92
CA TYR A 78 36.43 48.32 22.36
C TYR A 78 36.05 49.69 22.93
N GLY A 79 36.76 50.74 22.50
CA GLY A 79 36.42 52.08 22.95
C GLY A 79 35.03 52.50 22.54
N LEU A 80 34.64 52.15 21.30
CA LEU A 80 33.29 52.45 20.85
C LEU A 80 32.25 51.69 21.66
N GLN A 81 32.57 50.46 22.08
CA GLN A 81 31.67 49.71 22.94
C GLN A 81 31.49 50.42 24.28
N ILE A 82 32.59 50.90 24.86
CA ILE A 82 32.48 51.65 26.11
C ILE A 82 31.62 52.89 25.91
N LEU A 83 31.85 53.61 24.81
CA LEU A 83 31.08 54.82 24.54
C LEU A 83 29.59 54.50 24.38
N GLU A 84 29.27 53.43 23.66
CA GLU A 84 27.87 53.05 23.47
C GLU A 84 27.23 52.66 24.78
N ASN A 85 27.95 51.94 25.64
CA ASN A 85 27.41 51.61 26.95
C ASN A 85 27.10 52.87 27.74
N VAL A 86 28.01 53.85 27.72
CA VAL A 86 27.78 55.10 28.43
C VAL A 86 26.55 55.80 27.87
N ILE A 87 26.43 55.86 26.54
CA ILE A 87 25.28 56.54 25.94
C ILE A 87 23.99 55.86 26.34
N LYS A 88 23.97 54.52 26.31
CA LYS A 88 22.74 53.79 26.63
C LYS A 88 22.36 53.97 28.09
N THR A 89 23.32 53.97 28.99
CA THR A 89 23.02 53.97 30.42
C THR A 89 22.92 55.38 31.01
N ARG A 90 24.00 56.15 30.95
CA ARG A 90 24.14 57.37 31.73
C ARG A 90 24.00 58.65 30.90
N TRP A 91 23.43 58.56 29.70
CA TRP A 91 23.29 59.75 28.87
C TRP A 91 22.39 60.79 29.51
N LYS A 92 21.45 60.35 30.35
CA LYS A 92 20.48 61.27 30.94
C LYS A 92 21.01 62.01 32.16
N ILE A 93 22.16 61.61 32.69
CA ILE A 93 22.76 62.28 33.84
C ILE A 93 24.00 63.08 33.49
N LEU A 94 24.53 62.94 32.28
CA LEU A 94 25.68 63.73 31.88
C LEU A 94 25.27 65.19 31.66
N PRO A 95 26.20 66.13 31.80
CA PRO A 95 25.88 67.52 31.49
C PRO A 95 25.57 67.68 30.01
N ARG A 96 24.68 68.64 29.71
CA ARG A 96 24.32 68.88 28.32
C ARG A 96 25.53 69.21 27.47
N ASN A 97 26.53 69.87 28.05
CA ASN A 97 27.76 70.16 27.32
C ASN A 97 28.47 68.88 26.91
N GLN A 98 28.54 67.91 27.82
CA GLN A 98 29.18 66.64 27.48
C GLN A 98 28.37 65.89 26.41
N CYS A 99 27.05 65.95 26.49
CA CYS A 99 26.22 65.32 25.47
C CYS A 99 26.44 65.95 24.10
N GLU A 100 26.52 67.28 24.05
CA GLU A 100 26.78 67.95 22.79
C GLU A 100 28.16 67.61 22.26
N GLY A 101 29.16 67.54 23.16
CA GLY A 101 30.49 67.16 22.72
C GLY A 101 30.54 65.75 22.15
N ILE A 102 29.83 64.82 22.78
CA ILE A 102 29.76 63.46 22.26
C ILE A 102 29.07 63.44 20.89
N LYS A 103 27.97 64.20 20.76
CA LYS A 103 27.30 64.31 19.47
C LYS A 103 28.26 64.79 18.39
N LYS A 104 28.97 65.88 18.67
CA LYS A 104 29.87 66.45 17.68
C LYS A 104 30.98 65.47 17.33
N TYR A 105 31.57 64.82 18.34
CA TYR A 105 32.64 63.86 18.07
C TYR A 105 32.14 62.71 17.21
N VAL A 106 30.97 62.16 17.54
CA VAL A 106 30.45 61.02 16.79
C VAL A 106 30.15 61.41 15.34
N VAL A 107 29.48 62.54 15.16
CA VAL A 107 29.13 62.97 13.80
C VAL A 107 30.38 63.25 12.99
N GLY A 108 31.36 63.93 13.58
CA GLY A 108 32.59 64.22 12.87
C GLY A 108 33.35 62.96 12.49
N LEU A 109 33.43 62.00 13.42
CA LEU A 109 34.11 60.75 13.11
C LEU A 109 33.40 60.00 11.99
N ILE A 110 32.07 59.95 12.04
CA ILE A 110 31.31 59.28 10.99
C ILE A 110 31.61 59.92 9.64
N ILE A 111 31.53 61.25 9.58
CA ILE A 111 31.74 61.94 8.31
C ILE A 111 33.16 61.70 7.81
N LYS A 112 34.15 61.83 8.69
CA LYS A 112 35.54 61.68 8.27
C LYS A 112 35.80 60.27 7.76
N THR A 113 35.29 59.25 8.47
CA THR A 113 35.58 57.88 8.07
C THR A 113 34.84 57.50 6.80
N SER A 114 33.60 58.00 6.63
CA SER A 114 32.85 57.70 5.42
C SER A 114 33.36 58.47 4.21
N SER A 115 34.03 59.60 4.43
CA SER A 115 34.51 60.40 3.30
C SER A 115 35.58 59.64 2.51
N ASP A 116 36.47 58.94 3.20
CA ASP A 116 37.58 58.28 2.53
C ASP A 116 37.15 56.92 2.01
N PRO A 117 37.14 56.68 0.69
CA PRO A 117 36.77 55.34 0.21
C PRO A 117 37.70 54.24 0.72
N THR A 118 39.00 54.53 0.82
CA THR A 118 39.95 53.51 1.27
C THR A 118 39.67 53.10 2.71
N CYS A 119 39.40 54.07 3.58
CA CYS A 119 39.07 53.75 4.97
C CYS A 119 37.77 52.96 5.05
N VAL A 120 36.78 53.32 4.23
CA VAL A 120 35.53 52.57 4.21
C VAL A 120 35.77 51.13 3.81
N GLU A 121 36.57 50.92 2.76
CA GLU A 121 36.86 49.56 2.33
C GLU A 121 37.62 48.78 3.41
N LYS A 122 38.60 49.42 4.04
CA LYS A 122 39.46 48.71 4.99
C LYS A 122 38.67 48.17 6.18
N GLU A 123 37.85 49.03 6.79
CA GLU A 123 37.15 48.70 8.04
C GLU A 123 35.68 49.06 7.89
N LYS A 124 34.83 48.04 7.80
CA LYS A 124 33.39 48.24 7.79
C LYS A 124 32.77 48.03 9.16
N VAL A 125 33.42 47.23 10.03
CA VAL A 125 32.92 47.04 11.38
C VAL A 125 32.98 48.35 12.17
N TYR A 126 34.06 49.11 11.98
CA TYR A 126 34.16 50.42 12.62
C TYR A 126 33.02 51.33 12.19
N ILE A 127 32.74 51.37 10.89
CA ILE A 127 31.66 52.23 10.39
C ILE A 127 30.33 51.78 10.95
N GLY A 128 30.08 50.46 10.99
CA GLY A 128 28.83 49.98 11.54
C GLY A 128 28.68 50.32 13.01
N LYS A 129 29.75 50.17 13.78
CA LYS A 129 29.68 50.52 15.20
C LYS A 129 29.42 51.99 15.39
N LEU A 130 30.07 52.85 14.60
CA LEU A 130 29.83 54.28 14.71
C LEU A 130 28.39 54.63 14.35
N ASN A 131 27.86 54.01 13.30
CA ASN A 131 26.47 54.25 12.94
C ASN A 131 25.52 53.81 14.04
N MET A 132 25.83 52.68 14.69
CA MET A 132 24.98 52.21 15.78
C MET A 132 25.05 53.16 16.98
N ILE A 133 26.23 53.70 17.27
CA ILE A 133 26.35 54.68 18.34
C ILE A 133 25.52 55.92 18.00
N LEU A 134 25.57 56.36 16.75
CA LEU A 134 24.74 57.48 16.33
C LEU A 134 23.27 57.17 16.51
N VAL A 135 22.85 55.96 16.18
CA VAL A 135 21.44 55.59 16.32
C VAL A 135 21.04 55.56 17.79
N GLN A 136 21.95 55.11 18.66
CA GLN A 136 21.68 55.16 20.10
C GLN A 136 21.49 56.61 20.57
N ILE A 137 22.35 57.52 20.10
CA ILE A 137 22.19 58.93 20.44
C ILE A 137 20.86 59.45 19.94
N LEU A 138 20.47 59.06 18.72
CA LEU A 138 19.18 59.48 18.18
C LEU A 138 18.03 58.99 19.04
N LYS A 139 18.09 57.74 19.48
CA LYS A 139 17.06 57.22 20.37
C LYS A 139 17.00 58.03 21.66
N GLN A 140 18.16 58.38 22.21
CA GLN A 140 18.19 59.15 23.45
C GLN A 140 17.59 60.54 23.26
N GLU A 141 17.94 61.23 22.17
CA GLU A 141 17.61 62.64 21.99
C GLU A 141 16.53 62.89 20.97
N TRP A 142 16.68 62.38 19.75
CA TRP A 142 15.79 62.75 18.66
C TRP A 142 14.36 62.34 18.99
N PRO A 143 13.35 63.16 18.62
CA PRO A 143 13.42 64.46 17.94
C PRO A 143 13.42 65.67 18.87
N LYS A 144 13.31 65.48 20.18
CA LYS A 144 13.16 66.63 21.08
C LYS A 144 14.39 67.53 21.05
N HIS A 145 15.58 66.93 21.09
CA HIS A 145 16.83 67.69 21.10
C HIS A 145 17.56 67.65 19.77
N TRP A 146 16.91 67.17 18.72
CA TRP A 146 17.51 67.12 17.39
C TRP A 146 16.40 67.20 16.34
N PRO A 147 15.55 68.23 16.39
CA PRO A 147 14.37 68.25 15.51
C PRO A 147 14.71 68.31 14.03
N THR A 148 15.93 68.71 13.66
CA THR A 148 16.33 68.89 12.27
C THR A 148 17.33 67.84 11.82
N PHE A 149 17.27 66.64 12.41
CA PHE A 149 18.19 65.58 11.99
C PHE A 149 17.80 65.01 10.64
N ILE A 150 16.51 64.74 10.43
CA ILE A 150 16.07 64.11 9.19
C ILE A 150 16.38 65.01 8.00
N SER A 151 16.02 66.29 8.10
CA SER A 151 16.28 67.21 7.00
C SER A 151 17.77 67.35 6.74
N ASP A 152 18.56 67.43 7.81
CA ASP A 152 20.00 67.59 7.64
C ASP A 152 20.60 66.38 6.92
N ILE A 153 20.22 65.18 7.32
CA ILE A 153 20.78 64.00 6.67
C ILE A 153 20.28 63.87 5.24
N VAL A 154 19.02 64.25 4.98
CA VAL A 154 18.51 64.22 3.61
C VAL A 154 19.30 65.16 2.72
N GLY A 155 19.55 66.38 3.21
CA GLY A 155 20.34 67.32 2.44
C GLY A 155 21.76 66.84 2.21
N ALA A 156 22.40 66.32 3.26
CA ALA A 156 23.77 65.83 3.12
C ALA A 156 23.84 64.68 2.13
N SER A 157 22.83 63.80 2.15
CA SER A 157 22.78 62.71 1.17
C SER A 157 22.59 63.26 -0.24
N ARG A 158 21.71 64.25 -0.41
CA ARG A 158 21.50 64.83 -1.73
C ARG A 158 22.76 65.49 -2.26
N THR A 159 23.61 66.02 -1.38
CA THR A 159 24.81 66.70 -1.82
C THR A 159 25.87 65.72 -2.32
N SER A 160 26.07 64.61 -1.62
CA SER A 160 27.14 63.68 -1.92
C SER A 160 26.61 62.25 -1.95
N GLU A 161 27.35 61.39 -2.66
CA GLU A 161 26.92 60.01 -2.88
C GLU A 161 27.40 59.07 -1.78
N SER A 162 28.67 59.16 -1.37
CA SER A 162 29.14 58.35 -0.25
C SER A 162 28.39 58.71 1.03
N LEU A 163 28.17 60.00 1.25
CA LEU A 163 27.36 60.43 2.39
C LEU A 163 25.94 59.91 2.26
N CYS A 164 25.41 59.85 1.04
CA CYS A 164 24.07 59.31 0.84
C CYS A 164 24.03 57.82 1.20
N GLN A 165 25.06 57.07 0.82
CA GLN A 165 25.10 55.65 1.16
C GLN A 165 25.17 55.46 2.66
N ASN A 166 26.02 56.23 3.34
CA ASN A 166 26.13 56.12 4.78
C ASN A 166 24.82 56.52 5.46
N ASN A 167 24.16 57.56 4.96
CA ASN A 167 22.89 57.97 5.54
C ASN A 167 21.80 56.92 5.31
N MET A 168 21.84 56.23 4.17
CA MET A 168 20.92 55.13 3.95
C MET A 168 21.15 54.01 4.97
N VAL A 169 22.41 53.68 5.22
CA VAL A 169 22.73 52.67 6.23
C VAL A 169 22.22 53.12 7.60
N ILE A 170 22.46 54.38 7.95
CA ILE A 170 22.04 54.91 9.25
C ILE A 170 20.53 54.86 9.38
N LEU A 171 19.81 55.23 8.32
CA LEU A 171 18.35 55.22 8.37
C LEU A 171 17.82 53.79 8.47
N LYS A 172 18.47 52.84 7.80
CA LYS A 172 18.09 51.45 7.94
C LYS A 172 18.25 50.98 9.38
N LEU A 173 19.40 51.33 10.00
CA LEU A 173 19.62 50.96 11.40
C LEU A 173 18.58 51.61 12.30
N LEU A 174 18.25 52.87 12.06
CA LEU A 174 17.26 53.56 12.88
C LEU A 174 15.90 52.89 12.77
N SER A 175 15.49 52.54 11.54
CA SER A 175 14.22 51.85 11.36
C SER A 175 14.23 50.51 12.07
N GLU A 176 15.33 49.77 11.97
CA GLU A 176 15.44 48.48 12.65
C GLU A 176 15.28 48.65 14.16
N GLU A 177 15.96 49.64 14.73
CA GLU A 177 15.94 49.81 16.18
C GLU A 177 14.64 50.43 16.68
N VAL A 178 13.87 51.09 15.82
CA VAL A 178 12.66 51.78 16.28
C VAL A 178 11.44 50.90 16.06
N PHE A 179 11.45 50.05 15.04
CA PHE A 179 10.27 49.28 14.67
C PHE A 179 10.44 47.77 14.81
N ASP A 180 11.65 47.24 14.65
CA ASP A 180 11.87 45.80 14.67
C ASP A 180 12.34 45.29 16.01
N PHE A 181 13.25 46.00 16.68
CA PHE A 181 13.86 45.55 17.93
C PHE A 181 13.57 46.50 19.08
N SER A 182 12.40 47.15 19.06
CA SER A 182 12.06 48.07 20.14
C SER A 182 11.67 47.32 21.41
N SER A 183 10.89 46.26 21.28
CA SER A 183 10.42 45.53 22.45
C SER A 183 11.58 44.97 23.24
N GLY A 184 11.55 45.14 24.56
CA GLY A 184 12.62 44.71 25.42
C GLY A 184 13.79 45.65 25.52
N GLN A 185 13.75 46.79 24.83
CA GLN A 185 14.79 47.80 24.93
C GLN A 185 14.25 49.21 25.11
N ILE A 186 12.97 49.45 24.82
CA ILE A 186 12.37 50.78 24.93
C ILE A 186 11.00 50.61 25.59
N THR A 187 10.66 51.52 26.48
CA THR A 187 9.34 51.47 27.11
C THR A 187 8.26 51.69 26.07
N GLN A 188 7.03 51.33 26.43
CA GLN A 188 5.92 51.43 25.49
C GLN A 188 5.70 52.87 25.05
N VAL A 189 5.72 53.81 26.00
CA VAL A 189 5.43 55.20 25.67
C VAL A 189 6.53 55.78 24.79
N LYS A 190 7.80 55.56 25.16
CA LYS A 190 8.89 56.08 24.35
C LYS A 190 8.96 55.40 23.00
N SER A 191 8.65 54.10 22.95
CA SER A 191 8.61 53.39 21.68
C SER A 191 7.54 53.99 20.77
N LYS A 192 6.35 54.24 21.31
CA LYS A 192 5.29 54.86 20.51
C LYS A 192 5.70 56.26 20.05
N HIS A 193 6.34 57.03 20.93
CA HIS A 193 6.79 58.36 20.54
C HIS A 193 7.79 58.30 19.40
N LEU A 194 8.77 57.39 19.50
CA LEU A 194 9.77 57.27 18.44
C LEU A 194 9.12 56.80 17.13
N LYS A 195 8.17 55.86 17.22
CA LYS A 195 7.49 55.41 16.01
C LYS A 195 6.71 56.53 15.35
N ASP A 196 5.99 57.33 16.15
CA ASP A 196 5.25 58.46 15.60
C ASP A 196 6.18 59.48 14.97
N SER A 197 7.31 59.76 15.63
CA SER A 197 8.27 60.70 15.06
C SER A 197 8.83 60.20 13.75
N MET A 198 9.18 58.90 13.69
CA MET A 198 9.72 58.34 12.46
C MET A 198 8.68 58.38 11.34
N CYS A 199 7.43 58.09 11.66
CA CYS A 199 6.39 58.08 10.63
C CYS A 199 6.02 59.49 10.18
N ASN A 200 6.16 60.48 11.06
CA ASN A 200 5.78 61.84 10.70
C ASN A 200 6.75 62.46 9.70
N GLU A 201 8.02 62.04 9.74
CA GLU A 201 9.05 62.61 8.87
C GLU A 201 9.48 61.63 7.78
N PHE A 202 8.65 60.63 7.47
CA PHE A 202 9.05 59.64 6.48
C PHE A 202 8.89 60.12 5.05
N SER A 203 8.11 61.19 4.81
CA SER A 203 7.94 61.67 3.44
C SER A 203 9.27 62.07 2.83
N GLN A 204 10.10 62.79 3.58
CA GLN A 204 11.39 63.21 3.06
C GLN A 204 12.28 62.02 2.75
N ILE A 205 12.29 61.02 3.64
CA ILE A 205 13.12 59.84 3.44
C ILE A 205 12.67 59.08 2.20
N PHE A 206 11.36 58.92 2.03
CA PHE A 206 10.83 58.22 0.86
C PHE A 206 11.16 58.98 -0.42
N GLN A 207 11.05 60.31 -0.38
CA GLN A 207 11.38 61.11 -1.55
C GLN A 207 12.86 60.95 -1.90
N LEU A 208 13.74 60.97 -0.91
CA LEU A 208 15.16 60.77 -1.17
C LEU A 208 15.42 59.39 -1.76
N CYS A 209 14.77 58.37 -1.21
CA CYS A 209 14.96 57.01 -1.73
C CYS A 209 14.49 56.92 -3.17
N GLN A 210 13.33 57.50 -3.49
CA GLN A 210 12.83 57.48 -4.85
C GLN A 210 13.79 58.21 -5.78
N PHE A 211 14.31 59.37 -5.35
CA PHE A 211 15.24 60.12 -6.18
C PHE A 211 16.48 59.28 -6.48
N VAL A 212 17.05 58.66 -5.45
CA VAL A 212 18.26 57.86 -5.64
C VAL A 212 17.98 56.69 -6.58
N MET A 213 16.85 56.00 -6.37
CA MET A 213 16.54 54.86 -7.21
C MET A 213 16.36 55.27 -8.67
N GLU A 214 15.67 56.39 -8.89
CA GLU A 214 15.33 56.79 -10.25
C GLU A 214 16.50 57.40 -11.00
N ASN A 215 17.40 58.11 -10.30
CA ASN A 215 18.45 58.88 -10.95
C ASN A 215 19.85 58.31 -10.76
N SER A 216 20.19 57.84 -9.57
CA SER A 216 21.57 57.46 -9.29
C SER A 216 22.01 56.31 -10.19
N GLN A 217 23.26 56.39 -10.63
CA GLN A 217 23.90 55.31 -11.40
C GLN A 217 25.03 54.65 -10.62
N ASN A 218 25.12 54.91 -9.32
CA ASN A 218 26.15 54.31 -8.46
C ASN A 218 25.60 53.02 -7.88
N ALA A 219 26.14 51.89 -8.33
CA ALA A 219 25.58 50.59 -7.97
C ALA A 219 25.60 50.34 -6.47
N PRO A 220 26.70 50.58 -5.74
CA PRO A 220 26.66 50.38 -4.28
C PRO A 220 25.60 51.23 -3.61
N LEU A 221 25.45 52.48 -4.05
CA LEU A 221 24.45 53.36 -3.44
C LEU A 221 23.04 52.84 -3.70
N VAL A 222 22.78 52.36 -4.92
CA VAL A 222 21.46 51.82 -5.23
C VAL A 222 21.20 50.56 -4.40
N HIS A 223 22.22 49.72 -4.23
CA HIS A 223 22.06 48.51 -3.43
C HIS A 223 21.74 48.87 -1.98
N ALA A 224 22.46 49.84 -1.41
CA ALA A 224 22.19 50.26 -0.04
C ALA A 224 20.79 50.84 0.09
N THR A 225 20.37 51.63 -0.90
CA THR A 225 19.02 52.19 -0.87
C THR A 225 17.97 51.09 -0.94
N LEU A 226 18.21 50.07 -1.75
CA LEU A 226 17.28 48.96 -1.84
C LEU A 226 17.18 48.20 -0.53
N GLU A 227 18.32 48.00 0.13
CA GLU A 227 18.29 47.35 1.45
C GLU A 227 17.52 48.17 2.46
N THR A 228 17.75 49.49 2.46
CA THR A 228 17.02 50.37 3.36
C THR A 228 15.52 50.33 3.08
N LEU A 229 15.14 50.32 1.80
CA LEU A 229 13.73 50.21 1.45
C LEU A 229 13.13 48.89 1.89
N LEU A 230 13.88 47.80 1.74
CA LEU A 230 13.42 46.51 2.22
C LEU A 230 13.13 46.56 3.71
N ARG A 231 14.03 47.20 4.48
CA ARG A 231 13.80 47.34 5.90
C ARG A 231 12.59 48.22 6.19
N PHE A 232 12.43 49.33 5.46
CA PHE A 232 11.33 50.25 5.68
C PHE A 232 9.98 49.61 5.38
N LEU A 233 9.93 48.67 4.42
CA LEU A 233 8.65 48.13 3.99
C LEU A 233 7.90 47.43 5.12
N ASN A 234 8.61 47.06 6.20
CA ASN A 234 7.95 46.34 7.29
C ASN A 234 6.87 47.17 7.96
N TRP A 235 7.01 48.49 7.97
CA TRP A 235 6.16 49.34 8.81
C TRP A 235 5.53 50.53 8.10
N ILE A 236 6.03 50.96 6.95
CA ILE A 236 5.61 52.23 6.37
C ILE A 236 4.15 52.15 5.95
N PRO A 237 3.42 53.27 5.91
CA PRO A 237 2.02 53.23 5.48
C PRO A 237 1.89 52.66 4.07
N LEU A 238 0.78 51.98 3.83
CA LEU A 238 0.57 51.31 2.54
C LEU A 238 0.57 52.30 1.38
N GLY A 239 0.20 53.56 1.65
CA GLY A 239 0.13 54.53 0.57
C GLY A 239 1.46 54.71 -0.15
N TYR A 240 2.56 54.63 0.60
CA TYR A 240 3.88 54.79 0.01
C TYR A 240 4.28 53.61 -0.86
N ILE A 241 3.51 52.52 -0.84
CA ILE A 241 3.81 51.31 -1.60
C ILE A 241 2.85 51.12 -2.77
N PHE A 242 1.55 51.26 -2.52
CA PHE A 242 0.52 50.94 -3.50
C PHE A 242 -0.09 52.18 -4.14
N GLU A 243 0.53 53.35 -4.00
CA GLU A 243 0.06 54.56 -4.66
C GLU A 243 1.21 55.36 -5.25
N THR A 244 2.31 54.69 -5.59
CA THR A 244 3.50 55.32 -6.13
C THR A 244 4.06 54.41 -7.21
N LYS A 245 5.23 54.79 -7.75
CA LYS A 245 5.92 54.02 -8.76
C LYS A 245 6.88 53.00 -8.16
N LEU A 246 6.70 52.65 -6.89
CA LEU A 246 7.65 51.76 -6.24
C LEU A 246 7.66 50.37 -6.86
N ILE A 247 6.49 49.76 -7.00
CA ILE A 247 6.43 48.39 -7.52
C ILE A 247 6.93 48.36 -8.96
N SER A 248 6.46 49.30 -9.79
CA SER A 248 6.90 49.33 -11.17
C SER A 248 8.40 49.58 -11.26
N THR A 249 8.92 50.50 -10.45
CA THR A 249 10.35 50.77 -10.47
C THR A 249 11.15 49.54 -10.10
N LEU A 250 10.73 48.82 -9.05
CA LEU A 250 11.43 47.62 -8.65
C LEU A 250 11.39 46.55 -9.74
N ILE A 251 10.22 46.35 -10.35
CA ILE A 251 10.07 45.27 -11.32
C ILE A 251 10.83 45.58 -12.60
N TYR A 252 10.80 46.84 -13.04
CA TYR A 252 11.39 47.21 -14.33
C TYR A 252 12.88 47.49 -14.24
N LYS A 253 13.31 48.30 -13.27
CA LYS A 253 14.66 48.82 -13.25
C LYS A 253 15.64 47.97 -12.46
N PHE A 254 15.16 47.16 -11.51
CA PHE A 254 16.04 46.42 -10.62
C PHE A 254 15.83 44.92 -10.63
N LEU A 255 14.60 44.44 -10.83
CA LEU A 255 14.36 43.01 -10.74
C LEU A 255 15.19 42.24 -11.75
N ASN A 256 15.26 42.73 -12.99
CA ASN A 256 16.01 42.04 -14.03
C ASN A 256 17.52 42.23 -13.91
N VAL A 257 17.98 43.24 -13.18
CA VAL A 257 19.42 43.49 -13.08
C VAL A 257 20.06 42.37 -12.26
N PRO A 258 21.14 41.76 -12.73
CA PRO A 258 21.73 40.63 -11.97
C PRO A 258 22.09 40.97 -10.54
N MET A 259 22.60 42.18 -10.28
CA MET A 259 23.08 42.53 -8.96
C MET A 259 22.01 43.14 -8.06
N PHE A 260 20.81 43.39 -8.59
CA PHE A 260 19.70 43.88 -7.78
C PHE A 260 18.53 42.89 -7.74
N ARG A 261 18.65 41.74 -8.41
CA ARG A 261 17.52 40.82 -8.48
C ARG A 261 17.14 40.29 -7.10
N ASN A 262 18.13 39.95 -6.27
CA ASN A 262 17.85 39.34 -4.98
C ASN A 262 17.14 40.31 -4.06
N VAL A 263 17.69 41.51 -3.89
CA VAL A 263 17.11 42.47 -2.95
C VAL A 263 15.76 42.97 -3.46
N SER A 264 15.65 43.22 -4.77
CA SER A 264 14.38 43.65 -5.32
C SER A 264 13.32 42.57 -5.19
N LEU A 265 13.71 41.31 -5.40
CA LEU A 265 12.77 40.21 -5.22
C LEU A 265 12.33 40.09 -3.77
N LYS A 266 13.24 40.30 -2.82
CA LYS A 266 12.87 40.32 -1.42
C LYS A 266 11.87 41.44 -1.13
N CYS A 267 12.11 42.63 -1.69
CA CYS A 267 11.17 43.73 -1.52
C CYS A 267 9.80 43.39 -2.09
N LEU A 268 9.79 42.76 -3.27
CA LEU A 268 8.52 42.37 -3.89
C LEU A 268 7.81 41.32 -3.04
N THR A 269 8.56 40.40 -2.44
CA THR A 269 7.96 39.41 -1.55
C THR A 269 7.34 40.08 -0.33
N GLU A 270 8.05 41.06 0.25
CA GLU A 270 7.48 41.78 1.39
C GLU A 270 6.21 42.51 1.00
N ILE A 271 6.20 43.11 -0.20
CA ILE A 271 5.00 43.80 -0.67
C ILE A 271 3.87 42.80 -0.88
N ALA A 272 4.17 41.63 -1.44
CA ALA A 272 3.16 40.63 -1.72
C ALA A 272 2.56 40.06 -0.43
N GLY A 273 3.38 39.92 0.61
CA GLY A 273 2.87 39.42 1.89
C GLY A 273 1.77 40.28 2.47
N VAL A 274 1.69 41.56 2.09
CA VAL A 274 0.62 42.42 2.56
C VAL A 274 -0.71 41.88 2.07
N SER A 275 -1.76 42.07 2.89
CA SER A 275 -3.09 41.57 2.60
C SER A 275 -4.10 42.67 2.89
N VAL A 276 -4.60 43.32 1.83
CA VAL A 276 -5.62 44.35 1.94
C VAL A 276 -6.68 44.09 0.88
N SER A 277 -7.87 44.66 1.12
CA SER A 277 -9.02 44.46 0.25
C SER A 277 -9.36 45.71 -0.55
N GLN A 278 -8.37 46.57 -0.81
CA GLN A 278 -8.62 47.77 -1.60
C GLN A 278 -7.49 48.08 -2.58
N TYR A 279 -6.51 47.20 -2.72
CA TYR A 279 -5.41 47.38 -3.67
C TYR A 279 -5.33 46.18 -4.60
N GLU A 280 -6.49 45.67 -5.03
CA GLU A 280 -6.51 44.50 -5.89
C GLU A 280 -5.78 44.76 -7.21
N GLU A 281 -6.01 45.92 -7.81
CA GLU A 281 -5.38 46.23 -9.09
C GLU A 281 -3.86 46.27 -8.95
N GLN A 282 -3.37 46.85 -7.85
CA GLN A 282 -1.93 46.92 -7.64
C GLN A 282 -1.33 45.54 -7.49
N PHE A 283 -2.00 44.64 -6.76
CA PHE A 283 -1.49 43.28 -6.60
C PHE A 283 -1.50 42.54 -7.93
N VAL A 284 -2.56 42.69 -8.71
CA VAL A 284 -2.62 42.04 -10.02
C VAL A 284 -1.50 42.56 -10.91
N THR A 285 -1.27 43.87 -10.91
CA THR A 285 -0.18 44.43 -11.71
C THR A 285 1.16 43.92 -11.24
N LEU A 286 1.36 43.85 -9.92
CA LEU A 286 2.61 43.30 -9.38
C LEU A 286 2.85 41.90 -9.89
N PHE A 287 1.83 41.03 -9.79
CA PHE A 287 1.98 39.65 -10.25
C PHE A 287 2.29 39.60 -11.73
N THR A 288 1.51 40.34 -12.54
CA THR A 288 1.68 40.27 -13.99
C THR A 288 3.07 40.74 -14.41
N LEU A 289 3.51 41.88 -13.88
CA LEU A 289 4.82 42.42 -14.29
C LEU A 289 5.95 41.54 -13.78
N THR A 290 5.84 41.01 -12.56
CA THR A 290 6.87 40.12 -12.06
C THR A 290 6.96 38.85 -12.90
N MET A 291 5.81 38.29 -13.29
CA MET A 291 5.83 37.10 -14.14
C MET A 291 6.45 37.42 -15.49
N MET A 292 6.11 38.58 -16.06
CA MET A 292 6.68 38.96 -17.36
C MET A 292 8.19 39.08 -17.25
N GLN A 293 8.69 39.70 -16.18
CA GLN A 293 10.13 39.81 -16.01
C GLN A 293 10.79 38.46 -15.80
N LEU A 294 10.16 37.60 -14.99
CA LEU A 294 10.74 36.30 -14.69
C LEU A 294 10.85 35.44 -15.95
N LYS A 295 9.82 35.48 -16.79
CA LYS A 295 9.88 34.71 -18.04
C LYS A 295 11.06 35.13 -18.89
N GLN A 296 11.51 36.38 -18.76
CA GLN A 296 12.66 36.84 -19.52
C GLN A 296 13.98 36.48 -18.84
N MET A 297 14.05 36.62 -17.52
CA MET A 297 15.30 36.31 -16.82
C MET A 297 15.39 34.86 -16.37
N LEU A 298 14.33 34.07 -16.52
CA LEU A 298 14.34 32.66 -16.13
C LEU A 298 13.38 31.90 -17.03
N PRO A 299 13.85 31.41 -18.17
CA PRO A 299 12.95 30.71 -19.10
C PRO A 299 12.32 29.48 -18.46
N LEU A 300 11.08 29.20 -18.86
CA LEU A 300 10.36 28.04 -18.35
C LEU A 300 10.98 26.73 -18.77
N ASN A 301 11.86 26.74 -19.77
CA ASN A 301 12.52 25.53 -20.24
C ASN A 301 13.82 25.25 -19.50
N THR A 302 14.17 26.07 -18.51
CA THR A 302 15.40 25.88 -17.77
C THR A 302 15.25 24.75 -16.76
N ASN A 303 16.35 24.03 -16.52
CA ASN A 303 16.40 22.99 -15.49
C ASN A 303 16.87 23.65 -14.20
N ILE A 304 15.90 24.08 -13.40
CA ILE A 304 16.23 24.81 -12.17
C ILE A 304 17.02 23.93 -11.22
N ARG A 305 16.78 22.62 -11.23
CA ARG A 305 17.54 21.73 -10.37
C ARG A 305 19.02 21.77 -10.72
N LEU A 306 19.35 21.62 -12.00
CA LEU A 306 20.75 21.67 -12.41
C LEU A 306 21.34 23.06 -12.21
N ALA A 307 20.55 24.11 -12.48
CA ALA A 307 21.03 25.46 -12.27
C ALA A 307 21.41 25.68 -10.82
N TYR A 308 20.55 25.24 -9.90
CA TYR A 308 20.86 25.34 -8.48
C TYR A 308 22.09 24.51 -8.13
N SER A 309 22.17 23.29 -8.65
CA SER A 309 23.28 22.42 -8.30
C SER A 309 24.62 23.02 -8.71
N ASN A 310 24.69 23.56 -9.93
CA ASN A 310 25.90 24.22 -10.41
C ASN A 310 25.88 25.73 -10.19
N GLY A 311 24.81 26.28 -9.64
CA GLY A 311 24.73 27.71 -9.46
C GLY A 311 25.62 28.20 -8.35
N LYS A 312 25.91 29.50 -8.38
CA LYS A 312 26.69 30.14 -7.33
C LYS A 312 25.77 30.55 -6.20
N ASP A 313 26.33 31.21 -5.18
CA ASP A 313 25.55 31.60 -4.03
C ASP A 313 24.44 32.56 -4.42
N ASP A 314 24.72 33.51 -5.31
CA ASP A 314 23.70 34.44 -5.76
C ASP A 314 22.58 33.72 -6.49
N GLU A 315 22.93 32.76 -7.35
CA GLU A 315 21.91 32.02 -8.10
C GLU A 315 21.03 31.19 -7.16
N GLN A 316 21.64 30.49 -6.21
CA GLN A 316 20.87 29.69 -5.27
C GLN A 316 19.97 30.58 -4.41
N ASN A 317 20.50 31.70 -3.94
CA ASN A 317 19.68 32.63 -3.16
C ASN A 317 18.53 33.16 -4.00
N PHE A 318 18.78 33.43 -5.28
CA PHE A 318 17.71 33.92 -6.14
C PHE A 318 16.63 32.86 -6.32
N ILE A 319 17.02 31.60 -6.50
CA ILE A 319 16.03 30.54 -6.64
C ILE A 319 15.20 30.41 -5.37
N GLN A 320 15.85 30.47 -4.21
CA GLN A 320 15.13 30.39 -2.95
C GLN A 320 14.17 31.58 -2.79
N ASN A 321 14.63 32.78 -3.13
CA ASN A 321 13.76 33.96 -3.01
C ASN A 321 12.61 33.89 -3.99
N LEU A 322 12.84 33.34 -5.18
CA LEU A 322 11.76 33.17 -6.15
C LEU A 322 10.71 32.20 -5.62
N SER A 323 11.15 31.09 -5.03
CA SER A 323 10.20 30.17 -4.42
C SER A 323 9.42 30.85 -3.30
N LEU A 324 10.11 31.64 -2.48
CA LEU A 324 9.45 32.36 -1.39
C LEU A 324 8.40 33.34 -1.93
N PHE A 325 8.77 34.09 -2.96
CA PHE A 325 7.85 35.08 -3.53
C PHE A 325 6.63 34.40 -4.12
N LEU A 326 6.86 33.33 -4.89
CA LEU A 326 5.74 32.63 -5.51
C LEU A 326 4.81 32.06 -4.46
N CYS A 327 5.38 31.39 -3.45
CA CYS A 327 4.55 30.82 -2.39
C CYS A 327 3.76 31.90 -1.66
N THR A 328 4.42 32.99 -1.30
CA THR A 328 3.73 34.06 -0.57
C THR A 328 2.58 34.63 -1.39
N PHE A 329 2.87 35.07 -2.62
CA PHE A 329 1.83 35.72 -3.40
C PHE A 329 0.71 34.75 -3.73
N LEU A 330 1.02 33.50 -4.05
CA LEU A 330 -0.04 32.56 -4.39
C LEU A 330 -0.92 32.31 -3.16
N LYS A 331 -0.32 31.96 -2.03
CA LYS A 331 -1.12 31.72 -0.83
C LYS A 331 -1.94 32.93 -0.45
N GLU A 332 -1.48 34.14 -0.81
CA GLU A 332 -2.23 35.33 -0.41
C GLU A 332 -3.36 35.66 -1.38
N HIS A 333 -3.09 35.65 -2.69
CA HIS A 333 -4.01 36.20 -3.68
C HIS A 333 -4.27 35.23 -4.83
N ASP A 334 -4.30 33.92 -4.55
CA ASP A 334 -4.67 32.96 -5.58
C ASP A 334 -6.08 33.21 -6.07
N GLN A 335 -7.01 33.47 -5.14
CA GLN A 335 -8.39 33.74 -5.55
C GLN A 335 -8.47 35.01 -6.39
N LEU A 336 -7.68 36.03 -6.03
CA LEU A 336 -7.68 37.26 -6.81
C LEU A 336 -7.20 37.02 -8.23
N ILE A 337 -6.11 36.24 -8.38
CA ILE A 337 -5.58 35.99 -9.71
C ILE A 337 -6.52 35.10 -10.51
N GLU A 338 -7.17 34.13 -9.86
CA GLU A 338 -8.04 33.20 -10.58
C GLU A 338 -9.22 33.92 -11.22
N LYS A 339 -9.74 34.96 -10.57
CA LYS A 339 -10.94 35.62 -11.05
C LYS A 339 -10.75 36.28 -12.41
N ARG A 340 -9.51 36.47 -12.84
CA ARG A 340 -9.21 37.13 -14.11
C ARG A 340 -8.92 36.05 -15.16
N LEU A 341 -9.83 35.91 -16.13
CA LEU A 341 -9.65 34.89 -17.16
C LEU A 341 -8.40 35.13 -17.98
N ASN A 342 -8.17 36.39 -18.39
CA ASN A 342 -7.04 36.68 -19.25
C ASN A 342 -5.70 36.34 -18.61
N LEU A 343 -5.65 36.24 -17.29
CA LEU A 343 -4.42 35.91 -16.58
C LEU A 343 -4.27 34.42 -16.32
N ARG A 344 -5.24 33.60 -16.72
CA ARG A 344 -5.19 32.17 -16.41
C ARG A 344 -3.87 31.56 -16.85
N GLU A 345 -3.49 31.77 -18.10
CA GLU A 345 -2.22 31.24 -18.60
C GLU A 345 -1.09 31.66 -17.67
N THR A 346 -1.02 32.95 -17.35
CA THR A 346 0.02 33.42 -16.45
C THR A 346 0.02 32.63 -15.16
N LEU A 347 -1.16 32.47 -14.55
CA LEU A 347 -1.26 31.69 -13.33
C LEU A 347 -0.64 30.31 -13.54
N MET A 348 -1.01 29.64 -14.63
CA MET A 348 -0.45 28.32 -14.89
C MET A 348 1.07 28.39 -14.97
N GLU A 349 1.59 29.41 -15.66
CA GLU A 349 3.03 29.58 -15.72
C GLU A 349 3.63 29.64 -14.33
N ALA A 350 3.01 30.44 -13.45
CA ALA A 350 3.47 30.50 -12.06
C ALA A 350 3.55 29.10 -11.47
N LEU A 351 2.47 28.33 -11.61
CA LEU A 351 2.47 26.97 -11.08
C LEU A 351 3.62 26.18 -11.68
N HIS A 352 3.82 26.30 -13.00
CA HIS A 352 4.94 25.61 -13.63
C HIS A 352 6.23 25.93 -12.91
N TYR A 353 6.48 27.21 -12.64
CA TYR A 353 7.70 27.60 -11.95
C TYR A 353 7.80 26.85 -10.62
N MET A 354 6.73 26.85 -9.84
CA MET A 354 6.74 26.13 -8.58
C MET A 354 7.20 24.70 -8.81
N LEU A 355 6.58 24.01 -9.76
CA LEU A 355 6.95 22.62 -10.02
C LEU A 355 8.43 22.52 -10.33
N LEU A 356 8.94 23.41 -11.17
CA LEU A 356 10.37 23.39 -11.48
C LEU A 356 11.19 23.51 -10.20
N VAL A 357 10.85 24.49 -9.37
CA VAL A 357 11.61 24.68 -8.14
C VAL A 357 11.44 23.48 -7.22
N SER A 358 10.30 22.77 -7.33
CA SER A 358 10.10 21.60 -6.49
C SER A 358 11.08 20.48 -6.82
N GLU A 359 11.74 20.55 -7.97
CA GLU A 359 12.72 19.52 -8.32
C GLU A 359 14.11 19.81 -7.78
N VAL A 360 14.30 20.95 -7.12
CA VAL A 360 15.61 21.29 -6.57
C VAL A 360 15.90 20.40 -5.37
N GLU A 361 17.13 19.88 -5.30
CA GLU A 361 17.55 19.03 -4.20
C GLU A 361 18.02 19.89 -3.02
N GLU A 362 17.06 20.63 -2.46
CA GLU A 362 17.30 21.47 -1.30
C GLU A 362 16.14 21.31 -0.34
N THR A 363 16.44 21.05 0.93
CA THR A 363 15.38 20.74 1.89
C THR A 363 14.50 21.94 2.18
N GLU A 364 15.10 23.13 2.35
CA GLU A 364 14.32 24.30 2.72
C GLU A 364 13.49 24.81 1.55
N ILE A 365 14.07 24.85 0.35
CA ILE A 365 13.30 25.26 -0.82
C ILE A 365 12.15 24.29 -1.06
N PHE A 366 12.42 22.99 -0.95
CA PHE A 366 11.36 22.01 -1.10
C PHE A 366 10.31 22.17 -0.01
N LYS A 367 10.72 22.55 1.20
CA LYS A 367 9.75 22.78 2.27
C LYS A 367 8.83 23.94 1.95
N ILE A 368 9.38 25.02 1.39
CA ILE A 368 8.55 26.16 0.99
C ILE A 368 7.57 25.74 -0.10
N CYS A 369 8.08 25.05 -1.12
CA CYS A 369 7.22 24.61 -2.22
C CYS A 369 6.14 23.66 -1.72
N LEU A 370 6.51 22.75 -0.82
CA LEU A 370 5.54 21.80 -0.27
C LEU A 370 4.52 22.51 0.62
N GLU A 371 4.93 23.59 1.29
CA GLU A 371 3.95 24.38 2.03
C GLU A 371 2.90 24.96 1.10
N TYR A 372 3.34 25.51 -0.04
CA TYR A 372 2.36 25.99 -1.02
C TYR A 372 1.48 24.86 -1.54
N TRP A 373 2.09 23.71 -1.86
CA TRP A 373 1.32 22.59 -2.40
C TRP A 373 0.30 22.10 -1.40
N ASN A 374 0.69 22.03 -0.13
CA ASN A 374 -0.25 21.62 0.92
C ASN A 374 -1.39 22.62 1.03
N HIS A 375 -1.09 23.92 0.97
CA HIS A 375 -2.15 24.92 1.02
C HIS A 375 -3.13 24.73 -0.14
N LEU A 376 -2.60 24.52 -1.34
CA LEU A 376 -3.46 24.38 -2.52
C LEU A 376 -4.32 23.12 -2.41
N ALA A 377 -3.70 22.00 -2.04
CA ALA A 377 -4.45 20.75 -1.91
C ALA A 377 -5.54 20.87 -0.85
N ALA A 378 -5.21 21.48 0.29
CA ALA A 378 -6.20 21.66 1.34
C ALA A 378 -7.36 22.53 0.87
N GLU A 379 -7.06 23.62 0.17
CA GLU A 379 -8.13 24.49 -0.32
C GLU A 379 -9.03 23.74 -1.30
N LEU A 380 -8.43 22.99 -2.23
CA LEU A 380 -9.23 22.26 -3.20
C LEU A 380 -10.08 21.19 -2.50
N TYR A 381 -9.51 20.50 -1.53
CA TYR A 381 -10.28 19.49 -0.80
C TYR A 381 -11.43 20.12 -0.04
N ARG A 382 -11.20 21.27 0.59
CA ARG A 382 -12.26 21.95 1.32
C ARG A 382 -13.36 22.42 0.39
N GLU A 383 -13.00 22.85 -0.82
CA GLU A 383 -14.01 23.27 -1.78
C GLU A 383 -15.01 22.14 -2.04
N SER A 384 -14.51 20.96 -2.38
CA SER A 384 -15.34 19.78 -2.53
C SER A 384 -14.49 18.53 -2.30
N PRO A 385 -14.73 17.77 -1.23
CA PRO A 385 -13.89 16.59 -0.98
C PRO A 385 -14.17 15.42 -1.92
N PHE A 386 -15.27 15.45 -2.66
CA PHE A 386 -15.65 14.31 -3.48
C PHE A 386 -14.68 14.13 -4.65
N SER A 387 -14.68 12.92 -5.19
CA SER A 387 -13.80 12.58 -6.30
C SER A 387 -14.42 13.08 -7.61
N THR A 388 -13.86 12.65 -8.74
CA THR A 388 -14.34 13.07 -10.05
C THR A 388 -15.83 12.78 -10.20
N PHE A 400 -21.35 14.79 -11.12
CA PHE A 400 -21.66 16.21 -11.02
C PHE A 400 -20.55 17.05 -11.64
N ASP A 401 -20.83 18.32 -11.87
CA ASP A 401 -19.85 19.22 -12.47
C ASP A 401 -18.65 19.40 -11.55
N VAL A 402 -17.47 19.49 -12.15
CA VAL A 402 -16.23 19.67 -11.36
C VAL A 402 -16.28 21.04 -10.69
N PRO A 403 -15.73 21.19 -9.49
CA PRO A 403 -15.74 22.50 -8.86
C PRO A 403 -14.94 23.49 -9.67
N PRO A 404 -15.28 24.79 -9.61
CA PRO A 404 -14.58 25.79 -10.43
C PRO A 404 -13.07 25.77 -10.24
N ARG A 405 -12.61 25.92 -9.00
CA ARG A 405 -11.17 25.99 -8.74
C ARG A 405 -10.48 24.69 -9.15
N ARG A 406 -11.10 23.55 -8.84
CA ARG A 406 -10.53 22.28 -9.27
C ARG A 406 -10.45 22.21 -10.78
N GLN A 407 -11.47 22.74 -11.47
CA GLN A 407 -11.42 22.78 -12.93
C GLN A 407 -10.25 23.62 -13.41
N LEU A 408 -9.98 24.75 -12.75
CA LEU A 408 -8.85 25.58 -13.13
C LEU A 408 -7.54 24.84 -12.94
N TYR A 409 -7.40 24.10 -11.84
CA TYR A 409 -6.12 23.50 -11.47
C TYR A 409 -5.93 22.08 -12.03
N LEU A 410 -6.94 21.49 -12.66
CA LEU A 410 -6.83 20.12 -13.13
C LEU A 410 -5.60 19.84 -13.99
N PRO A 411 -5.18 20.72 -14.90
CA PRO A 411 -4.07 20.36 -15.80
C PRO A 411 -2.77 20.01 -15.09
N MET A 412 -2.56 20.43 -13.84
CA MET A 412 -1.30 20.21 -13.16
C MET A 412 -1.42 19.44 -11.85
N LEU A 413 -2.64 19.05 -11.45
CA LEU A 413 -2.78 18.27 -10.23
C LEU A 413 -2.07 16.94 -10.35
N PHE A 414 -2.08 16.35 -11.55
CA PHE A 414 -1.34 15.10 -11.75
C PHE A 414 0.16 15.33 -11.65
N LYS A 415 0.65 16.49 -12.09
CA LYS A 415 2.06 16.81 -11.89
C LYS A 415 2.39 16.92 -10.40
N VAL A 416 1.50 17.53 -9.62
CA VAL A 416 1.72 17.61 -8.18
C VAL A 416 1.73 16.21 -7.57
N ARG A 417 0.81 15.34 -8.02
CA ARG A 417 0.79 13.96 -7.53
C ARG A 417 2.08 13.24 -7.86
N LEU A 418 2.58 13.40 -9.08
CA LEU A 418 3.84 12.77 -9.45
C LEU A 418 4.99 13.29 -8.59
N LEU A 419 5.01 14.60 -8.32
CA LEU A 419 6.04 15.14 -7.44
C LEU A 419 5.95 14.53 -6.06
N MET A 420 4.73 14.42 -5.50
CA MET A 420 4.58 13.86 -4.17
C MET A 420 5.04 12.41 -4.12
N VAL A 421 4.68 11.62 -5.13
CA VAL A 421 5.06 10.20 -5.12
C VAL A 421 6.56 10.03 -5.36
N SER A 422 7.17 10.91 -6.16
CA SER A 422 8.56 10.72 -6.56
C SER A 422 9.55 11.19 -5.51
N ARG A 423 9.11 11.97 -4.52
CA ARG A 423 10.01 12.55 -3.53
C ARG A 423 9.52 12.31 -2.12
N MET A 424 8.78 11.23 -1.90
CA MET A 424 8.26 10.93 -0.57
C MET A 424 9.40 10.81 0.44
N ALA A 425 9.19 11.39 1.60
CA ALA A 425 10.19 11.39 2.66
C ALA A 425 10.06 10.14 3.53
N LYS A 426 11.15 9.81 4.20
CA LYS A 426 11.17 8.61 5.04
C LYS A 426 10.11 8.73 6.13
N PRO A 427 9.25 7.72 6.31
CA PRO A 427 8.17 7.86 7.30
C PRO A 427 8.65 8.02 8.73
N GLU A 428 9.77 7.38 9.10
CA GLU A 428 10.20 7.34 10.48
C GLU A 428 11.71 7.50 10.56
N GLU A 429 12.17 8.02 11.69
CA GLU A 429 13.59 8.20 11.96
C GLU A 429 14.01 7.29 13.11
N VAL A 430 15.05 6.50 12.89
CA VAL A 430 15.56 5.56 13.87
C VAL A 430 16.98 5.97 14.23
N LEU A 431 17.25 6.06 15.53
CA LEU A 431 18.55 6.51 16.02
C LEU A 431 19.08 5.51 17.03
N VAL A 432 20.38 5.23 16.95
CA VAL A 432 21.07 4.36 17.89
C VAL A 432 21.74 5.24 18.93
N VAL A 433 21.32 5.13 20.18
CA VAL A 433 21.76 6.01 21.26
C VAL A 433 22.33 5.15 22.38
N GLU A 434 23.43 5.61 22.97
CA GLU A 434 24.00 4.98 24.15
C GLU A 434 23.39 5.60 25.40
N ASN A 435 22.86 4.75 26.27
CA ASN A 435 22.14 5.21 27.46
C ASN A 435 23.15 5.71 28.50
N ASP A 436 22.64 6.03 29.69
CA ASP A 436 23.53 6.46 30.78
C ASP A 436 24.47 5.33 31.20
N GLN A 437 23.95 4.11 31.24
CA GLN A 437 24.72 2.95 31.70
C GLN A 437 25.54 2.30 30.59
N GLY A 438 25.48 2.83 29.37
CA GLY A 438 26.18 2.24 28.25
C GLY A 438 25.36 1.31 27.39
N GLU A 439 24.05 1.25 27.60
CA GLU A 439 23.20 0.40 26.78
C GLU A 439 22.98 1.06 25.42
N VAL A 440 23.13 0.26 24.36
CA VAL A 440 22.88 0.72 23.00
C VAL A 440 21.41 0.43 22.68
N VAL A 441 20.65 1.47 22.38
CA VAL A 441 19.20 1.38 22.26
C VAL A 441 18.78 2.04 20.95
N ARG A 442 17.85 1.40 20.24
CA ARG A 442 17.23 1.99 19.07
C ARG A 442 16.00 2.77 19.50
N GLU A 443 15.90 4.02 19.05
CA GLU A 443 14.83 4.91 19.45
C GLU A 443 14.22 5.57 18.23
N PHE A 444 12.91 5.83 18.31
CA PHE A 444 12.17 6.49 17.26
C PHE A 444 11.94 7.95 17.63
N MET A 445 12.39 8.86 16.78
CA MET A 445 12.15 10.28 17.02
C MET A 445 10.67 10.60 16.78
N LYS A 446 10.12 11.47 17.63
CA LYS A 446 8.68 11.70 17.63
C LYS A 446 8.28 12.81 16.66
N ASP A 447 8.80 14.03 16.88
CA ASP A 447 8.39 15.21 16.10
C ASP A 447 9.64 16.01 15.77
N THR A 448 10.27 15.67 14.64
CA THR A 448 11.46 16.36 14.16
C THR A 448 11.13 17.04 12.83
N ASP A 449 12.14 17.71 12.26
CA ASP A 449 11.94 18.38 10.98
C ASP A 449 11.60 17.38 9.88
N SER A 450 12.34 16.26 9.82
CA SER A 450 12.12 15.28 8.76
C SER A 450 10.76 14.60 8.91
N ILE A 451 10.36 14.29 10.14
CA ILE A 451 9.05 13.68 10.35
C ILE A 451 7.95 14.66 9.96
N ASN A 452 8.13 15.94 10.26
CA ASN A 452 7.16 16.95 9.84
C ASN A 452 7.10 17.03 8.31
N LEU A 453 8.25 16.94 7.65
CA LEU A 453 8.27 16.95 6.19
C LEU A 453 7.47 15.77 5.65
N TYR A 454 7.70 14.58 6.20
CA TYR A 454 6.96 13.41 5.74
C TYR A 454 5.46 13.58 5.99
N LYS A 455 5.09 14.14 7.14
CA LYS A 455 3.69 14.33 7.46
C LYS A 455 3.03 15.30 6.48
N ASN A 456 3.71 16.39 6.15
CA ASN A 456 3.16 17.35 5.19
C ASN A 456 3.01 16.71 3.82
N MET A 457 4.02 15.97 3.37
CA MET A 457 3.93 15.30 2.07
C MET A 457 2.78 14.29 2.07
N ARG A 458 2.62 13.55 3.16
CA ARG A 458 1.55 12.56 3.25
C ARG A 458 0.19 13.24 3.22
N GLU A 459 0.03 14.36 3.92
CA GLU A 459 -1.24 15.07 3.89
C GLU A 459 -1.55 15.59 2.51
N THR A 460 -0.55 16.15 1.82
CA THR A 460 -0.76 16.63 0.46
C THR A 460 -1.17 15.51 -0.47
N LEU A 461 -0.47 14.37 -0.40
CA LEU A 461 -0.79 13.25 -1.28
C LEU A 461 -2.16 12.68 -0.96
N VAL A 462 -2.54 12.67 0.32
CA VAL A 462 -3.86 12.17 0.70
C VAL A 462 -4.94 13.08 0.16
N TYR A 463 -4.76 14.40 0.26
CA TYR A 463 -5.72 15.33 -0.33
C TYR A 463 -5.84 15.10 -1.83
N LEU A 464 -4.71 14.97 -2.52
CA LEU A 464 -4.74 14.78 -3.96
C LEU A 464 -5.42 13.47 -4.33
N THR A 465 -5.16 12.41 -3.58
CA THR A 465 -5.83 11.13 -3.83
C THR A 465 -7.32 11.25 -3.60
N HIS A 466 -7.74 11.96 -2.55
CA HIS A 466 -9.17 12.19 -2.34
C HIS A 466 -9.77 12.96 -3.50
N LEU A 467 -9.00 13.85 -4.14
CA LEU A 467 -9.51 14.55 -5.32
C LEU A 467 -9.81 13.57 -6.44
N ASP A 468 -8.92 12.61 -6.68
CA ASP A 468 -9.22 11.47 -7.55
C ASP A 468 -8.19 10.38 -7.28
N TYR A 469 -8.67 9.16 -7.06
N TYR A 469 -8.68 9.16 -7.07
CA TYR A 469 -7.78 8.05 -6.73
CA TYR A 469 -7.82 8.04 -6.74
C TYR A 469 -7.27 7.33 -7.96
C TYR A 469 -7.27 7.33 -7.96
N VAL A 470 -7.95 7.44 -9.11
CA VAL A 470 -7.51 6.77 -10.31
C VAL A 470 -6.14 7.29 -10.74
N ASP A 471 -5.95 8.60 -10.69
CA ASP A 471 -4.67 9.18 -11.11
C ASP A 471 -3.53 8.73 -10.18
N THR A 472 -3.76 8.75 -8.87
CA THR A 472 -2.73 8.29 -7.94
C THR A 472 -2.41 6.82 -8.16
N GLU A 473 -3.44 5.99 -8.33
CA GLU A 473 -3.21 4.57 -8.59
C GLU A 473 -2.44 4.37 -9.88
N ARG A 474 -2.77 5.13 -10.93
CA ARG A 474 -2.05 5.03 -12.19
C ARG A 474 -0.59 5.40 -12.03
N ILE A 475 -0.31 6.49 -11.30
CA ILE A 475 1.08 6.90 -11.09
C ILE A 475 1.85 5.83 -10.32
N MET A 476 1.23 5.28 -9.28
CA MET A 476 1.89 4.24 -8.49
C MET A 476 2.15 3.00 -9.34
N THR A 477 1.16 2.61 -10.16
CA THR A 477 1.32 1.44 -11.03
C THR A 477 2.44 1.66 -12.03
N GLU A 478 2.53 2.86 -12.61
CA GLU A 478 3.60 3.15 -13.55
C GLU A 478 4.96 3.09 -12.87
N LYS A 479 5.06 3.64 -11.66
CA LYS A 479 6.33 3.58 -10.94
C LYS A 479 6.71 2.12 -10.63
N LEU A 480 5.74 1.32 -10.22
CA LEU A 480 6.01 -0.08 -9.91
C LEU A 480 6.42 -0.84 -11.18
N HIS A 481 5.76 -0.56 -12.30
CA HIS A 481 6.14 -1.19 -13.56
C HIS A 481 7.57 -0.84 -13.92
N ASN A 482 7.93 0.43 -13.80
CA ASN A 482 9.30 0.84 -14.13
C ASN A 482 10.31 0.22 -13.17
N GLN A 483 9.91 -0.03 -11.92
CA GLN A 483 10.77 -0.78 -11.01
C GLN A 483 10.94 -2.22 -11.48
N VAL A 484 9.84 -2.84 -11.91
CA VAL A 484 9.88 -4.25 -12.31
C VAL A 484 10.76 -4.44 -13.55
N ASN A 485 10.55 -3.60 -14.56
CA ASN A 485 11.24 -3.79 -15.84
C ASN A 485 12.72 -3.41 -15.78
N GLY A 486 13.18 -2.79 -14.69
CA GLY A 486 14.57 -2.47 -14.51
C GLY A 486 15.00 -1.12 -15.02
N THR A 487 14.12 -0.38 -15.70
CA THR A 487 14.50 0.93 -16.20
C THR A 487 14.80 1.90 -15.06
N GLU A 488 13.96 1.90 -14.02
CA GLU A 488 14.11 2.76 -12.87
C GLU A 488 14.33 1.95 -11.60
N TRP A 489 15.09 0.86 -11.71
CA TRP A 489 15.30 -0.02 -10.57
C TRP A 489 16.43 0.51 -9.68
N SER A 490 16.13 0.66 -8.40
CA SER A 490 17.14 0.98 -7.39
C SER A 490 16.48 0.84 -6.03
N TRP A 491 17.31 0.62 -5.01
CA TRP A 491 16.79 0.49 -3.65
C TRP A 491 16.13 1.79 -3.21
N LYS A 492 16.74 2.94 -3.53
CA LYS A 492 16.18 4.22 -3.12
C LYS A 492 14.82 4.45 -3.77
N ASN A 493 14.70 4.18 -5.07
CA ASN A 493 13.44 4.40 -5.78
C ASN A 493 12.36 3.47 -5.25
N LEU A 494 12.71 2.20 -5.00
CA LEU A 494 11.73 1.27 -4.45
C LEU A 494 11.27 1.70 -3.06
N ASN A 495 12.21 2.13 -2.22
CA ASN A 495 11.84 2.61 -0.89
C ASN A 495 10.91 3.81 -0.98
N THR A 496 11.24 4.77 -1.85
CA THR A 496 10.39 5.95 -2.00
C THR A 496 9.00 5.57 -2.49
N LEU A 497 8.93 4.67 -3.47
CA LEU A 497 7.63 4.25 -4.00
C LEU A 497 6.80 3.56 -2.93
N CYS A 498 7.45 2.73 -2.11
CA CYS A 498 6.72 2.00 -1.08
C CYS A 498 6.27 2.94 0.04
N TRP A 499 7.09 3.93 0.38
CA TRP A 499 6.65 4.95 1.34
C TRP A 499 5.45 5.70 0.79
N ALA A 500 5.47 6.06 -0.49
CA ALA A 500 4.33 6.75 -1.09
C ALA A 500 3.09 5.88 -1.07
N ILE A 501 3.24 4.59 -1.36
CA ILE A 501 2.10 3.67 -1.33
C ILE A 501 1.53 3.57 0.07
N GLY A 502 2.40 3.44 1.07
CA GLY A 502 1.93 3.35 2.45
C GLY A 502 1.28 4.61 2.95
N SER A 503 1.76 5.78 2.50
CA SER A 503 1.26 7.04 3.04
C SER A 503 -0.22 7.25 2.74
N ILE A 504 -0.74 6.66 1.67
CA ILE A 504 -2.10 6.95 1.24
C ILE A 504 -3.09 5.95 1.83
N SER A 505 -2.64 5.19 2.83
CA SER A 505 -3.53 4.22 3.46
C SER A 505 -4.76 4.92 4.03
N GLY A 506 -5.93 4.38 3.71
CA GLY A 506 -7.18 4.93 4.17
C GLY A 506 -7.75 6.05 3.33
N ALA A 507 -7.04 6.47 2.29
CA ALA A 507 -7.51 7.55 1.44
C ALA A 507 -8.48 7.09 0.36
N MET A 508 -8.62 5.79 0.15
CA MET A 508 -9.51 5.24 -0.86
C MET A 508 -10.43 4.22 -0.23
N HIS A 509 -11.55 3.97 -0.91
CA HIS A 509 -12.55 3.04 -0.40
C HIS A 509 -11.93 1.67 -0.16
N GLU A 510 -12.64 0.85 0.60
CA GLU A 510 -12.11 -0.45 0.99
C GLU A 510 -11.93 -1.37 -0.22
N GLU A 511 -12.87 -1.35 -1.15
CA GLU A 511 -12.79 -2.24 -2.31
C GLU A 511 -11.66 -1.82 -3.25
N ASP A 512 -11.58 -0.52 -3.55
CA ASP A 512 -10.49 -0.04 -4.39
C ASP A 512 -9.15 -0.26 -3.71
N GLU A 513 -9.08 -0.01 -2.40
CA GLU A 513 -7.86 -0.27 -1.65
C GLU A 513 -7.47 -1.73 -1.75
N LYS A 514 -8.44 -2.64 -1.59
CA LYS A 514 -8.16 -4.06 -1.64
C LYS A 514 -7.60 -4.45 -3.00
N ARG A 515 -8.26 -4.02 -4.07
CA ARG A 515 -7.80 -4.37 -5.42
C ARG A 515 -6.40 -3.82 -5.68
N PHE A 516 -6.20 -2.54 -5.35
CA PHE A 516 -4.91 -1.91 -5.59
C PHE A 516 -3.80 -2.59 -4.81
N LEU A 517 -4.08 -2.93 -3.54
CA LEU A 517 -3.06 -3.55 -2.71
C LEU A 517 -2.76 -4.97 -3.17
N VAL A 518 -3.78 -5.70 -3.60
CA VAL A 518 -3.53 -7.05 -4.11
C VAL A 518 -2.63 -6.97 -5.34
N THR A 519 -2.93 -6.04 -6.25
CA THR A 519 -2.08 -5.87 -7.43
C THR A 519 -0.65 -5.50 -7.04
N VAL A 520 -0.51 -4.54 -6.12
CA VAL A 520 0.82 -4.07 -5.73
C VAL A 520 1.62 -5.21 -5.09
N ILE A 521 0.99 -5.98 -4.22
CA ILE A 521 1.69 -7.05 -3.54
C ILE A 521 2.07 -8.15 -4.52
N LYS A 522 1.19 -8.47 -5.46
CA LYS A 522 1.53 -9.45 -6.48
C LYS A 522 2.73 -9.00 -7.29
N ASP A 523 2.74 -7.74 -7.72
CA ASP A 523 3.85 -7.22 -8.51
C ASP A 523 5.14 -7.22 -7.70
N LEU A 524 5.07 -6.85 -6.42
CA LEU A 524 6.25 -6.83 -5.57
C LEU A 524 6.79 -8.25 -5.36
N LEU A 525 5.91 -9.22 -5.16
CA LEU A 525 6.35 -10.61 -5.01
C LEU A 525 7.01 -11.10 -6.28
N GLY A 526 6.44 -10.77 -7.45
CA GLY A 526 7.07 -11.13 -8.70
C GLY A 526 8.44 -10.50 -8.84
N LEU A 527 8.57 -9.23 -8.46
CA LEU A 527 9.86 -8.55 -8.51
C LEU A 527 10.88 -9.24 -7.60
N CYS A 528 10.45 -9.62 -6.39
CA CYS A 528 11.34 -10.33 -5.48
C CYS A 528 11.78 -11.66 -6.06
N GLU A 529 10.86 -12.38 -6.70
CA GLU A 529 11.22 -13.64 -7.35
C GLU A 529 12.24 -13.41 -8.45
N GLN A 530 12.02 -12.39 -9.29
CA GLN A 530 12.89 -12.18 -10.43
C GLN A 530 14.27 -11.68 -10.01
N LYS A 531 14.34 -10.87 -8.97
CA LYS A 531 15.62 -10.29 -8.57
C LYS A 531 16.51 -11.35 -7.92
N ARG A 532 17.82 -11.17 -8.08
CA ARG A 532 18.81 -12.11 -7.59
C ARG A 532 19.68 -11.43 -6.53
N GLY A 533 20.15 -12.23 -5.59
CA GLY A 533 21.00 -11.72 -4.53
C GLY A 533 20.25 -11.59 -3.22
N LYS A 534 20.99 -11.77 -2.12
CA LYS A 534 20.38 -11.69 -0.80
C LYS A 534 19.95 -10.27 -0.47
N ASP A 535 20.76 -9.28 -0.86
CA ASP A 535 20.46 -7.89 -0.51
C ASP A 535 19.19 -7.41 -1.20
N ASN A 536 19.06 -7.68 -2.50
CA ASN A 536 17.87 -7.23 -3.22
C ASN A 536 16.61 -7.91 -2.68
N LYS A 537 16.70 -9.21 -2.42
CA LYS A 537 15.56 -9.92 -1.85
C LYS A 537 15.19 -9.35 -0.49
N ALA A 538 16.20 -9.05 0.34
CA ALA A 538 15.92 -8.47 1.65
C ALA A 538 15.25 -7.12 1.52
N ILE A 539 15.72 -6.28 0.59
CA ILE A 539 15.12 -4.96 0.42
C ILE A 539 13.67 -5.08 -0.03
N ILE A 540 13.42 -5.96 -1.01
CA ILE A 540 12.05 -6.10 -1.52
C ILE A 540 11.13 -6.68 -0.45
N ALA A 541 11.62 -7.66 0.30
CA ALA A 541 10.80 -8.25 1.36
C ALA A 541 10.50 -7.23 2.45
N SER A 542 11.49 -6.42 2.83
CA SER A 542 11.26 -5.38 3.82
C SER A 542 10.22 -4.38 3.31
N ASN A 543 10.30 -4.02 2.03
CA ASN A 543 9.31 -3.12 1.45
C ASN A 543 7.91 -3.72 1.49
N ILE A 544 7.80 -5.01 1.15
CA ILE A 544 6.50 -5.68 1.20
C ILE A 544 5.95 -5.67 2.62
N MET A 545 6.80 -6.00 3.60
CA MET A 545 6.35 -6.01 4.98
C MET A 545 5.92 -4.62 5.44
N TYR A 546 6.67 -3.59 5.04
CA TYR A 546 6.29 -2.22 5.39
C TYR A 546 4.93 -1.87 4.80
N ILE A 547 4.70 -2.24 3.54
CA ILE A 547 3.44 -1.90 2.89
C ILE A 547 2.28 -2.61 3.57
N VAL A 548 2.43 -3.90 3.84
CA VAL A 548 1.33 -4.65 4.46
C VAL A 548 1.09 -4.17 5.88
N GLY A 549 2.15 -3.77 6.60
CA GLY A 549 1.97 -3.24 7.93
C GLY A 549 1.30 -1.88 7.97
N GLN A 550 1.25 -1.19 6.84
CA GLN A 550 0.62 0.12 6.75
C GLN A 550 -0.85 0.05 6.39
N TYR A 551 -1.39 -1.14 6.12
CA TYR A 551 -2.78 -1.31 5.69
C TYR A 551 -3.45 -2.31 6.63
N PRO A 552 -3.67 -1.92 7.89
CA PRO A 552 -4.28 -2.86 8.83
C PRO A 552 -5.66 -3.31 8.43
N ARG A 553 -6.44 -2.46 7.75
CA ARG A 553 -7.78 -2.85 7.33
C ARG A 553 -7.72 -4.02 6.35
N PHE A 554 -6.73 -4.01 5.46
CA PHE A 554 -6.56 -5.12 4.51
C PHE A 554 -6.32 -6.44 5.24
N LEU A 555 -5.40 -6.43 6.22
CA LEU A 555 -5.10 -7.64 6.97
C LEU A 555 -6.30 -8.08 7.80
N ARG A 556 -7.04 -7.13 8.38
CA ARG A 556 -8.22 -7.47 9.16
C ARG A 556 -9.28 -8.13 8.30
N ALA A 557 -9.43 -7.65 7.06
CA ALA A 557 -10.47 -8.22 6.18
C ALA A 557 -10.19 -9.67 5.83
N HIS A 558 -8.93 -10.02 5.58
CA HIS A 558 -8.53 -11.35 5.12
C HIS A 558 -7.71 -12.01 6.21
N TRP A 559 -8.26 -13.08 6.80
CA TRP A 559 -7.55 -13.76 7.88
C TRP A 559 -6.37 -14.57 7.35
N LYS A 560 -6.52 -15.21 6.20
CA LYS A 560 -5.43 -16.01 5.66
C LYS A 560 -4.21 -15.15 5.37
N PHE A 561 -4.42 -13.97 4.79
CA PHE A 561 -3.31 -13.07 4.52
C PHE A 561 -2.63 -12.63 5.81
N LEU A 562 -3.43 -12.32 6.85
CA LEU A 562 -2.86 -11.90 8.12
C LEU A 562 -2.01 -13.00 8.73
N LYS A 563 -2.53 -14.23 8.73
CA LYS A 563 -1.78 -15.35 9.29
C LYS A 563 -0.50 -15.61 8.50
N THR A 564 -0.59 -15.54 7.16
CA THR A 564 0.60 -15.72 6.34
C THR A 564 1.63 -14.64 6.63
N VAL A 565 1.18 -13.39 6.79
CA VAL A 565 2.10 -12.29 7.09
C VAL A 565 2.79 -12.52 8.42
N VAL A 566 2.03 -12.92 9.44
CA VAL A 566 2.60 -13.14 10.76
C VAL A 566 3.59 -14.29 10.74
N ASN A 567 3.25 -15.39 10.06
CA ASN A 567 4.17 -16.52 9.98
C ASN A 567 5.42 -16.14 9.20
N LYS A 568 5.29 -15.33 8.15
CA LYS A 568 6.46 -14.84 7.44
C LYS A 568 7.34 -13.99 8.35
N LEU A 569 6.73 -13.15 9.18
CA LEU A 569 7.51 -12.36 10.13
C LEU A 569 8.26 -13.26 11.11
N PHE A 570 7.59 -14.30 11.61
CA PHE A 570 8.26 -15.24 12.50
C PHE A 570 9.43 -15.93 11.80
N GLU A 571 9.24 -16.29 10.52
CA GLU A 571 10.33 -16.88 9.76
C GLU A 571 11.48 -15.91 9.59
N PHE A 572 11.19 -14.63 9.31
CA PHE A 572 12.23 -13.62 9.17
C PHE A 572 12.96 -13.40 10.48
N MET A 573 12.28 -13.61 11.61
CA MET A 573 12.91 -13.39 12.91
C MET A 573 14.12 -14.30 13.12
N HIS A 574 14.23 -15.37 12.35
CA HIS A 574 15.42 -16.22 12.38
C HIS A 574 16.44 -15.84 11.32
N GLU A 575 16.17 -14.81 10.53
CA GLU A 575 17.09 -14.39 9.47
C GLU A 575 18.19 -13.51 10.04
N THR A 576 19.44 -13.91 9.85
CA THR A 576 20.57 -13.19 10.40
C THR A 576 21.06 -12.05 9.51
N HIS A 577 20.49 -11.89 8.32
CA HIS A 577 20.86 -10.77 7.47
C HIS A 577 20.57 -9.45 8.19
N ASP A 578 21.48 -8.49 8.04
CA ASP A 578 21.40 -7.26 8.82
C ASP A 578 20.10 -6.51 8.52
N GLY A 579 19.41 -6.12 9.59
CA GLY A 579 18.21 -5.33 9.48
C GLY A 579 16.93 -6.12 9.30
N VAL A 580 17.01 -7.41 8.96
CA VAL A 580 15.80 -8.19 8.71
C VAL A 580 15.06 -8.46 10.01
N GLN A 581 15.78 -8.81 11.07
CA GLN A 581 15.12 -9.11 12.34
C GLN A 581 14.46 -7.88 12.92
N ASP A 582 15.12 -6.73 12.85
CA ASP A 582 14.53 -5.49 13.35
C ASP A 582 13.27 -5.13 12.56
N MET A 583 13.33 -5.26 11.24
CA MET A 583 12.16 -4.98 10.42
C MET A 583 11.02 -5.93 10.75
N ALA A 584 11.34 -7.21 10.94
CA ALA A 584 10.30 -8.19 11.26
C ALA A 584 9.65 -7.86 12.60
N CYS A 585 10.46 -7.51 13.61
CA CYS A 585 9.89 -7.18 14.91
C CYS A 585 9.05 -5.92 14.86
N ASP A 586 9.51 -4.90 14.13
CA ASP A 586 8.74 -3.66 14.01
C ASP A 586 7.41 -3.91 13.31
N THR A 587 7.43 -4.66 12.21
CA THR A 587 6.19 -4.98 11.51
C THR A 587 5.26 -5.80 12.40
N PHE A 588 5.84 -6.76 13.15
CA PHE A 588 5.01 -7.59 14.02
C PHE A 588 4.32 -6.77 15.08
N ILE A 589 5.05 -5.85 15.71
CA ILE A 589 4.43 -5.02 16.75
C ILE A 589 3.39 -4.10 16.15
N LYS A 590 3.66 -3.56 14.95
CA LYS A 590 2.67 -2.71 14.30
C LYS A 590 1.38 -3.47 14.03
N ILE A 591 1.49 -4.67 13.45
CA ILE A 591 0.31 -5.47 13.14
C ILE A 591 -0.41 -5.88 14.42
N ALA A 592 0.35 -6.27 15.44
CA ALA A 592 -0.26 -6.67 16.70
C ALA A 592 -1.05 -5.52 17.33
N GLN A 593 -0.50 -4.31 17.31
CA GLN A 593 -1.22 -3.16 17.82
C GLN A 593 -2.47 -2.89 17.01
N LYS A 594 -2.35 -2.90 15.67
CA LYS A 594 -3.48 -2.52 14.84
C LYS A 594 -4.52 -3.62 14.73
N CYS A 595 -4.10 -4.89 14.72
CA CYS A 595 -5.01 -6.03 14.56
C CYS A 595 -4.98 -6.92 15.79
N ARG A 596 -4.97 -6.31 16.98
CA ARG A 596 -4.89 -7.09 18.21
C ARG A 596 -6.10 -8.00 18.37
N ARG A 597 -7.30 -7.51 18.04
CA ARG A 597 -8.53 -8.23 18.29
C ARG A 597 -8.66 -9.51 17.47
N HIS A 598 -7.81 -9.69 16.46
CA HIS A 598 -7.89 -10.85 15.58
C HIS A 598 -6.97 -12.00 16.02
N PHE A 599 -6.25 -11.84 17.12
CA PHE A 599 -5.37 -12.88 17.62
C PHE A 599 -5.94 -13.63 18.81
N VAL A 600 -7.03 -13.15 19.41
CA VAL A 600 -7.57 -13.72 20.63
C VAL A 600 -8.82 -14.52 20.32
N GLN A 601 -9.58 -14.09 19.33
CA GLN A 601 -10.78 -14.81 18.92
C GLN A 601 -10.41 -15.98 18.02
N VAL A 602 -11.36 -16.90 17.87
CA VAL A 602 -11.18 -18.08 17.03
C VAL A 602 -11.59 -17.72 15.60
N GLN A 603 -10.67 -17.90 14.66
CA GLN A 603 -10.90 -17.55 13.27
C GLN A 603 -11.40 -18.76 12.49
N VAL A 604 -12.19 -18.50 11.46
CA VAL A 604 -12.75 -19.57 10.65
C VAL A 604 -11.63 -20.42 10.08
N GLY A 605 -11.78 -21.74 10.20
CA GLY A 605 -10.76 -22.67 9.77
C GLY A 605 -9.71 -22.99 10.81
N GLU A 606 -9.73 -22.32 11.96
CA GLU A 606 -8.77 -22.52 13.03
C GLU A 606 -9.43 -23.27 14.17
N VAL A 607 -8.62 -24.00 14.93
CA VAL A 607 -9.13 -24.74 16.09
C VAL A 607 -9.00 -23.91 17.37
N MET A 608 -7.92 -23.15 17.50
CA MET A 608 -7.67 -22.31 18.66
C MET A 608 -7.22 -20.94 18.18
N PRO A 609 -7.39 -19.91 19.01
CA PRO A 609 -6.95 -18.57 18.61
C PRO A 609 -5.44 -18.51 18.41
N PHE A 610 -5.03 -17.62 17.51
CA PHE A 610 -3.61 -17.54 17.15
C PHE A 610 -2.73 -17.19 18.33
N ILE A 611 -3.28 -16.56 19.38
CA ILE A 611 -2.48 -16.21 20.54
C ILE A 611 -1.94 -17.47 21.22
N ASP A 612 -2.78 -18.50 21.35
CA ASP A 612 -2.32 -19.74 21.94
C ASP A 612 -1.22 -20.38 21.10
N GLU A 613 -1.37 -20.35 19.78
CA GLU A 613 -0.35 -20.90 18.89
C GLU A 613 0.97 -20.17 19.07
N ILE A 614 0.93 -18.84 19.16
CA ILE A 614 2.15 -18.07 19.35
C ILE A 614 2.78 -18.38 20.69
N LEU A 615 1.96 -18.44 21.75
CA LEU A 615 2.50 -18.67 23.09
C LEU A 615 3.13 -20.05 23.21
N ASN A 616 2.53 -21.06 22.56
CA ASN A 616 3.08 -22.40 22.62
C ASN A 616 4.48 -22.46 22.02
N ASN A 617 4.71 -21.74 20.92
CA ASN A 617 5.97 -21.79 20.20
C ASN A 617 6.81 -20.54 20.43
N ILE A 618 6.56 -19.80 21.51
CA ILE A 618 7.29 -18.56 21.74
C ILE A 618 8.78 -18.84 21.90
N ASN A 619 9.14 -19.95 22.53
CA ASN A 619 10.55 -20.27 22.74
C ASN A 619 11.28 -20.45 21.42
N THR A 620 10.65 -21.13 20.46
CA THR A 620 11.30 -21.38 19.18
C THR A 620 11.28 -20.18 18.24
N ILE A 621 10.42 -19.20 18.51
CA ILE A 621 10.33 -18.02 17.64
C ILE A 621 11.45 -17.04 17.96
N ILE A 622 11.77 -16.86 19.25
CA ILE A 622 12.71 -15.84 19.68
C ILE A 622 14.09 -16.41 19.96
N CYS A 623 14.35 -17.65 19.56
CA CYS A 623 15.64 -18.26 19.88
C CYS A 623 16.80 -17.51 19.25
N ASP A 624 16.57 -16.82 18.13
CA ASP A 624 17.61 -16.10 17.43
C ASP A 624 17.56 -14.59 17.65
N LEU A 625 16.48 -14.07 18.24
CA LEU A 625 16.35 -12.64 18.43
C LEU A 625 17.33 -12.12 19.48
N GLN A 626 17.73 -10.86 19.32
CA GLN A 626 18.53 -10.19 20.32
C GLN A 626 17.64 -9.69 21.45
N PRO A 627 18.21 -9.38 22.61
CA PRO A 627 17.36 -9.03 23.78
C PRO A 627 16.39 -7.89 23.51
N GLN A 628 16.80 -6.85 22.79
CA GLN A 628 15.88 -5.76 22.49
C GLN A 628 14.76 -6.23 21.57
N GLN A 629 15.10 -7.04 20.57
CA GLN A 629 14.07 -7.61 19.71
C GLN A 629 13.14 -8.52 20.51
N VAL A 630 13.68 -9.25 21.48
CA VAL A 630 12.84 -10.07 22.34
C VAL A 630 11.88 -9.21 23.14
N HIS A 631 12.36 -8.07 23.64
CA HIS A 631 11.48 -7.15 24.37
C HIS A 631 10.37 -6.63 23.46
N THR A 632 10.71 -6.28 22.22
CA THR A 632 9.70 -5.83 21.28
C THR A 632 8.67 -6.93 21.00
N PHE A 633 9.13 -8.16 20.82
CA PHE A 633 8.22 -9.27 20.59
C PHE A 633 7.28 -9.47 21.76
N TYR A 634 7.82 -9.38 22.99
CA TYR A 634 6.98 -9.52 24.17
C TYR A 634 5.96 -8.40 24.26
N GLU A 635 6.36 -7.18 23.89
CA GLU A 635 5.40 -6.08 23.89
C GLU A 635 4.28 -6.31 22.88
N ALA A 636 4.62 -6.80 21.69
CA ALA A 636 3.59 -7.09 20.70
C ALA A 636 2.63 -8.18 21.20
N VAL A 637 3.18 -9.24 21.78
CA VAL A 637 2.33 -10.30 22.30
C VAL A 637 1.46 -9.79 23.44
N GLY A 638 1.99 -8.87 24.25
CA GLY A 638 1.18 -8.27 25.30
C GLY A 638 0.05 -7.42 24.76
N TYR A 639 0.31 -6.70 23.66
CA TYR A 639 -0.77 -5.99 22.99
C TYR A 639 -1.86 -6.95 22.55
N MET A 640 -1.46 -8.09 21.99
CA MET A 640 -2.45 -9.09 21.60
C MET A 640 -3.22 -9.62 22.80
N ILE A 641 -2.52 -9.88 23.90
CA ILE A 641 -3.15 -10.44 25.10
C ILE A 641 -4.16 -9.46 25.70
N GLY A 642 -3.81 -8.17 25.72
CA GLY A 642 -4.67 -7.18 26.34
C GLY A 642 -6.02 -7.03 25.69
N ALA A 643 -6.21 -7.56 24.48
CA ALA A 643 -7.49 -7.46 23.80
C ALA A 643 -8.49 -8.51 24.28
N GLN A 644 -8.07 -9.47 25.10
CA GLN A 644 -8.96 -10.50 25.60
C GLN A 644 -9.88 -9.91 26.66
N THR A 645 -11.17 -9.83 26.36
CA THR A 645 -12.11 -9.20 27.28
C THR A 645 -12.39 -10.08 28.49
N ASP A 646 -12.45 -11.40 28.29
CA ASP A 646 -12.74 -12.29 29.40
C ASP A 646 -11.63 -12.24 30.44
N GLN A 647 -12.03 -12.14 31.71
CA GLN A 647 -11.05 -11.97 32.78
C GLN A 647 -10.28 -13.25 33.04
N THR A 648 -10.99 -14.39 33.10
CA THR A 648 -10.33 -15.65 33.44
C THR A 648 -9.38 -16.09 32.33
N VAL A 649 -9.84 -16.05 31.08
CA VAL A 649 -8.98 -16.42 29.97
C VAL A 649 -7.80 -15.47 29.88
N GLN A 650 -8.04 -14.18 30.13
CA GLN A 650 -6.95 -13.21 30.11
C GLN A 650 -5.91 -13.53 31.17
N GLU A 651 -6.36 -13.88 32.38
CA GLU A 651 -5.43 -14.24 33.45
C GLU A 651 -4.62 -15.47 33.08
N HIS A 652 -5.28 -16.49 32.51
CA HIS A 652 -4.56 -17.69 32.09
C HIS A 652 -3.55 -17.36 31.00
N LEU A 653 -3.91 -16.50 30.05
CA LEU A 653 -2.99 -16.10 29.01
C LEU A 653 -1.79 -15.35 29.59
N ILE A 654 -2.03 -14.49 30.57
CA ILE A 654 -0.94 -13.74 31.19
C ILE A 654 0.00 -14.70 31.91
N GLU A 655 -0.56 -15.68 32.62
CA GLU A 655 0.28 -16.66 33.31
C GLU A 655 1.12 -17.45 32.31
N LYS A 656 0.51 -17.90 31.22
CA LYS A 656 1.25 -18.63 30.20
C LYS A 656 2.22 -17.74 29.44
N TYR A 657 2.04 -16.42 29.51
CA TYR A 657 2.78 -15.46 28.72
C TYR A 657 4.11 -15.07 29.37
N MET A 658 4.18 -15.08 30.70
CA MET A 658 5.38 -14.71 31.42
C MET A 658 6.15 -15.93 31.92
N LEU A 659 5.83 -17.12 31.43
CA LEU A 659 6.41 -18.35 31.96
C LEU A 659 7.93 -18.37 31.76
N LEU A 660 8.39 -18.04 30.57
CA LEU A 660 9.83 -18.10 30.30
C LEU A 660 10.61 -17.12 31.14
N PRO A 661 10.26 -15.83 31.21
CA PRO A 661 10.96 -14.94 32.15
C PRO A 661 10.82 -15.39 33.60
N ASN A 662 9.65 -15.91 33.97
CA ASN A 662 9.42 -16.29 35.36
C ASN A 662 10.29 -17.46 35.79
N GLN A 663 10.60 -18.38 34.87
CA GLN A 663 11.48 -19.48 35.22
C GLN A 663 12.86 -18.96 35.63
N VAL A 664 13.43 -18.07 34.83
CA VAL A 664 14.73 -17.51 35.15
C VAL A 664 14.66 -16.67 36.42
N TRP A 665 13.57 -15.92 36.58
CA TRP A 665 13.39 -15.11 37.78
C TRP A 665 13.40 -15.99 39.03
N ASP A 666 12.63 -17.09 39.00
CA ASP A 666 12.57 -17.98 40.15
C ASP A 666 13.91 -18.64 40.43
N SER A 667 14.61 -19.06 39.37
CA SER A 667 15.93 -19.65 39.57
C SER A 667 16.87 -18.67 40.23
N ILE A 668 16.88 -17.42 39.77
CA ILE A 668 17.76 -16.40 40.35
C ILE A 668 17.36 -16.13 41.80
N ILE A 669 16.07 -16.08 42.09
CA ILE A 669 15.62 -15.80 43.45
C ILE A 669 16.06 -16.92 44.39
N GLN A 670 15.91 -18.17 43.95
CA GLN A 670 16.35 -19.29 44.78
C GLN A 670 17.86 -19.25 45.00
N GLN A 671 18.62 -18.95 43.94
CA GLN A 671 20.07 -18.83 44.11
C GLN A 671 20.43 -17.75 45.13
N ALA A 672 19.75 -16.60 45.05
CA ALA A 672 20.02 -15.52 45.98
C ALA A 672 19.66 -15.93 47.41
N THR A 673 18.53 -16.61 47.59
CA THR A 673 18.15 -17.06 48.92
C THR A 673 19.19 -18.02 49.48
N LYS A 674 19.69 -18.93 48.66
CA LYS A 674 20.76 -19.80 49.10
C LYS A 674 22.01 -19.01 49.45
N ASN A 675 22.35 -18.02 48.62
CA ASN A 675 23.54 -17.21 48.83
C ASN A 675 23.34 -15.86 48.16
N VAL A 676 23.33 -14.80 48.96
CA VAL A 676 23.11 -13.46 48.42
C VAL A 676 24.26 -13.02 47.54
N ASP A 677 25.45 -13.61 47.71
CA ASP A 677 26.61 -13.21 46.91
C ASP A 677 26.37 -13.40 45.41
N ILE A 678 25.41 -14.25 45.03
CA ILE A 678 25.13 -14.43 43.61
C ILE A 678 24.66 -13.14 42.98
N LEU A 679 24.06 -12.24 43.77
CA LEU A 679 23.63 -10.95 43.25
C LEU A 679 24.80 -10.06 42.85
N LYS A 680 26.02 -10.41 43.26
CA LYS A 680 27.21 -9.71 42.80
C LYS A 680 27.79 -10.28 41.52
N ASP A 681 27.24 -11.39 41.02
CA ASP A 681 27.73 -11.98 39.79
C ASP A 681 27.20 -11.18 38.61
N PRO A 682 28.07 -10.65 37.74
CA PRO A 682 27.57 -9.78 36.67
C PRO A 682 26.52 -10.43 35.78
N GLU A 683 26.69 -11.71 35.46
CA GLU A 683 25.74 -12.39 34.57
C GLU A 683 24.35 -12.43 35.20
N THR A 684 24.27 -12.69 36.50
CA THR A 684 22.98 -12.67 37.17
C THR A 684 22.33 -11.29 37.08
N VAL A 685 23.13 -10.23 37.20
CA VAL A 685 22.59 -8.87 37.12
C VAL A 685 22.08 -8.59 35.72
N LYS A 686 22.81 -9.02 34.68
CA LYS A 686 22.33 -8.84 33.32
C LYS A 686 21.01 -9.58 33.11
N GLN A 687 20.92 -10.81 33.62
CA GLN A 687 19.69 -11.58 33.49
C GLN A 687 18.54 -10.88 34.19
N LEU A 688 18.78 -10.35 35.39
CA LEU A 688 17.74 -9.64 36.11
C LEU A 688 17.30 -8.39 35.34
N GLY A 689 18.24 -7.66 34.77
CA GLY A 689 17.89 -6.49 33.98
C GLY A 689 17.05 -6.85 32.77
N SER A 690 17.42 -7.93 32.07
CA SER A 690 16.63 -8.37 30.93
C SER A 690 15.22 -8.78 31.35
N ILE A 691 15.11 -9.51 32.46
CA ILE A 691 13.79 -9.95 32.93
C ILE A 691 12.94 -8.74 33.28
N LEU A 692 13.53 -7.74 33.93
CA LEU A 692 12.74 -6.57 34.33
C LEU A 692 12.37 -5.72 33.11
N LYS A 693 13.24 -5.64 32.10
CA LYS A 693 12.87 -4.96 30.87
C LYS A 693 11.71 -5.65 30.18
N THR A 694 11.74 -6.99 30.13
CA THR A 694 10.63 -7.73 29.57
C THR A 694 9.35 -7.46 30.34
N ASN A 695 9.44 -7.44 31.66
CA ASN A 695 8.26 -7.17 32.49
C ASN A 695 7.72 -5.77 32.24
N VAL A 696 8.61 -4.79 32.09
CA VAL A 696 8.17 -3.41 31.84
C VAL A 696 7.44 -3.32 30.51
N ARG A 697 7.99 -3.94 29.47
CA ARG A 697 7.33 -3.92 28.17
C ARG A 697 5.99 -4.63 28.23
N ALA A 698 5.93 -5.78 28.90
CA ALA A 698 4.67 -6.51 29.02
C ALA A 698 3.64 -5.69 29.79
N CYS A 699 4.05 -5.00 30.84
CA CYS A 699 3.14 -4.15 31.59
C CYS A 699 2.61 -3.02 30.73
N LYS A 700 3.49 -2.39 29.94
CA LYS A 700 3.06 -1.31 29.06
C LYS A 700 2.04 -1.83 28.05
N ALA A 701 2.28 -3.00 27.49
CA ALA A 701 1.38 -3.53 26.46
C ALA A 701 0.05 -3.97 27.07
N VAL A 702 0.07 -4.62 28.23
CA VAL A 702 -1.12 -5.23 28.79
C VAL A 702 -1.94 -4.22 29.60
N GLY A 703 -1.30 -3.52 30.53
CA GLY A 703 -2.00 -2.54 31.34
C GLY A 703 -2.39 -3.05 32.72
N HIS A 704 -3.58 -2.68 33.17
CA HIS A 704 -4.00 -3.04 34.53
C HIS A 704 -3.98 -4.54 34.78
N PRO A 705 -4.53 -5.40 33.91
CA PRO A 705 -4.55 -6.84 34.22
C PRO A 705 -3.17 -7.45 34.44
N PHE A 706 -2.10 -6.74 34.12
CA PHE A 706 -0.75 -7.22 34.40
C PHE A 706 -0.46 -7.29 35.90
N VAL A 707 -1.33 -6.72 36.73
CA VAL A 707 -1.10 -6.68 38.17
C VAL A 707 -0.68 -8.04 38.70
N ILE A 708 -1.35 -9.09 38.24
CA ILE A 708 -1.07 -10.43 38.77
C ILE A 708 0.42 -10.75 38.63
N GLN A 709 0.97 -10.54 37.44
CA GLN A 709 2.39 -10.79 37.24
C GLN A 709 3.20 -9.97 38.21
N LEU A 710 2.91 -8.68 38.33
CA LEU A 710 3.59 -7.85 39.32
C LEU A 710 3.39 -8.42 40.71
N GLY A 711 2.15 -8.78 41.05
CA GLY A 711 1.89 -9.34 42.36
C GLY A 711 2.69 -10.60 42.61
N ARG A 712 3.09 -11.30 41.55
CA ARG A 712 3.85 -12.53 41.71
C ARG A 712 5.30 -12.26 42.09
N ILE A 713 5.86 -11.13 41.67
CA ILE A 713 7.28 -10.85 41.88
C ILE A 713 7.53 -9.64 42.77
N TYR A 714 6.51 -8.83 43.04
CA TYR A 714 6.70 -7.54 43.69
C TYR A 714 7.67 -7.63 44.87
N LEU A 715 7.30 -8.38 45.91
CA LEU A 715 8.13 -8.46 47.10
C LEU A 715 9.54 -8.91 46.74
N ASP A 716 9.66 -9.98 45.96
CA ASP A 716 10.98 -10.47 45.59
C ASP A 716 11.75 -9.38 44.85
N MET A 717 11.09 -8.66 43.95
CA MET A 717 11.73 -7.53 43.28
C MET A 717 12.27 -6.55 44.30
N LEU A 718 11.44 -6.17 45.27
CA LEU A 718 11.88 -5.22 46.29
C LEU A 718 13.04 -5.77 47.09
N ASN A 719 13.15 -7.09 47.20
CA ASN A 719 14.30 -7.67 47.90
C ASN A 719 15.55 -7.59 47.04
N VAL A 720 15.41 -7.77 45.72
CA VAL A 720 16.56 -7.65 44.84
C VAL A 720 16.99 -6.20 44.73
N TYR A 721 16.03 -5.28 44.65
CA TYR A 721 16.34 -3.86 44.57
C TYR A 721 17.20 -3.45 45.77
N LYS A 722 16.63 -3.54 46.96
CA LYS A 722 17.29 -3.02 48.16
C LYS A 722 18.71 -3.55 48.27
N CYS A 723 18.86 -4.88 48.21
CA CYS A 723 20.19 -5.46 48.32
C CYS A 723 21.13 -4.82 47.31
N LEU A 724 20.74 -4.82 46.04
CA LEU A 724 21.58 -4.21 45.01
C LEU A 724 21.91 -2.77 45.39
N SER A 725 20.91 -2.00 45.78
CA SER A 725 21.15 -0.62 46.17
C SER A 725 22.25 -0.56 47.21
N GLU A 726 22.13 -1.37 48.27
CA GLU A 726 23.15 -1.37 49.31
C GLU A 726 24.52 -1.59 48.70
N ASN A 727 24.64 -2.62 47.85
CA ASN A 727 25.93 -2.89 47.22
C ASN A 727 26.48 -1.63 46.58
N ILE A 728 25.66 -0.96 45.78
CA ILE A 728 26.13 0.24 45.09
C ILE A 728 26.70 1.22 46.11
N SER A 729 25.92 1.49 47.16
CA SER A 729 26.38 2.43 48.18
C SER A 729 27.73 1.99 48.72
N ALA A 730 27.84 0.72 49.09
CA ALA A 730 29.10 0.22 49.62
C ALA A 730 30.24 0.49 48.64
N ALA A 731 30.02 0.20 47.37
CA ALA A 731 31.06 0.44 46.38
C ALA A 731 31.48 1.90 46.40
N ILE A 732 30.52 2.81 46.44
CA ILE A 732 30.84 4.23 46.43
C ILE A 732 31.63 4.60 47.68
N GLN A 733 31.32 3.96 48.80
CA GLN A 733 32.06 4.24 50.03
C GLN A 733 33.47 3.66 50.02
N ALA A 734 33.79 2.79 49.07
CA ALA A 734 35.08 2.13 49.02
C ALA A 734 36.06 2.78 48.06
N ASN A 735 35.59 3.26 46.91
CA ASN A 735 36.46 3.84 45.90
C ASN A 735 35.95 5.16 45.35
N GLY A 736 34.92 5.74 45.97
CA GLY A 736 34.40 7.01 45.51
C GLY A 736 33.47 6.88 44.32
N GLU A 737 33.09 8.04 43.79
CA GLU A 737 32.13 8.09 42.69
C GLU A 737 32.65 7.42 41.43
N MET A 738 33.97 7.30 41.27
CA MET A 738 34.51 6.71 40.05
C MET A 738 34.00 5.28 39.85
N VAL A 739 33.70 4.57 40.94
CA VAL A 739 33.21 3.20 40.84
C VAL A 739 31.92 3.14 40.04
N THR A 740 31.19 4.26 39.95
CA THR A 740 29.95 4.27 39.17
C THR A 740 30.20 4.01 37.70
N LYS A 741 31.43 4.13 37.24
CA LYS A 741 31.75 3.89 35.83
C LYS A 741 31.99 2.42 35.52
N GLN A 742 32.08 1.56 36.53
CA GLN A 742 32.36 0.15 36.28
C GLN A 742 31.11 -0.56 35.76
N PRO A 743 31.28 -1.59 34.91
CA PRO A 743 30.09 -2.25 34.33
C PRO A 743 29.15 -2.84 35.37
N LEU A 744 29.69 -3.40 36.46
CA LEU A 744 28.83 -4.07 37.44
C LEU A 744 27.88 -3.08 38.11
N ILE A 745 28.41 -1.91 38.51
CA ILE A 745 27.55 -0.90 39.12
C ILE A 745 26.53 -0.38 38.12
N ARG A 746 26.93 -0.28 36.84
CA ARG A 746 25.99 0.13 35.80
C ARG A 746 24.85 -0.87 35.68
N SER A 747 25.16 -2.16 35.72
CA SER A 747 24.12 -3.19 35.65
C SER A 747 23.20 -3.13 36.87
N MET A 748 23.78 -2.92 38.04
CA MET A 748 22.95 -2.80 39.25
C MET A 748 22.02 -1.60 39.16
N ARG A 749 22.53 -0.46 38.70
CA ARG A 749 21.69 0.72 38.53
C ARG A 749 20.62 0.47 37.48
N THR A 750 20.95 -0.27 36.42
CA THR A 750 19.95 -0.63 35.43
C THR A 750 18.84 -1.46 36.06
N VAL A 751 19.20 -2.41 36.92
CA VAL A 751 18.19 -3.22 37.59
C VAL A 751 17.29 -2.36 38.46
N LYS A 752 17.89 -1.44 39.22
CA LYS A 752 17.10 -0.55 40.07
C LYS A 752 16.15 0.31 39.25
N ARG A 753 16.66 0.89 38.16
CA ARG A 753 15.85 1.77 37.33
C ARG A 753 14.73 1.00 36.64
N GLU A 754 14.99 -0.25 36.23
CA GLU A 754 13.94 -1.05 35.62
C GLU A 754 12.87 -1.41 36.64
N THR A 755 13.27 -1.71 37.88
CA THR A 755 12.29 -1.93 38.94
C THR A 755 11.40 -0.71 39.11
N LEU A 756 12.01 0.47 39.19
CA LEU A 756 11.23 1.70 39.36
C LEU A 756 10.34 1.96 38.14
N LYS A 757 10.84 1.68 36.94
CA LYS A 757 10.05 1.87 35.73
C LYS A 757 8.83 0.95 35.73
N LEU A 758 9.01 -0.31 36.11
CA LEU A 758 7.89 -1.24 36.16
C LEU A 758 6.85 -0.76 37.15
N ILE A 759 7.29 -0.36 38.34
CA ILE A 759 6.34 0.11 39.36
C ILE A 759 5.58 1.32 38.85
N SER A 760 6.30 2.30 38.30
CA SER A 760 5.68 3.53 37.82
C SER A 760 4.70 3.26 36.69
N GLY A 761 5.10 2.43 35.73
CA GLY A 761 4.23 2.13 34.61
C GLY A 761 2.94 1.47 35.05
N TRP A 762 3.06 0.43 35.89
CA TRP A 762 1.83 -0.23 36.31
C TRP A 762 0.95 0.72 37.12
N VAL A 763 1.54 1.49 38.03
CA VAL A 763 0.73 2.39 38.84
C VAL A 763 0.01 3.40 37.95
N SER A 764 0.71 3.95 36.96
CA SER A 764 0.08 4.91 36.06
C SER A 764 -1.05 4.26 35.29
N ARG A 765 -0.87 3.03 34.83
N ARG A 765 -0.86 3.02 34.83
CA ARG A 765 -1.90 2.35 34.06
CA ARG A 765 -1.89 2.33 34.06
C ARG A 765 -2.93 1.62 34.91
C ARG A 765 -2.95 1.66 34.92
N SER A 766 -2.74 1.57 36.23
CA SER A 766 -3.68 0.86 37.09
C SER A 766 -4.94 1.69 37.33
N ASN A 767 -6.10 1.09 37.11
CA ASN A 767 -7.39 1.71 37.40
C ASN A 767 -7.94 1.24 38.74
N ASP A 768 -7.18 1.34 39.81
CA ASP A 768 -7.66 0.95 41.14
C ASP A 768 -6.81 1.60 42.22
N PRO A 769 -7.02 2.88 42.54
CA PRO A 769 -6.17 3.55 43.53
C PRO A 769 -6.21 2.92 44.91
N GLN A 770 -7.37 2.44 45.35
CA GLN A 770 -7.47 1.88 46.70
C GLN A 770 -6.61 0.63 46.85
N MET A 771 -6.71 -0.29 45.88
CA MET A 771 -5.89 -1.50 45.93
C MET A 771 -4.41 -1.16 45.87
N VAL A 772 -4.04 -0.21 45.02
CA VAL A 772 -2.64 0.18 44.91
C VAL A 772 -2.14 0.70 46.25
N ALA A 773 -2.88 1.62 46.86
CA ALA A 773 -2.46 2.20 48.13
C ALA A 773 -2.37 1.13 49.22
N GLU A 774 -3.32 0.19 49.22
CA GLU A 774 -3.33 -0.83 50.27
C GLU A 774 -2.19 -1.81 50.12
N ASN A 775 -1.85 -2.17 48.88
CA ASN A 775 -0.94 -3.30 48.65
C ASN A 775 0.48 -2.88 48.30
N PHE A 776 0.66 -2.00 47.30
CA PHE A 776 1.97 -1.81 46.71
C PHE A 776 2.76 -0.64 47.29
N VAL A 777 2.12 0.28 48.00
CA VAL A 777 2.81 1.46 48.53
C VAL A 777 3.55 1.12 49.82
N PRO A 778 2.93 0.43 50.78
CA PRO A 778 3.60 0.21 52.07
C PRO A 778 4.93 -0.51 51.89
N PRO A 779 5.00 -1.51 51.01
CA PRO A 779 6.33 -2.11 50.73
C PRO A 779 7.31 -1.11 50.15
N LEU A 780 6.84 -0.17 49.32
CA LEU A 780 7.73 0.85 48.78
C LEU A 780 8.30 1.72 49.88
N LEU A 781 7.47 2.07 50.86
CA LEU A 781 7.92 3.00 51.90
C LEU A 781 9.21 2.54 52.55
N ASP A 782 9.39 1.22 52.69
CA ASP A 782 10.57 0.67 53.33
C ASP A 782 11.61 0.15 52.35
N ALA A 783 11.18 -0.36 51.19
CA ALA A 783 12.13 -0.96 50.26
C ALA A 783 12.96 0.09 49.53
N VAL A 784 12.32 1.18 49.11
CA VAL A 784 12.96 2.18 48.25
C VAL A 784 13.18 3.49 48.98
N LEU A 785 12.14 4.01 49.65
CA LEU A 785 12.24 5.35 50.23
C LEU A 785 13.25 5.39 51.37
N ILE A 786 13.14 4.47 52.33
CA ILE A 786 14.09 4.46 53.43
C ILE A 786 15.46 4.01 52.94
N ASP A 787 15.50 3.09 51.97
CA ASP A 787 16.77 2.74 51.34
C ASP A 787 17.36 3.95 50.64
N TYR A 788 16.51 4.76 50.00
CA TYR A 788 16.98 6.01 49.39
C TYR A 788 17.58 6.93 50.44
N GLN A 789 16.94 7.04 51.60
CA GLN A 789 17.46 7.88 52.67
C GLN A 789 18.81 7.38 53.17
N ARG A 790 18.93 6.07 53.39
CA ARG A 790 20.16 5.52 53.94
C ARG A 790 21.31 5.54 52.95
N ASN A 791 21.03 5.66 51.66
CA ASN A 791 22.09 5.69 50.67
C ASN A 791 22.92 6.96 50.79
N VAL A 792 24.18 6.87 50.38
CA VAL A 792 25.06 8.03 50.33
C VAL A 792 24.51 8.96 49.25
N PRO A 793 24.81 10.26 49.30
CA PRO A 793 24.27 11.17 48.28
C PRO A 793 24.61 10.75 46.86
N ALA A 794 25.82 10.22 46.64
CA ALA A 794 26.22 9.82 45.29
C ALA A 794 25.41 8.63 44.79
N ALA A 795 24.98 7.75 45.68
CA ALA A 795 24.29 6.52 45.31
C ALA A 795 22.78 6.70 45.21
N ARG A 796 22.23 7.83 45.65
CA ARG A 796 20.80 8.03 45.59
C ARG A 796 20.31 8.04 44.14
N GLU A 797 19.21 7.34 43.89
CA GLU A 797 18.67 7.24 42.54
C GLU A 797 17.61 8.32 42.34
N PRO A 798 17.82 9.29 41.45
CA PRO A 798 16.79 10.33 41.27
C PRO A 798 15.44 9.78 40.82
N GLU A 799 15.44 8.72 40.02
CA GLU A 799 14.17 8.21 39.49
C GLU A 799 13.18 7.90 40.62
N VAL A 800 13.69 7.49 41.78
CA VAL A 800 12.82 7.25 42.93
C VAL A 800 11.84 8.41 43.09
N LEU A 801 12.36 9.62 43.22
CA LEU A 801 11.50 10.79 43.38
C LEU A 801 10.47 10.85 42.26
N SER A 802 10.94 10.77 41.01
CA SER A 802 10.00 10.82 39.89
C SER A 802 8.96 9.72 40.02
N THR A 803 9.39 8.50 40.36
CA THR A 803 8.44 7.42 40.54
C THR A 803 7.35 7.83 41.52
N MET A 804 7.75 8.35 42.69
CA MET A 804 6.77 8.75 43.67
C MET A 804 5.81 9.77 43.09
N ALA A 805 6.34 10.75 42.35
CA ALA A 805 5.47 11.74 41.73
C ALA A 805 4.36 11.06 40.96
N ILE A 806 4.73 10.11 40.09
CA ILE A 806 3.72 9.42 39.30
C ILE A 806 2.68 8.80 40.21
N ILE A 807 3.12 8.09 41.24
CA ILE A 807 2.18 7.46 42.16
C ILE A 807 1.22 8.49 42.71
N VAL A 808 1.76 9.62 43.19
CA VAL A 808 0.89 10.66 43.74
C VAL A 808 -0.10 11.12 42.68
N ASN A 809 0.40 11.39 41.47
CA ASN A 809 -0.46 11.89 40.41
C ASN A 809 -1.62 10.93 40.15
N LYS A 810 -1.42 9.64 40.45
CA LYS A 810 -2.48 8.66 40.23
C LYS A 810 -3.34 8.44 41.46
N LEU A 811 -2.79 8.64 42.66
CA LEU A 811 -3.49 8.28 43.88
C LEU A 811 -4.15 9.48 44.57
N GLY A 812 -3.47 10.62 44.60
CA GLY A 812 -4.04 11.81 45.20
C GLY A 812 -4.56 11.59 46.60
N GLY A 813 -5.88 11.66 46.77
CA GLY A 813 -6.47 11.51 48.08
C GLY A 813 -6.24 10.15 48.71
N HIS A 814 -5.90 9.13 47.91
CA HIS A 814 -5.69 7.80 48.44
C HIS A 814 -4.30 7.59 49.02
N ILE A 815 -3.37 8.53 48.81
CA ILE A 815 -2.03 8.46 49.35
C ILE A 815 -1.72 9.62 50.28
N THR A 816 -2.68 10.50 50.56
CA THR A 816 -2.40 11.67 51.37
C THR A 816 -1.87 11.30 52.74
N ALA A 817 -2.48 10.31 53.39
CA ALA A 817 -2.06 9.93 54.73
C ALA A 817 -0.61 9.49 54.77
N GLU A 818 -0.10 8.92 53.68
CA GLU A 818 1.28 8.47 53.62
C GLU A 818 2.25 9.55 53.20
N ILE A 819 1.76 10.73 52.83
CA ILE A 819 2.67 11.79 52.38
C ILE A 819 3.66 12.18 53.46
N PRO A 820 3.26 12.38 54.73
CA PRO A 820 4.25 12.71 55.77
C PRO A 820 5.42 11.74 55.79
N GLN A 821 5.13 10.45 55.96
CA GLN A 821 6.19 9.46 56.03
C GLN A 821 7.09 9.55 54.82
N ILE A 822 6.50 9.64 53.63
CA ILE A 822 7.30 9.74 52.40
C ILE A 822 8.26 10.92 52.51
N PHE A 823 7.76 12.08 52.94
CA PHE A 823 8.63 13.23 53.09
C PHE A 823 9.78 12.91 54.03
N ASP A 824 9.47 12.29 55.18
CA ASP A 824 10.51 11.99 56.16
C ASP A 824 11.60 11.12 55.57
N ALA A 825 11.30 10.41 54.48
CA ALA A 825 12.30 9.56 53.83
C ALA A 825 13.11 10.31 52.78
N VAL A 826 12.51 11.25 52.06
CA VAL A 826 13.11 11.83 50.85
C VAL A 826 13.35 13.32 50.99
N PHE A 827 12.40 14.05 51.59
CA PHE A 827 12.43 15.51 51.53
C PHE A 827 13.74 16.08 52.08
N GLU A 828 13.96 15.94 53.38
CA GLU A 828 15.10 16.59 54.01
C GLU A 828 16.40 16.15 53.36
N CYS A 829 16.62 14.83 53.26
CA CYS A 829 17.86 14.34 52.69
C CYS A 829 18.07 14.84 51.27
N THR A 830 16.98 15.08 50.53
CA THR A 830 17.12 15.63 49.18
C THR A 830 17.48 17.10 49.24
N LEU A 831 16.86 17.85 50.15
CA LEU A 831 17.10 19.29 50.21
C LEU A 831 18.56 19.59 50.50
N ASN A 832 19.17 18.85 51.43
CA ASN A 832 20.57 19.06 51.76
C ASN A 832 21.49 18.74 50.60
N MET A 833 21.00 18.05 49.56
CA MET A 833 21.81 17.77 48.39
C MET A 833 21.77 18.90 47.36
N ILE A 834 20.67 19.66 47.32
CA ILE A 834 20.46 20.67 46.30
C ILE A 834 20.34 22.04 46.94
N ASN A 835 21.04 22.26 48.04
CA ASN A 835 20.97 23.51 48.78
C ASN A 835 22.26 24.32 48.76
N LYS A 836 23.38 23.73 48.35
CA LYS A 836 24.67 24.41 48.37
C LYS A 836 24.94 25.22 47.12
N ASP A 837 24.20 25.00 46.04
CA ASP A 837 24.36 25.76 44.80
C ASP A 837 23.16 25.43 43.91
N PHE A 838 23.22 25.87 42.66
CA PHE A 838 22.14 25.65 41.70
C PHE A 838 22.53 24.65 40.62
N GLU A 839 23.65 23.95 40.77
CA GLU A 839 24.22 23.12 39.70
C GLU A 839 24.18 21.63 40.01
N GLU A 840 24.72 21.20 41.14
CA GLU A 840 24.95 19.78 41.39
C GLU A 840 23.63 19.01 41.45
N TYR A 841 23.65 17.78 40.95
CA TYR A 841 22.52 16.86 41.01
C TYR A 841 21.31 17.43 40.26
N PRO A 842 21.44 17.74 38.97
CA PRO A 842 20.30 18.32 38.23
C PRO A 842 19.06 17.44 38.21
N GLU A 843 19.25 16.14 38.02
CA GLU A 843 18.11 15.23 37.98
C GLU A 843 17.39 15.20 39.31
N HIS A 844 18.14 15.24 40.41
CA HIS A 844 17.52 15.26 41.72
C HIS A 844 16.65 16.49 41.90
N ARG A 845 17.14 17.67 41.50
CA ARG A 845 16.32 18.87 41.60
C ARG A 845 15.06 18.74 40.76
N THR A 846 15.21 18.31 39.50
CA THR A 846 14.06 18.20 38.61
C THR A 846 13.00 17.28 39.21
N ASN A 847 13.40 16.06 39.61
CA ASN A 847 12.44 15.08 40.09
C ASN A 847 11.88 15.48 41.45
N PHE A 848 12.70 16.07 42.31
CA PHE A 848 12.21 16.50 43.62
C PHE A 848 11.13 17.55 43.47
N PHE A 849 11.33 18.53 42.58
CA PHE A 849 10.32 19.56 42.44
C PHE A 849 9.11 19.07 41.67
N LEU A 850 9.27 18.09 40.77
CA LEU A 850 8.10 17.43 40.19
C LEU A 850 7.28 16.71 41.25
N LEU A 851 7.95 16.02 42.18
CA LEU A 851 7.25 15.35 43.26
C LEU A 851 6.54 16.36 44.16
N LEU A 852 7.21 17.47 44.47
CA LEU A 852 6.58 18.50 45.29
C LEU A 852 5.36 19.08 44.58
N GLN A 853 5.46 19.28 43.26
CA GLN A 853 4.31 19.77 42.51
C GLN A 853 3.16 18.79 42.56
N ALA A 854 3.44 17.49 42.41
CA ALA A 854 2.37 16.49 42.49
C ALA A 854 1.71 16.49 43.85
N VAL A 855 2.52 16.55 44.91
CA VAL A 855 1.98 16.56 46.27
C VAL A 855 1.12 17.80 46.49
N ASN A 856 1.60 18.96 46.04
CA ASN A 856 0.84 20.19 46.20
C ASN A 856 -0.47 20.14 45.44
N SER A 857 -0.45 19.61 44.22
CA SER A 857 -1.63 19.61 43.38
C SER A 857 -2.67 18.60 43.83
N HIS A 858 -2.24 17.46 44.38
CA HIS A 858 -3.16 16.38 44.71
C HIS A 858 -3.26 16.08 46.20
N CYS A 859 -2.30 16.53 47.01
CA CYS A 859 -2.27 16.21 48.44
C CYS A 859 -1.99 17.46 49.26
N PHE A 860 -2.68 18.56 48.96
CA PHE A 860 -2.51 19.76 49.76
C PHE A 860 -2.83 19.55 51.24
N PRO A 861 -3.88 18.81 51.61
CA PRO A 861 -4.11 18.57 53.05
C PRO A 861 -2.89 18.00 53.75
N ALA A 862 -2.01 17.29 53.05
CA ALA A 862 -0.77 16.86 53.66
C ALA A 862 0.06 18.05 54.11
N PHE A 863 0.16 19.08 53.26
CA PHE A 863 0.85 20.31 53.67
C PHE A 863 0.10 21.00 54.80
N LEU A 864 -1.23 21.01 54.74
CA LEU A 864 -2.00 21.64 55.81
C LEU A 864 -1.94 20.87 57.13
N ALA A 865 -1.43 19.64 57.12
CA ALA A 865 -1.40 18.79 58.30
C ALA A 865 0.02 18.30 58.58
N ILE A 866 0.98 19.22 58.54
CA ILE A 866 2.36 18.91 58.90
C ILE A 866 2.87 20.00 59.84
N PRO A 867 3.98 19.79 60.53
CA PRO A 867 4.47 20.81 61.46
C PRO A 867 4.72 22.13 60.76
N PRO A 868 4.48 23.26 61.41
CA PRO A 868 4.74 24.55 60.74
C PRO A 868 6.17 24.69 60.27
N THR A 869 7.14 24.13 60.99
CA THR A 869 8.52 24.18 60.52
C THR A 869 8.68 23.44 59.19
N GLN A 870 8.01 22.29 59.05
CA GLN A 870 8.09 21.56 57.78
C GLN A 870 7.46 22.37 56.65
N PHE A 871 6.33 23.04 56.92
CA PHE A 871 5.72 23.86 55.88
C PHE A 871 6.62 25.04 55.51
N LYS A 872 7.29 25.64 56.49
CA LYS A 872 8.24 26.70 56.19
C LYS A 872 9.38 26.17 55.33
N LEU A 873 9.86 24.96 55.63
CA LEU A 873 10.91 24.36 54.81
C LEU A 873 10.42 24.13 53.39
N VAL A 874 9.16 23.70 53.24
CA VAL A 874 8.61 23.48 51.91
C VAL A 874 8.53 24.79 51.13
N LEU A 875 8.07 25.86 51.79
CA LEU A 875 8.00 27.16 51.14
C LEU A 875 9.39 27.64 50.74
N ASP A 876 10.38 27.45 51.61
CA ASP A 876 11.74 27.82 51.28
C ASP A 876 12.26 27.02 50.09
N SER A 877 11.89 25.74 50.02
CA SER A 877 12.29 24.92 48.89
C SER A 877 11.67 25.42 47.59
N ILE A 878 10.39 25.83 47.65
CA ILE A 878 9.75 26.39 46.46
C ILE A 878 10.45 27.67 46.01
N ILE A 879 10.76 28.55 46.97
CA ILE A 879 11.45 29.79 46.64
C ILE A 879 12.81 29.49 46.01
N TRP A 880 13.55 28.55 46.61
CA TRP A 880 14.79 28.09 46.01
C TRP A 880 14.56 27.56 44.61
N ALA A 881 13.39 26.94 44.37
CA ALA A 881 13.09 26.40 43.05
C ALA A 881 12.98 27.51 42.01
N PHE A 882 12.16 28.53 42.27
CA PHE A 882 11.96 29.53 41.22
C PHE A 882 13.10 30.54 41.14
N LYS A 883 14.16 30.36 41.92
CA LYS A 883 15.37 31.15 41.77
C LYS A 883 16.43 30.44 40.94
N HIS A 884 16.11 29.28 40.37
CA HIS A 884 17.09 28.47 39.67
C HIS A 884 17.39 29.04 38.29
N THR A 885 18.65 28.89 37.87
CA THR A 885 19.02 29.23 36.50
C THR A 885 18.40 28.26 35.50
N MET A 886 18.29 26.98 35.88
CA MET A 886 17.66 26.00 35.01
C MET A 886 16.22 26.40 34.75
N ARG A 887 15.83 26.38 33.48
N ARG A 887 15.83 26.38 33.48
CA ARG A 887 14.50 26.87 33.09
CA ARG A 887 14.51 26.87 33.09
C ARG A 887 13.41 25.93 33.58
C ARG A 887 13.41 25.93 33.58
N ASN A 888 13.61 24.62 33.43
CA ASN A 888 12.59 23.67 33.86
C ASN A 888 12.34 23.75 35.37
N VAL A 889 13.42 23.81 36.16
CA VAL A 889 13.27 23.88 37.60
C VAL A 889 12.55 25.16 38.01
N ALA A 890 12.93 26.29 37.42
CA ALA A 890 12.30 27.56 37.76
C ALA A 890 10.83 27.58 37.36
N ASP A 891 10.50 27.05 36.18
CA ASP A 891 9.10 27.00 35.77
C ASP A 891 8.28 26.10 36.69
N THR A 892 8.85 24.96 37.08
CA THR A 892 8.15 24.09 38.03
C THR A 892 7.94 24.80 39.36
N GLY A 893 8.95 25.52 39.85
CA GLY A 893 8.79 26.25 41.09
C GLY A 893 7.70 27.30 41.00
N LEU A 894 7.65 28.03 39.88
CA LEU A 894 6.62 29.06 39.72
C LEU A 894 5.23 28.44 39.67
N GLN A 895 5.08 27.32 38.94
CA GLN A 895 3.80 26.64 38.89
C GLN A 895 3.39 26.15 40.28
N ILE A 896 4.34 25.59 41.02
CA ILE A 896 4.05 25.14 42.38
C ILE A 896 3.58 26.31 43.24
N LEU A 897 4.25 27.45 43.13
CA LEU A 897 3.87 28.61 43.94
C LEU A 897 2.47 29.09 43.58
N PHE A 898 2.16 29.18 42.29
CA PHE A 898 0.84 29.66 41.88
C PHE A 898 -0.25 28.70 42.37
N THR A 899 -0.04 27.39 42.18
CA THR A 899 -1.02 26.42 42.62
C THR A 899 -1.17 26.43 44.14
N LEU A 900 -0.06 26.61 44.86
CA LEU A 900 -0.12 26.68 46.31
C LEU A 900 -0.92 27.89 46.77
N LEU A 901 -0.73 29.04 46.11
CA LEU A 901 -1.52 30.21 46.45
C LEU A 901 -3.00 29.96 46.22
N GLN A 902 -3.35 29.34 45.08
CA GLN A 902 -4.75 29.05 44.83
C GLN A 902 -5.32 28.09 45.88
N ASN A 903 -4.56 27.04 46.23
CA ASN A 903 -5.03 26.09 47.22
C ASN A 903 -5.23 26.74 48.58
N VAL A 904 -4.27 27.58 48.99
CA VAL A 904 -4.42 28.28 50.27
C VAL A 904 -5.65 29.18 50.25
N ALA A 905 -5.87 29.88 49.14
CA ALA A 905 -7.07 30.70 49.03
C ALA A 905 -8.32 29.85 49.15
N GLN A 906 -8.28 28.61 48.65
CA GLN A 906 -9.45 27.75 48.71
C GLN A 906 -9.84 27.44 50.15
N GLU A 907 -8.86 27.18 51.02
CA GLU A 907 -9.11 26.86 52.42
C GLU A 907 -9.12 28.14 53.24
N GLU A 908 -10.28 28.49 53.79
CA GLU A 908 -10.44 29.78 54.46
C GLU A 908 -9.71 29.80 55.80
N ALA A 909 -9.70 28.68 56.52
CA ALA A 909 -9.21 28.68 57.90
C ALA A 909 -7.76 29.13 57.97
N ALA A 910 -6.89 28.52 57.19
CA ALA A 910 -5.45 28.79 57.24
C ALA A 910 -5.01 29.88 56.29
N ALA A 911 -5.93 30.43 55.48
CA ALA A 911 -5.54 31.42 54.48
C ALA A 911 -4.97 32.67 55.14
N GLN A 912 -5.65 33.18 56.17
CA GLN A 912 -5.18 34.40 56.81
C GLN A 912 -3.83 34.20 57.46
N SER A 913 -3.64 33.06 58.13
CA SER A 913 -2.35 32.77 58.76
C SER A 913 -1.25 32.68 57.73
N PHE A 914 -1.50 31.97 56.62
CA PHE A 914 -0.49 31.87 55.57
C PHE A 914 -0.16 33.23 55.00
N TYR A 915 -1.18 34.06 54.76
CA TYR A 915 -0.93 35.41 54.28
C TYR A 915 -0.02 36.15 55.25
N GLN A 916 -0.46 36.31 56.49
CA GLN A 916 0.32 37.08 57.47
C GLN A 916 1.71 36.52 57.67
N THR A 917 1.93 35.25 57.37
CA THR A 917 3.25 34.65 57.60
C THR A 917 4.17 34.75 56.38
N TYR A 918 3.64 34.69 55.15
CA TYR A 918 4.49 34.52 53.98
C TYR A 918 4.20 35.45 52.82
N PHE A 919 3.16 36.28 52.88
CA PHE A 919 2.77 37.07 51.72
C PHE A 919 3.88 38.04 51.33
N CYS A 920 4.37 38.83 52.29
CA CYS A 920 5.39 39.82 51.98
C CYS A 920 6.68 39.15 51.54
N ASP A 921 7.05 38.03 52.17
CA ASP A 921 8.28 37.34 51.79
C ASP A 921 8.18 36.80 50.37
N ILE A 922 7.04 36.21 50.01
CA ILE A 922 6.86 35.70 48.66
C ILE A 922 6.89 36.84 47.66
N LEU A 923 6.26 37.97 47.99
CA LEU A 923 6.28 39.12 47.09
C LEU A 923 7.71 39.63 46.90
N GLN A 924 8.48 39.70 47.99
CA GLN A 924 9.84 40.17 47.90
C GLN A 924 10.68 39.26 47.01
N HIS A 925 10.54 37.94 47.18
CA HIS A 925 11.31 37.01 46.36
C HIS A 925 10.88 37.08 44.90
N ILE A 926 9.58 37.22 44.64
CA ILE A 926 9.10 37.32 43.27
C ILE A 926 9.64 38.57 42.61
N PHE A 927 9.65 39.69 43.33
CA PHE A 927 10.21 40.92 42.78
C PHE A 927 11.71 40.79 42.57
N SER A 928 12.40 40.08 43.46
CA SER A 928 13.84 39.90 43.28
C SER A 928 14.13 39.12 41.99
N VAL A 929 13.34 38.07 41.71
CA VAL A 929 13.57 37.33 40.47
C VAL A 929 13.09 38.13 39.26
N VAL A 930 12.03 38.91 39.41
CA VAL A 930 11.45 39.63 38.28
C VAL A 930 12.46 40.62 37.72
N THR A 931 13.12 41.38 38.59
CA THR A 931 14.08 42.38 38.18
C THR A 931 15.44 41.80 37.85
N ASP A 932 15.54 40.50 37.62
CA ASP A 932 16.78 39.84 37.23
C ASP A 932 16.69 39.46 35.76
N THR A 933 17.73 39.81 35.00
CA THR A 933 17.74 39.52 33.57
C THR A 933 17.77 38.02 33.29
N SER A 934 18.33 37.23 34.22
CA SER A 934 18.47 35.80 34.02
C SER A 934 17.15 35.05 34.14
N HIS A 935 16.09 35.69 34.63
CA HIS A 935 14.82 35.03 34.87
C HIS A 935 13.71 35.62 34.01
N THR A 936 14.07 36.17 32.85
CA THR A 936 13.07 36.75 31.95
C THR A 936 12.23 35.68 31.27
N ALA A 937 12.76 34.47 31.08
CA ALA A 937 12.01 33.43 30.38
C ALA A 937 10.71 33.08 31.12
N GLY A 938 10.68 33.28 32.43
CA GLY A 938 9.48 32.98 33.20
C GLY A 938 8.62 34.19 33.44
N LEU A 939 8.90 35.28 32.71
CA LEU A 939 8.20 36.54 32.97
C LEU A 939 6.70 36.35 33.00
N THR A 940 6.14 35.71 31.98
CA THR A 940 4.70 35.44 31.99
C THR A 940 4.24 34.96 33.36
N MET A 941 4.78 33.82 33.80
CA MET A 941 4.35 33.29 35.10
C MET A 941 4.52 34.33 36.19
N HIS A 942 5.71 34.95 36.26
CA HIS A 942 5.90 36.02 37.24
C HIS A 942 4.70 36.93 37.26
N ALA A 943 4.39 37.55 36.11
CA ALA A 943 3.29 38.50 36.06
C ALA A 943 2.03 37.88 36.63
N SER A 944 1.66 36.70 36.13
CA SER A 944 0.46 36.03 36.62
C SER A 944 0.46 36.02 38.15
N ILE A 945 1.50 35.43 38.75
CA ILE A 945 1.54 35.35 40.19
C ILE A 945 1.34 36.73 40.79
N LEU A 946 2.17 37.69 40.38
CA LEU A 946 2.06 39.03 40.93
C LEU A 946 0.64 39.54 40.76
N ALA A 947 0.10 39.45 39.54
CA ALA A 947 -1.25 39.94 39.33
C ALA A 947 -2.20 39.33 40.33
N TYR A 948 -2.20 38.00 40.42
CA TYR A 948 -3.08 37.33 41.37
C TYR A 948 -2.89 37.91 42.76
N MET A 949 -1.64 37.96 43.23
CA MET A 949 -1.39 38.46 44.58
C MET A 949 -2.02 39.84 44.75
N PHE A 950 -1.76 40.74 43.81
CA PHE A 950 -2.27 42.10 43.98
C PHE A 950 -3.79 42.11 43.93
N ASN A 951 -4.39 41.31 43.06
CA ASN A 951 -5.85 41.21 43.08
C ASN A 951 -6.31 40.73 44.45
N LEU A 952 -5.62 39.73 45.00
CA LEU A 952 -5.96 39.24 46.33
C LEU A 952 -5.91 40.36 47.36
N VAL A 953 -4.99 41.32 47.17
CA VAL A 953 -4.84 42.38 48.14
C VAL A 953 -5.81 43.52 47.84
N GLU A 954 -6.33 43.59 46.62
CA GLU A 954 -7.20 44.71 46.25
C GLU A 954 -8.67 44.36 46.47
N GLU A 955 -9.05 43.11 46.27
CA GLU A 955 -10.44 42.72 46.49
C GLU A 955 -10.81 42.76 47.97
N GLY A 956 -9.85 42.50 48.86
CA GLY A 956 -10.11 42.43 50.27
C GLY A 956 -10.08 41.03 50.86
N LYS A 957 -9.54 40.05 50.14
CA LYS A 957 -9.50 38.68 50.65
C LYS A 957 -8.69 38.61 51.94
N ILE A 958 -7.57 39.32 52.01
CA ILE A 958 -6.78 39.39 53.23
C ILE A 958 -7.52 40.28 54.21
N SER A 959 -8.25 39.68 55.15
CA SER A 959 -9.07 40.41 56.10
C SER A 959 -8.29 40.83 57.34
N THR A 960 -7.02 40.47 57.45
CA THR A 960 -6.17 40.84 58.58
C THR A 960 -5.03 41.72 58.08
N SER A 961 -4.82 42.84 58.76
CA SER A 961 -3.78 43.77 58.36
C SER A 961 -2.41 43.11 58.45
N LEU A 962 -1.56 43.38 57.46
CA LEU A 962 -0.22 42.83 57.42
C LEU A 962 0.77 43.64 58.26
N ASN A 963 0.31 44.68 58.94
CA ASN A 963 1.14 45.49 59.84
C ASN A 963 0.42 45.53 61.19
N PRO A 964 0.57 44.50 62.03
CA PRO A 964 -0.17 44.47 63.30
C PRO A 964 0.05 45.72 64.15
N GLY A 965 1.27 46.24 64.18
CA GLY A 965 1.52 47.44 64.98
C GLY A 965 0.70 48.62 64.50
N ASN A 966 0.59 48.80 63.18
CA ASN A 966 -0.14 49.91 62.59
C ASN A 966 -1.31 49.36 61.78
N PRO A 967 -2.53 49.34 62.32
CA PRO A 967 -3.67 48.80 61.56
C PRO A 967 -4.06 49.70 60.39
N VAL A 968 -3.22 49.71 59.35
CA VAL A 968 -3.45 50.53 58.18
C VAL A 968 -4.12 49.68 57.10
N ASN A 969 -4.75 50.35 56.14
CA ASN A 969 -5.38 49.64 55.04
C ASN A 969 -4.36 48.78 54.31
N ASN A 970 -4.78 47.57 53.92
CA ASN A 970 -3.86 46.63 53.31
C ASN A 970 -3.28 47.18 52.02
N GLN A 971 -4.12 47.81 51.18
CA GLN A 971 -3.66 48.31 49.90
C GLN A 971 -2.59 49.39 50.08
N ILE A 972 -2.83 50.34 50.99
CA ILE A 972 -1.88 51.41 51.23
C ILE A 972 -0.59 50.85 51.79
N PHE A 973 -0.69 49.93 52.75
CA PHE A 973 0.51 49.34 53.33
C PHE A 973 1.33 48.63 52.28
N LEU A 974 0.68 47.87 51.40
CA LEU A 974 1.39 47.16 50.35
C LEU A 974 2.02 48.11 49.35
N GLN A 975 1.31 49.19 49.00
CA GLN A 975 1.88 50.21 48.14
C GLN A 975 3.19 50.72 48.73
N GLU A 976 3.15 51.14 50.00
CA GLU A 976 4.35 51.67 50.64
C GLU A 976 5.45 50.62 50.72
N TYR A 977 5.08 49.38 51.06
CA TYR A 977 6.07 48.33 51.22
C TYR A 977 6.79 48.05 49.91
N VAL A 978 6.04 47.89 48.82
CA VAL A 978 6.65 47.60 47.53
C VAL A 978 7.47 48.79 47.05
N ALA A 979 6.96 50.01 47.25
CA ALA A 979 7.72 51.19 46.84
C ALA A 979 9.05 51.25 47.56
N ASN A 980 9.04 51.04 48.88
CA ASN A 980 10.28 51.08 49.64
C ASN A 980 11.22 49.96 49.22
N LEU A 981 10.69 48.76 48.99
CA LEU A 981 11.53 47.64 48.58
C LEU A 981 12.21 47.94 47.25
N LEU A 982 11.46 48.43 46.27
CA LEU A 982 12.05 48.76 44.98
C LEU A 982 13.06 49.90 45.10
N LYS A 983 12.74 50.93 45.90
CA LYS A 983 13.66 52.04 46.06
C LYS A 983 14.98 51.58 46.68
N SER A 984 14.91 50.71 47.69
CA SER A 984 16.13 50.18 48.29
C SER A 984 16.90 49.32 47.30
N ALA A 985 16.19 48.49 46.53
CA ALA A 985 16.87 47.63 45.56
C ALA A 985 17.56 48.44 44.47
N PHE A 986 16.90 49.51 43.99
CA PHE A 986 17.42 50.34 42.90
C PHE A 986 17.39 51.79 43.35
N PRO A 987 18.42 52.25 44.07
CA PRO A 987 18.39 53.62 44.59
C PRO A 987 18.33 54.68 43.52
N HIS A 988 18.86 54.42 42.32
CA HIS A 988 18.91 55.43 41.28
C HIS A 988 17.56 55.75 40.68
N LEU A 989 16.52 54.97 40.99
CA LEU A 989 15.19 55.25 40.47
C LEU A 989 14.64 56.53 41.10
N GLN A 990 13.73 57.17 40.38
CA GLN A 990 13.05 58.36 40.87
C GLN A 990 11.76 57.97 41.59
N ASP A 991 11.33 58.85 42.51
CA ASP A 991 10.12 58.55 43.28
C ASP A 991 8.90 58.46 42.38
N ALA A 992 8.81 59.35 41.38
CA ALA A 992 7.67 59.30 40.46
C ALA A 992 7.66 57.99 39.68
N GLN A 993 8.82 57.52 39.25
CA GLN A 993 8.89 56.25 38.53
C GLN A 993 8.34 55.11 39.37
N VAL A 994 8.80 55.00 40.62
CA VAL A 994 8.35 53.93 41.50
C VAL A 994 6.87 54.06 41.80
N LYS A 995 6.40 55.28 42.03
CA LYS A 995 4.98 55.48 42.32
C LYS A 995 4.12 55.03 41.14
N LEU A 996 4.52 55.40 39.92
CA LEU A 996 3.77 54.98 38.74
C LEU A 996 3.82 53.47 38.58
N PHE A 997 4.98 52.86 38.81
CA PHE A 997 5.09 51.41 38.68
C PHE A 997 4.17 50.70 39.66
N VAL A 998 4.13 51.16 40.92
CA VAL A 998 3.28 50.53 41.92
C VAL A 998 1.81 50.74 41.58
N THR A 999 1.45 51.94 41.13
CA THR A 999 0.06 52.19 40.74
C THR A 999 -0.35 51.28 39.60
N GLY A 1000 0.53 51.07 38.63
CA GLY A 1000 0.23 50.13 37.56
C GLY A 1000 0.09 48.70 38.06
N LEU A 1001 0.98 48.30 38.97
CA LEU A 1001 0.85 46.98 39.57
C LEU A 1001 -0.52 46.79 40.20
N PHE A 1002 -1.00 47.81 40.92
CA PHE A 1002 -2.29 47.73 41.58
C PHE A 1002 -3.45 48.01 40.64
N SER A 1003 -3.19 48.43 39.41
CA SER A 1003 -4.24 48.78 38.45
C SER A 1003 -4.36 47.80 37.30
N LEU A 1004 -3.26 47.19 36.85
CA LEU A 1004 -3.26 46.26 35.73
C LEU A 1004 -3.33 44.81 36.18
N ASN A 1005 -3.76 44.57 37.43
CA ASN A 1005 -3.74 43.22 37.99
C ASN A 1005 -4.75 42.29 37.34
N GLN A 1006 -5.68 42.81 36.54
CA GLN A 1006 -6.67 41.98 35.85
C GLN A 1006 -6.42 41.91 34.36
N ASP A 1007 -5.24 42.31 33.90
CA ASP A 1007 -4.88 42.28 32.47
C ASP A 1007 -3.45 41.75 32.39
N ILE A 1008 -3.32 40.43 32.22
CA ILE A 1008 -1.99 39.80 32.26
C ILE A 1008 -1.08 40.31 31.15
N PRO A 1009 -1.53 40.43 29.89
CA PRO A 1009 -0.63 41.01 28.87
C PRO A 1009 -0.15 42.40 29.22
N ALA A 1010 -1.06 43.27 29.69
CA ALA A 1010 -0.65 44.60 30.09
C ALA A 1010 0.25 44.56 31.31
N PHE A 1011 0.00 43.64 32.24
CA PHE A 1011 0.87 43.50 33.41
C PHE A 1011 2.28 43.11 32.99
N LYS A 1012 2.39 42.18 32.04
CA LYS A 1012 3.71 41.76 31.56
C LYS A 1012 4.42 42.89 30.83
N GLU A 1013 3.67 43.66 30.03
CA GLU A 1013 4.28 44.80 29.35
C GLU A 1013 4.76 45.84 30.36
N HIS A 1014 3.97 46.06 31.42
CA HIS A 1014 4.37 46.98 32.48
C HIS A 1014 5.64 46.48 33.17
N LEU A 1015 5.73 45.18 33.43
CA LEU A 1015 6.92 44.63 34.06
C LEU A 1015 8.13 44.77 33.14
N ARG A 1016 7.96 44.57 31.84
CA ARG A 1016 9.06 44.76 30.90
C ARG A 1016 9.49 46.23 30.87
N ASP A 1017 8.52 47.15 30.89
CA ASP A 1017 8.85 48.57 30.95
C ASP A 1017 9.69 48.88 32.18
N PHE A 1018 9.28 48.35 33.34
CA PHE A 1018 10.05 48.58 34.56
C PHE A 1018 11.44 47.96 34.45
N LEU A 1019 11.54 46.78 33.86
CA LEU A 1019 12.83 46.11 33.73
C LEU A 1019 13.79 46.92 32.87
N VAL A 1020 13.28 47.51 31.78
CA VAL A 1020 14.15 48.36 30.97
C VAL A 1020 14.46 49.66 31.70
N GLN A 1021 13.50 50.19 32.47
CA GLN A 1021 13.72 51.45 33.17
C GLN A 1021 14.84 51.32 34.21
N ILE A 1022 14.82 50.24 34.99
CA ILE A 1022 15.78 50.10 36.08
C ILE A 1022 17.21 49.94 35.59
N LYS A 1023 17.42 49.76 34.29
CA LYS A 1023 18.75 49.62 33.72
C LYS A 1023 19.32 50.95 33.24
N GLU A 1024 18.56 52.03 33.30
CA GLU A 1024 18.99 53.35 32.82
C GLU A 1024 18.90 54.36 33.95
N PHE A 1025 19.91 55.23 34.04
CA PHE A 1025 19.96 56.28 35.06
C PHE A 1025 19.27 57.52 34.50
N ALA A 1026 18.00 57.70 34.87
CA ALA A 1026 17.22 58.82 34.37
C ALA A 1026 17.51 60.13 35.09
N GLY A 1027 18.32 60.11 36.14
CA GLY A 1027 18.63 61.34 36.85
C GLY A 1027 17.36 62.00 37.35
N GLU A 1028 17.27 63.31 37.11
CA GLU A 1028 16.09 64.09 37.49
C GLU A 1028 15.25 64.48 36.28
N ASP A 1029 15.55 63.94 35.10
CA ASP A 1029 14.81 64.27 33.89
C ASP A 1029 13.53 63.45 33.84
N THR A 1030 12.39 64.15 33.80
CA THR A 1030 11.08 63.50 33.72
C THR A 1030 10.43 63.63 32.35
N SER A 1031 11.15 64.18 31.37
CA SER A 1031 10.57 64.36 30.05
C SER A 1031 10.42 63.03 29.32
N ASP A 1032 11.46 62.20 29.36
CA ASP A 1032 11.43 60.92 28.65
C ASP A 1032 10.52 59.89 29.33
N LEU A 1033 10.09 60.14 30.57
CA LEU A 1033 9.25 59.18 31.27
C LEU A 1033 7.80 59.22 30.77
N PHE A 1034 7.39 60.33 30.15
CA PHE A 1034 6.01 60.47 29.68
C PHE A 1034 5.02 60.13 30.79
N LEU A 1035 5.28 60.68 31.97
CA LEU A 1035 4.47 60.35 33.14
C LEU A 1035 2.99 60.58 32.88
N GLU A 1036 2.65 61.63 32.14
CA GLU A 1036 1.25 61.94 31.89
C GLU A 1036 0.59 60.87 31.03
N GLU A 1037 1.24 60.47 29.94
CA GLU A 1037 0.65 59.45 29.07
C GLU A 1037 0.56 58.11 29.77
N ARG A 1038 1.60 57.73 30.51
CA ARG A 1038 1.57 56.46 31.24
C ARG A 1038 0.46 56.48 32.30
N GLU A 1039 0.31 57.59 33.01
CA GLU A 1039 -0.74 57.70 34.01
C GLU A 1039 -2.12 57.63 33.36
N ILE A 1040 -2.28 58.26 32.20
CA ILE A 1040 -3.56 58.19 31.49
C ILE A 1040 -3.86 56.77 31.08
N ALA A 1041 -2.86 56.04 30.58
CA ALA A 1041 -3.06 54.65 30.21
C ALA A 1041 -3.45 53.80 31.41
N LEU A 1042 -2.76 54.01 32.55
CA LEU A 1042 -3.09 53.27 33.75
C LEU A 1042 -4.50 53.57 34.22
N ARG A 1043 -4.91 54.84 34.15
CA ARG A 1043 -6.26 55.21 34.55
C ARG A 1043 -7.30 54.58 33.64
N GLN A 1044 -7.02 54.54 32.33
CA GLN A 1044 -7.95 53.89 31.40
C GLN A 1044 -8.06 52.40 31.70
N ALA A 1045 -6.92 51.74 31.99
CA ALA A 1045 -6.96 50.33 32.35
C ALA A 1045 -7.75 50.12 33.63
N ASP A 1046 -7.56 50.99 34.61
CA ASP A 1046 -8.32 50.89 35.86
C ASP A 1046 -9.81 51.02 35.60
N GLU A 1047 -10.20 51.98 34.75
CA GLU A 1047 -11.61 52.16 34.43
C GLU A 1047 -12.18 50.95 33.71
N GLU A 1048 -11.43 50.39 32.76
CA GLU A 1048 -11.89 49.21 32.06
C GLU A 1048 -12.06 48.02 33.01
N LYS A 1049 -11.10 47.84 33.91
CA LYS A 1049 -11.19 46.75 34.89
C LYS A 1049 -12.38 46.95 35.82
N HIS A 1050 -12.61 48.20 36.25
CA HIS A 1050 -13.77 48.48 37.11
C HIS A 1050 -15.07 48.18 36.37
N LYS A 1051 -15.15 48.57 35.09
CA LYS A 1051 -16.35 48.29 34.31
C LYS A 1051 -16.56 46.78 34.16
N ARG A 1052 -15.49 46.04 33.90
CA ARG A 1052 -15.60 44.59 33.82
C ARG A 1052 -16.08 44.00 35.15
N GLN A 1053 -15.56 44.52 36.26
CA GLN A 1053 -16.02 44.06 37.57
C GLN A 1053 -17.50 44.32 37.75
N MET A 1054 -17.96 45.51 37.36
CA MET A 1054 -19.38 45.85 37.50
C MET A 1054 -20.25 44.91 36.65
N SER A 1055 -19.80 44.61 35.43
CA SER A 1055 -20.55 43.73 34.55
C SER A 1055 -20.65 42.33 35.15
N GLN B 8 47.87 24.37 7.58
CA GLN B 8 46.59 23.72 7.91
C GLN B 8 45.47 24.76 7.96
N VAL B 9 44.34 24.43 7.35
CA VAL B 9 43.21 25.35 7.30
C VAL B 9 42.48 25.32 8.64
N GLN B 10 42.22 26.50 9.19
CA GLN B 10 41.48 26.63 10.44
C GLN B 10 40.63 27.88 10.36
N PHE B 11 39.35 27.75 10.67
CA PHE B 11 38.38 28.83 10.62
C PHE B 11 37.98 29.25 12.03
N LYS B 12 37.19 30.31 12.10
CA LYS B 12 36.63 30.80 13.35
C LYS B 12 35.12 30.63 13.31
N LEU B 13 34.60 29.88 14.28
CA LEU B 13 33.18 29.67 14.44
C LEU B 13 32.71 30.38 15.69
N VAL B 14 31.62 31.12 15.59
CA VAL B 14 31.03 31.83 16.71
C VAL B 14 29.69 31.16 17.03
N LEU B 15 29.57 30.64 18.25
CA LEU B 15 28.37 29.94 18.70
C LEU B 15 27.63 30.85 19.66
N VAL B 16 26.42 31.27 19.28
CA VAL B 16 25.65 32.22 20.05
C VAL B 16 24.26 31.63 20.28
N GLY B 17 23.54 32.22 21.21
CA GLY B 17 22.21 31.76 21.57
C GLY B 17 21.91 32.07 23.02
N ASP B 18 20.64 31.84 23.38
CA ASP B 18 20.21 32.13 24.73
C ASP B 18 20.92 31.24 25.74
N GLY B 19 20.75 31.58 27.02
CA GLY B 19 21.35 30.78 28.07
C GLY B 19 20.66 29.45 28.27
N GLY B 20 21.46 28.43 28.55
CA GLY B 20 20.92 27.11 28.77
C GLY B 20 20.26 26.51 27.55
N THR B 21 20.83 26.72 26.37
CA THR B 21 20.33 26.12 25.13
C THR B 21 21.13 24.90 24.71
N GLY B 22 22.37 24.76 25.18
CA GLY B 22 23.16 23.59 24.90
C GLY B 22 24.44 23.87 24.15
N LYS B 23 24.84 25.14 24.08
CA LYS B 23 26.04 25.50 23.34
C LYS B 23 27.28 24.84 23.93
N THR B 24 27.49 25.02 25.24
CA THR B 24 28.63 24.40 25.90
C THR B 24 28.50 22.88 25.88
N THR B 25 27.29 22.36 26.12
CA THR B 25 27.10 20.91 26.07
C THR B 25 27.41 20.37 24.68
N PHE B 26 26.93 21.06 23.63
CA PHE B 26 27.21 20.64 22.27
C PHE B 26 28.71 20.62 21.99
N VAL B 27 29.40 21.71 22.34
CA VAL B 27 30.84 21.78 22.07
C VAL B 27 31.58 20.71 22.85
N LYS B 28 31.20 20.49 24.11
CA LYS B 28 31.88 19.49 24.92
C LYS B 28 31.65 18.08 24.41
N ARG B 29 30.42 17.80 23.94
CA ARG B 29 30.15 16.49 23.37
C ARG B 29 30.98 16.27 22.12
N HIS B 30 31.15 17.31 21.30
CA HIS B 30 32.01 17.17 20.13
C HIS B 30 33.48 17.01 20.53
N LEU B 31 33.89 17.68 21.60
CA LEU B 31 35.30 17.67 22.00
C LEU B 31 35.70 16.35 22.62
N THR B 32 34.86 15.79 23.49
CA THR B 32 35.20 14.60 24.25
C THR B 32 34.19 13.47 24.13
N GLY B 33 32.95 13.74 23.71
CA GLY B 33 31.94 12.72 23.59
C GLY B 33 31.09 12.51 24.82
N GLU B 34 31.39 13.20 25.92
CA GLU B 34 30.66 13.04 27.17
C GLU B 34 29.58 14.09 27.28
N PHE B 35 28.37 13.67 27.63
CA PHE B 35 27.24 14.57 27.81
C PHE B 35 27.26 15.15 29.22
N GLU B 36 27.05 16.46 29.32
CA GLU B 36 27.04 17.16 30.59
C GLU B 36 25.61 17.46 31.00
N LYS B 37 25.23 17.03 32.20
CA LYS B 37 23.85 17.12 32.66
C LYS B 37 23.58 18.37 33.49
N LYS B 38 24.61 19.05 33.99
CA LYS B 38 24.44 20.20 34.86
C LYS B 38 24.67 21.49 34.07
N TYR B 39 23.84 22.49 34.35
CA TYR B 39 23.90 23.78 33.65
C TYR B 39 24.83 24.71 34.42
N VAL B 40 26.06 24.84 33.92
CA VAL B 40 27.05 25.76 34.49
C VAL B 40 27.20 26.89 33.47
N ALA B 41 26.64 28.05 33.78
CA ALA B 41 26.64 29.16 32.84
C ALA B 41 28.06 29.56 32.46
N THR B 42 28.26 29.86 31.18
CA THR B 42 29.55 30.32 30.69
C THR B 42 29.75 31.79 31.03
N LEU B 43 30.99 32.13 31.37
CA LEU B 43 31.37 33.50 31.74
C LEU B 43 32.22 34.07 30.61
N GLY B 44 31.61 34.91 29.77
CA GLY B 44 32.32 35.51 28.66
C GLY B 44 32.33 34.63 27.43
N VAL B 45 33.47 33.99 27.16
CA VAL B 45 33.60 33.14 25.99
C VAL B 45 34.67 32.09 26.28
N GLU B 46 34.48 30.91 25.70
CA GLU B 46 35.45 29.83 25.75
C GLU B 46 35.81 29.41 24.34
N VAL B 47 37.10 29.32 24.06
CA VAL B 47 37.59 28.96 22.72
C VAL B 47 37.98 27.49 22.75
N HIS B 48 37.38 26.71 21.86
CA HIS B 48 37.57 25.27 21.82
C HIS B 48 37.93 24.86 20.40
N PRO B 49 39.09 24.23 20.16
CA PRO B 49 39.39 23.75 18.81
C PRO B 49 38.82 22.37 18.52
N LEU B 50 37.91 22.29 17.55
CA LEU B 50 37.42 21.03 17.03
C LEU B 50 38.16 20.70 15.73
N VAL B 51 38.46 19.43 15.53
CA VAL B 51 39.16 18.98 14.33
C VAL B 51 38.34 17.86 13.69
N PHE B 52 37.89 18.09 12.46
CA PHE B 52 37.24 17.07 11.66
C PHE B 52 38.20 16.62 10.56
N HIS B 53 37.95 15.43 10.04
CA HIS B 53 38.77 14.85 8.97
C HIS B 53 37.87 14.58 7.79
N THR B 54 38.01 15.37 6.73
CA THR B 54 37.22 15.21 5.53
C THR B 54 37.99 14.34 4.54
N ASN B 55 37.38 14.10 3.38
CA ASN B 55 38.05 13.34 2.34
C ASN B 55 39.24 14.08 1.74
N ARG B 56 39.40 15.37 2.03
CA ARG B 56 40.49 16.18 1.50
C ARG B 56 41.21 16.92 2.61
N GLY B 57 41.54 16.20 3.68
CA GLY B 57 42.38 16.73 4.74
C GLY B 57 41.62 17.07 6.01
N PRO B 58 42.35 17.56 7.01
CA PRO B 58 41.71 18.00 8.26
C PRO B 58 41.26 19.45 8.21
N ILE B 59 40.16 19.71 8.91
CA ILE B 59 39.56 21.04 8.99
C ILE B 59 39.36 21.37 10.47
N LYS B 60 39.81 22.54 10.88
CA LYS B 60 39.76 22.97 12.27
C LYS B 60 38.75 24.10 12.43
N PHE B 61 37.84 23.94 13.39
CA PHE B 61 36.88 24.96 13.77
C PHE B 61 37.26 25.46 15.16
N ASN B 62 37.67 26.71 15.26
CA ASN B 62 37.95 27.33 16.55
C ASN B 62 36.64 27.92 17.07
N VAL B 63 35.87 27.09 17.77
CA VAL B 63 34.56 27.50 18.23
C VAL B 63 34.69 28.49 19.37
N TRP B 64 34.02 29.63 19.24
CA TRP B 64 33.97 30.64 20.30
C TRP B 64 32.61 30.53 20.99
N ASP B 65 32.53 29.60 21.95
CA ASP B 65 31.30 29.39 22.70
C ASP B 65 31.08 30.58 23.62
N THR B 66 30.09 31.42 23.30
CA THR B 66 29.83 32.63 24.06
C THR B 66 28.78 32.39 25.14
N ALA B 67 28.68 33.33 26.06
CA ALA B 67 27.71 33.26 27.14
C ALA B 67 26.37 33.84 26.68
N GLY B 68 25.31 33.07 26.85
CA GLY B 68 23.97 33.49 26.46
C GLY B 68 23.23 34.30 27.49
N LEU B 69 23.82 34.56 28.65
CA LEU B 69 23.19 35.34 29.69
C LEU B 69 23.76 36.76 29.70
N GLU B 70 22.87 37.74 29.88
CA GLU B 70 23.29 39.14 29.83
C GLU B 70 24.29 39.46 30.93
N LYS B 71 24.08 38.91 32.13
CA LYS B 71 24.95 39.23 33.25
C LYS B 71 26.40 38.85 32.97
N PHE B 72 26.60 37.68 32.35
CA PHE B 72 27.94 37.20 32.01
C PHE B 72 28.23 37.33 30.52
N GLY B 73 27.54 38.26 29.84
CA GLY B 73 27.74 38.39 28.40
C GLY B 73 29.17 38.71 28.02
N GLY B 74 29.83 39.58 28.79
CA GLY B 74 31.20 39.95 28.51
C GLY B 74 31.31 40.94 27.37
N LEU B 75 32.33 40.76 26.52
CA LEU B 75 32.52 41.66 25.39
C LEU B 75 31.39 41.57 24.38
N ARG B 76 30.68 40.45 24.32
CA ARG B 76 29.57 40.28 23.39
C ARG B 76 30.04 40.45 21.95
N ASP B 77 29.68 41.57 21.32
CA ASP B 77 30.00 41.76 19.91
C ASP B 77 31.49 41.75 19.64
N GLY B 78 32.31 41.98 20.67
CA GLY B 78 33.75 41.91 20.48
C GLY B 78 34.24 40.53 20.08
N TYR B 79 33.46 39.49 20.38
CA TYR B 79 33.85 38.14 20.00
C TYR B 79 33.61 37.87 18.52
N TYR B 80 32.60 38.50 17.93
CA TYR B 80 32.22 38.23 16.55
C TYR B 80 33.23 38.75 15.54
N ILE B 81 34.16 39.61 15.95
CA ILE B 81 35.06 40.24 14.99
C ILE B 81 35.91 39.18 14.32
N GLN B 82 36.02 39.27 12.99
CA GLN B 82 36.80 38.35 12.17
C GLN B 82 36.26 36.92 12.22
N ALA B 83 35.00 36.75 12.59
CA ALA B 83 34.39 35.43 12.57
C ALA B 83 34.15 34.99 11.13
N GLN B 84 34.37 33.70 10.87
CA GLN B 84 34.19 33.13 9.54
C GLN B 84 32.88 32.37 9.39
N CYS B 85 32.35 31.81 10.47
CA CYS B 85 31.07 31.11 10.42
C CYS B 85 30.38 31.24 11.76
N ALA B 86 29.07 30.97 11.78
CA ALA B 86 28.34 31.13 13.03
C ALA B 86 27.24 30.09 13.15
N ILE B 87 26.96 29.71 14.39
CA ILE B 87 25.83 28.86 14.74
C ILE B 87 25.00 29.59 15.79
N ILE B 88 23.73 29.82 15.48
CA ILE B 88 22.77 30.37 16.42
C ILE B 88 21.92 29.23 16.93
N MET B 89 22.03 28.94 18.23
CA MET B 89 21.36 27.81 18.85
C MET B 89 20.19 28.29 19.69
N PHE B 90 19.06 27.59 19.57
CA PHE B 90 17.91 27.82 20.43
C PHE B 90 17.41 26.48 20.93
N ASP B 91 16.45 26.54 21.84
CA ASP B 91 15.91 25.36 22.52
C ASP B 91 14.46 25.17 22.08
N VAL B 92 14.16 24.00 21.53
CA VAL B 92 12.79 23.73 21.06
C VAL B 92 11.82 23.51 22.21
N THR B 93 12.30 23.42 23.44
CA THR B 93 11.45 23.28 24.61
C THR B 93 11.14 24.61 25.28
N SER B 94 11.65 25.72 24.74
CA SER B 94 11.39 27.04 25.30
C SER B 94 11.20 28.01 24.15
N ARG B 95 9.97 28.52 24.00
CA ARG B 95 9.67 29.41 22.89
C ARG B 95 10.46 30.70 22.95
N VAL B 96 10.81 31.15 24.15
CA VAL B 96 11.52 32.43 24.30
C VAL B 96 12.89 32.34 23.65
N THR B 97 13.55 31.18 23.73
CA THR B 97 14.86 31.03 23.11
C THR B 97 14.79 31.22 21.60
N TYR B 98 13.75 30.68 20.97
CA TYR B 98 13.58 30.89 19.54
C TYR B 98 13.19 32.34 19.24
N LYS B 99 12.33 32.92 20.07
CA LYS B 99 11.90 34.30 19.86
C LYS B 99 13.06 35.28 19.91
N ASN B 100 14.17 34.91 20.54
CA ASN B 100 15.35 35.75 20.62
C ASN B 100 16.34 35.48 19.51
N VAL B 101 16.05 34.54 18.60
CA VAL B 101 16.95 34.29 17.48
C VAL B 101 17.14 35.54 16.64
N PRO B 102 16.10 36.32 16.32
CA PRO B 102 16.33 37.54 15.55
C PRO B 102 17.34 38.49 16.18
N ASN B 103 17.35 38.60 17.51
CA ASN B 103 18.29 39.51 18.17
C ASN B 103 19.72 39.01 18.02
N TRP B 104 19.96 37.72 18.23
CA TRP B 104 21.31 37.19 18.04
C TRP B 104 21.75 37.33 16.59
N HIS B 105 20.84 37.09 15.64
CA HIS B 105 21.17 37.27 14.23
C HIS B 105 21.52 38.71 13.93
N ARG B 106 20.75 39.66 14.46
CA ARG B 106 21.01 41.08 14.24
C ARG B 106 22.38 41.46 14.78
N ASP B 107 22.68 41.05 16.01
CA ASP B 107 23.99 41.37 16.58
C ASP B 107 25.10 40.74 15.76
N LEU B 108 24.87 39.56 15.22
CA LEU B 108 25.92 38.85 14.49
C LEU B 108 26.20 39.49 13.14
N VAL B 109 25.14 39.82 12.38
CA VAL B 109 25.34 40.34 11.03
C VAL B 109 26.01 41.69 11.05
N ARG B 110 25.70 42.52 12.05
CA ARG B 110 26.26 43.86 12.09
C ARG B 110 27.78 43.84 12.16
N VAL B 111 28.37 42.76 12.66
CA VAL B 111 29.82 42.64 12.76
C VAL B 111 30.35 41.80 11.62
N CYS B 112 29.54 40.84 11.15
CA CYS B 112 29.90 39.95 10.05
C CYS B 112 28.87 40.15 8.95
N GLU B 113 29.27 40.85 7.88
CA GLU B 113 28.31 41.25 6.86
C GLU B 113 27.64 40.04 6.21
N ASN B 114 28.44 39.09 5.73
CA ASN B 114 27.91 37.91 5.04
C ASN B 114 28.80 36.72 5.39
N ILE B 115 28.33 35.88 6.30
CA ILE B 115 29.04 34.65 6.67
C ILE B 115 28.04 33.52 6.73
N PRO B 116 28.52 32.27 6.57
CA PRO B 116 27.63 31.12 6.74
C PRO B 116 27.07 31.07 8.15
N ILE B 117 25.77 30.88 8.25
CA ILE B 117 25.07 30.85 9.54
C ILE B 117 24.14 29.65 9.57
N VAL B 118 24.27 28.84 10.63
CA VAL B 118 23.41 27.68 10.85
C VAL B 118 22.54 27.96 12.07
N LEU B 119 21.23 27.83 11.88
CA LEU B 119 20.27 27.93 12.97
C LEU B 119 19.97 26.52 13.48
N CYS B 120 20.38 26.25 14.71
CA CYS B 120 20.26 24.92 15.31
C CYS B 120 19.17 24.95 16.38
N GLY B 121 18.27 23.97 16.32
CA GLY B 121 17.28 23.78 17.36
C GLY B 121 17.60 22.56 18.21
N ASN B 122 18.13 22.78 19.40
CA ASN B 122 18.64 21.70 20.25
C ASN B 122 17.53 21.15 21.14
N LYS B 123 17.82 19.98 21.72
CA LYS B 123 16.93 19.33 22.68
C LYS B 123 15.66 18.82 21.99
N VAL B 124 15.81 18.26 20.79
CA VAL B 124 14.67 17.68 20.09
C VAL B 124 14.31 16.30 20.61
N ASP B 125 15.15 15.71 21.47
CA ASP B 125 14.86 14.40 22.03
C ASP B 125 13.77 14.48 23.08
N ILE B 126 13.61 15.63 23.75
CA ILE B 126 12.58 15.75 24.78
C ILE B 126 11.21 15.57 24.15
N LYS B 127 10.36 14.80 24.84
CA LYS B 127 9.04 14.51 24.30
C LYS B 127 8.20 15.77 24.14
N ASP B 128 8.25 16.67 25.13
CA ASP B 128 7.44 17.89 25.11
C ASP B 128 8.19 18.95 24.31
N ARG B 129 7.78 19.14 23.06
CA ARG B 129 8.39 20.12 22.16
C ARG B 129 7.52 21.38 22.15
N LYS B 130 8.13 22.52 22.49
CA LYS B 130 7.39 23.77 22.54
C LYS B 130 7.47 24.53 21.22
N VAL B 131 8.63 24.53 20.58
CA VAL B 131 8.81 25.16 19.29
C VAL B 131 8.56 24.08 18.24
N LYS B 132 7.37 24.09 17.65
CA LYS B 132 7.03 23.11 16.64
C LYS B 132 7.89 23.31 15.39
N ALA B 133 8.12 22.21 14.67
CA ALA B 133 8.93 22.27 13.46
C ALA B 133 8.30 23.15 12.39
N LYS B 134 6.99 23.37 12.45
CA LYS B 134 6.30 24.20 11.47
C LYS B 134 6.41 25.69 11.78
N SER B 135 6.86 26.06 12.98
CA SER B 135 6.96 27.46 13.37
C SER B 135 8.35 28.04 13.19
N ILE B 136 9.31 27.24 12.72
CA ILE B 136 10.70 27.67 12.60
C ILE B 136 10.89 28.11 11.14
N VAL B 137 10.73 29.41 10.91
CA VAL B 137 10.73 29.95 9.55
C VAL B 137 11.66 31.16 9.47
N PHE B 138 12.39 31.46 10.55
CA PHE B 138 13.27 32.63 10.54
C PHE B 138 14.37 32.48 9.50
N HIS B 139 14.95 31.27 9.40
CA HIS B 139 16.08 31.05 8.51
C HIS B 139 15.75 31.27 7.04
N ARG B 140 14.46 31.24 6.68
CA ARG B 140 14.10 31.27 5.26
C ARG B 140 14.52 32.58 4.60
N LYS B 141 13.99 33.70 5.08
CA LYS B 141 14.29 34.99 4.47
C LYS B 141 15.71 35.45 4.74
N LYS B 142 16.43 34.82 5.65
CA LYS B 142 17.78 35.22 6.02
C LYS B 142 18.86 34.35 5.41
N ASN B 143 18.49 33.34 4.62
CA ASN B 143 19.45 32.46 3.97
C ASN B 143 20.35 31.75 4.97
N LEU B 144 19.78 31.32 6.09
CA LEU B 144 20.47 30.51 7.08
C LEU B 144 20.08 29.05 6.91
N GLN B 145 21.00 28.15 7.28
CA GLN B 145 20.74 26.73 7.17
C GLN B 145 20.19 26.22 8.49
N TYR B 146 18.97 25.69 8.48
CA TYR B 146 18.35 25.20 9.70
C TYR B 146 18.62 23.72 9.91
N TYR B 147 18.86 23.34 11.17
CA TYR B 147 19.07 21.95 11.53
C TYR B 147 18.46 21.66 12.90
N ASP B 148 17.76 20.53 12.99
CA ASP B 148 17.33 19.96 14.27
C ASP B 148 18.45 19.09 14.80
N ILE B 149 18.92 19.38 16.01
CA ILE B 149 20.03 18.64 16.60
C ILE B 149 19.65 18.19 18.01
N SER B 150 20.52 17.39 18.60
CA SER B 150 20.33 16.91 19.96
C SER B 150 21.70 16.54 20.51
N ALA B 151 22.20 17.33 21.46
CA ALA B 151 23.48 17.00 22.09
C ALA B 151 23.38 15.75 22.93
N LYS B 152 22.24 15.52 23.59
CA LYS B 152 22.08 14.33 24.41
C LYS B 152 22.14 13.06 23.58
N SER B 153 21.33 12.99 22.52
CA SER B 153 21.18 11.78 21.73
C SER B 153 22.08 11.74 20.51
N ASN B 154 22.91 12.77 20.29
CA ASN B 154 23.83 12.82 19.16
C ASN B 154 23.08 12.84 17.83
N TYR B 155 21.86 13.35 17.83
CA TYR B 155 21.04 13.39 16.63
C TYR B 155 21.42 14.60 15.78
N ASN B 156 21.82 14.35 14.54
CA ASN B 156 22.22 15.41 13.60
C ASN B 156 23.36 16.26 14.15
N PHE B 157 24.08 15.76 15.16
CA PHE B 157 25.01 16.61 15.89
C PHE B 157 26.22 17.01 15.06
N GLU B 158 26.42 16.42 13.88
CA GLU B 158 27.53 16.75 13.01
C GLU B 158 27.12 17.48 11.74
N LYS B 159 25.82 17.60 11.46
CA LYS B 159 25.38 18.24 10.24
C LYS B 159 25.77 19.71 10.15
N PRO B 160 25.56 20.55 11.18
CA PRO B 160 25.95 21.96 11.03
C PRO B 160 27.41 22.15 10.68
N PHE B 161 28.30 21.38 11.30
CA PHE B 161 29.72 21.52 11.00
C PHE B 161 30.02 21.09 9.57
N LEU B 162 29.38 20.02 9.10
CA LEU B 162 29.57 19.58 7.72
C LEU B 162 29.11 20.65 6.74
N TRP B 163 27.95 21.26 7.00
CA TRP B 163 27.45 22.31 6.12
C TRP B 163 28.39 23.50 6.12
N LEU B 164 28.88 23.90 7.29
CA LEU B 164 29.80 25.04 7.36
C LEU B 164 31.09 24.73 6.62
N ALA B 165 31.63 23.51 6.78
CA ALA B 165 32.86 23.15 6.09
C ALA B 165 32.66 23.14 4.58
N ARG B 166 31.53 22.62 4.12
CA ARG B 166 31.23 22.63 2.70
C ARG B 166 31.15 24.06 2.17
N LYS B 167 30.47 24.94 2.91
CA LYS B 167 30.36 26.33 2.47
C LYS B 167 31.71 27.02 2.44
N LEU B 168 32.53 26.80 3.48
CA LEU B 168 33.81 27.50 3.57
C LEU B 168 34.81 26.99 2.52
N ILE B 169 34.81 25.69 2.28
CA ILE B 169 35.74 25.13 1.29
C ILE B 169 35.17 25.21 -0.12
N GLY B 170 33.87 25.41 -0.27
CA GLY B 170 33.26 25.52 -1.57
C GLY B 170 33.06 24.21 -2.29
N ASP B 171 33.20 23.07 -1.60
CA ASP B 171 33.05 21.75 -2.20
C ASP B 171 31.75 21.12 -1.71
N PRO B 172 30.68 21.12 -2.52
CA PRO B 172 29.43 20.48 -2.05
C PRO B 172 29.56 19.00 -1.79
N ASN B 173 30.56 18.33 -2.36
CA ASN B 173 30.74 16.89 -2.21
C ASN B 173 31.78 16.56 -1.13
N LEU B 174 31.90 17.39 -0.11
CA LEU B 174 32.82 17.15 1.00
C LEU B 174 32.12 16.33 2.08
N GLU B 175 32.82 15.34 2.61
CA GLU B 175 32.28 14.45 3.64
C GLU B 175 33.33 14.21 4.70
N PHE B 176 32.86 13.92 5.92
CA PHE B 176 33.74 13.59 7.04
C PHE B 176 34.05 12.11 7.03
N VAL B 177 35.33 11.77 7.15
CA VAL B 177 35.76 10.38 7.13
C VAL B 177 36.05 9.82 8.52
N ALA B 178 36.23 10.68 9.52
CA ALA B 178 36.47 10.23 10.89
C ALA B 178 37.70 9.34 10.98
N MET B 179 38.74 9.69 10.21
CA MET B 179 39.99 8.94 10.24
C MET B 179 40.62 9.01 11.62
N ASN C 25 17.90 -28.67 -42.11
CA ASN C 25 17.05 -27.74 -42.84
C ASN C 25 16.58 -26.60 -41.95
N GLU C 26 17.53 -26.02 -41.19
CA GLU C 26 17.18 -24.92 -40.30
C GLU C 26 16.65 -23.72 -41.08
N THR C 27 17.07 -23.57 -42.35
CA THR C 27 16.56 -22.48 -43.17
C THR C 27 15.06 -22.61 -43.40
N GLU C 28 14.59 -23.84 -43.66
CA GLU C 28 13.15 -24.05 -43.87
C GLU C 28 12.36 -23.76 -42.61
N ASP C 29 12.86 -24.21 -41.46
CA ASP C 29 12.19 -23.91 -40.20
C ASP C 29 12.18 -22.42 -39.92
N HIS C 30 13.27 -21.73 -40.23
CA HIS C 30 13.31 -20.28 -40.04
C HIS C 30 12.29 -19.59 -40.94
N LEU C 31 12.18 -20.04 -42.19
CA LEU C 31 11.19 -19.46 -43.10
C LEU C 31 9.77 -19.69 -42.59
N GLU C 32 9.49 -20.90 -42.11
CA GLU C 32 8.17 -21.19 -41.58
C GLU C 32 7.86 -20.32 -40.37
N SER C 33 8.84 -20.16 -39.48
CA SER C 33 8.65 -19.31 -38.31
C SER C 33 8.41 -17.86 -38.72
N LEU C 34 9.15 -17.38 -39.72
CA LEU C 34 8.96 -16.01 -40.19
C LEU C 34 7.56 -15.83 -40.75
N ILE C 35 7.11 -16.77 -41.57
CA ILE C 35 5.79 -16.64 -42.18
C ILE C 35 4.70 -16.69 -41.12
N CYS C 36 4.84 -17.57 -40.13
CA CYS C 36 3.83 -17.68 -39.09
C CYS C 36 3.89 -16.55 -38.07
N LYS C 37 5.02 -15.83 -37.98
CA LYS C 37 5.15 -14.77 -36.99
C LYS C 37 4.35 -13.55 -37.39
N VAL C 38 4.26 -13.26 -38.69
CA VAL C 38 3.58 -12.05 -39.14
C VAL C 38 2.12 -12.10 -38.71
N GLY C 39 1.59 -10.94 -38.34
CA GLY C 39 0.23 -10.80 -37.89
C GLY C 39 0.08 -10.73 -36.38
N GLU C 40 1.02 -11.33 -35.65
CA GLU C 40 1.00 -11.26 -34.20
C GLU C 40 1.44 -9.88 -33.73
N LYS C 41 0.96 -9.50 -32.54
CA LYS C 41 1.26 -8.18 -32.01
C LYS C 41 2.77 -7.98 -31.88
N SER C 42 3.25 -6.84 -32.34
CA SER C 42 4.67 -6.54 -32.34
C SER C 42 4.85 -5.03 -32.27
N ALA C 43 6.08 -4.61 -31.95
CA ALA C 43 6.37 -3.19 -31.84
C ALA C 43 6.14 -2.47 -33.16
N CYS C 44 6.62 -3.06 -34.26
CA CYS C 44 6.47 -2.46 -35.57
C CYS C 44 5.04 -2.59 -36.06
N SER C 45 4.67 -1.71 -36.99
CA SER C 45 3.34 -1.74 -37.57
C SER C 45 3.18 -2.97 -38.46
N LEU C 46 1.92 -3.32 -38.73
CA LEU C 46 1.66 -4.48 -39.59
C LEU C 46 2.24 -4.28 -40.98
N GLU C 47 2.12 -3.07 -41.52
CA GLU C 47 2.60 -2.82 -42.87
C GLU C 47 4.11 -3.01 -42.96
N SER C 48 4.85 -2.50 -41.97
CA SER C 48 6.30 -2.62 -42.00
C SER C 48 6.74 -4.08 -41.93
N ASN C 49 6.14 -4.85 -41.03
CA ASN C 49 6.48 -6.26 -40.93
C ASN C 49 6.13 -7.01 -42.20
N LEU C 50 4.97 -6.70 -42.79
CA LEU C 50 4.58 -7.35 -44.03
C LEU C 50 5.56 -7.05 -45.15
N GLU C 51 5.97 -5.77 -45.28
CA GLU C 51 6.92 -5.40 -46.31
C GLU C 51 8.26 -6.08 -46.09
N GLY C 52 8.73 -6.12 -44.84
CA GLY C 52 10.00 -6.78 -44.57
C GLY C 52 9.96 -8.27 -44.88
N LEU C 53 8.87 -8.94 -44.49
CA LEU C 53 8.73 -10.36 -44.79
C LEU C 53 8.68 -10.60 -46.28
N ALA C 54 7.96 -9.75 -47.02
CA ALA C 54 7.91 -9.91 -48.47
C ALA C 54 9.29 -9.74 -49.07
N GLY C 55 10.05 -8.75 -48.60
CA GLY C 55 11.40 -8.57 -49.10
C GLY C 55 12.30 -9.75 -48.82
N VAL C 56 12.21 -10.31 -47.60
CA VAL C 56 13.03 -11.46 -47.26
C VAL C 56 12.66 -12.65 -48.12
N LEU C 57 11.35 -12.90 -48.31
CA LEU C 57 10.92 -14.01 -49.14
C LEU C 57 11.40 -13.85 -50.57
N GLU C 58 11.33 -12.63 -51.11
CA GLU C 58 11.86 -12.38 -52.43
C GLU C 58 13.36 -12.65 -52.49
N ALA C 59 14.09 -12.24 -51.46
CA ALA C 59 15.53 -12.46 -51.43
C ALA C 59 15.86 -13.94 -51.46
N ASP C 60 15.13 -14.75 -50.69
CA ASP C 60 15.38 -16.19 -50.62
C ASP C 60 14.52 -16.99 -51.58
N LEU C 61 13.74 -16.32 -52.44
CA LEU C 61 12.84 -17.04 -53.34
C LEU C 61 13.56 -18.01 -54.27
N PRO C 62 14.65 -17.63 -54.96
CA PRO C 62 15.20 -18.54 -55.98
C PRO C 62 15.55 -19.92 -55.45
N ASN C 63 16.03 -20.00 -54.21
CA ASN C 63 16.41 -21.30 -53.65
C ASN C 63 15.18 -22.05 -53.12
N TYR C 64 14.55 -21.50 -52.09
CA TYR C 64 13.41 -22.16 -51.43
C TYR C 64 12.09 -21.69 -52.00
N LYS C 65 11.94 -21.79 -53.31
CA LYS C 65 10.69 -21.38 -53.95
C LYS C 65 9.56 -22.35 -53.62
N SER C 66 9.81 -23.65 -53.78
CA SER C 66 8.77 -24.65 -53.51
C SER C 66 8.38 -24.66 -52.04
N LYS C 67 9.36 -24.53 -51.15
CA LYS C 67 9.05 -24.48 -49.73
C LYS C 67 8.18 -23.28 -49.40
N ILE C 68 8.49 -22.13 -49.98
CA ILE C 68 7.70 -20.92 -49.71
C ILE C 68 6.28 -21.09 -50.24
N LEU C 69 6.14 -21.65 -51.45
CA LEU C 69 4.80 -21.88 -51.99
C LEU C 69 4.00 -22.82 -51.09
N ARG C 70 4.64 -23.90 -50.64
CA ARG C 70 3.95 -24.86 -49.78
C ARG C 70 3.55 -24.21 -48.46
N LEU C 71 4.43 -23.40 -47.89
CA LEU C 71 4.12 -22.74 -46.61
C LEU C 71 2.96 -21.76 -46.78
N LEU C 72 2.96 -20.99 -47.87
CA LEU C 72 1.86 -20.05 -48.10
C LEU C 72 0.55 -20.80 -48.30
N CYS C 73 0.56 -21.90 -49.04
CA CYS C 73 -0.64 -22.70 -49.19
C CYS C 73 -1.11 -23.24 -47.84
N THR C 74 -0.17 -23.71 -47.01
CA THR C 74 -0.53 -24.25 -45.71
C THR C 74 -1.18 -23.20 -44.83
N VAL C 75 -0.60 -21.99 -44.79
CA VAL C 75 -1.17 -20.94 -43.94
C VAL C 75 -2.52 -20.49 -44.49
N ALA C 76 -2.68 -20.45 -45.81
CA ALA C 76 -3.98 -20.11 -46.38
C ALA C 76 -5.01 -21.16 -45.97
N ARG C 77 -4.62 -22.41 -45.89
CA ARG C 77 -5.56 -23.47 -45.53
C ARG C 77 -5.87 -23.50 -44.03
N LEU C 78 -4.87 -23.23 -43.19
CA LEU C 78 -4.96 -23.53 -41.77
C LEU C 78 -5.12 -22.31 -40.87
N LEU C 79 -5.02 -21.10 -41.39
CA LEU C 79 -5.12 -19.88 -40.59
C LEU C 79 -6.11 -18.92 -41.23
N PRO C 80 -7.39 -19.29 -41.28
CA PRO C 80 -8.38 -18.37 -41.86
C PRO C 80 -8.48 -17.05 -41.13
N GLU C 81 -8.26 -17.04 -39.82
CA GLU C 81 -8.42 -15.82 -39.04
C GLU C 81 -7.48 -14.71 -39.51
N LYS C 82 -6.33 -15.07 -40.06
CA LYS C 82 -5.36 -14.11 -40.59
C LYS C 82 -5.48 -13.96 -42.10
N LEU C 83 -6.65 -14.24 -42.66
CA LEU C 83 -6.81 -14.28 -44.11
C LEU C 83 -6.21 -13.06 -44.79
N THR C 84 -6.75 -11.88 -44.49
CA THR C 84 -6.31 -10.67 -45.19
C THR C 84 -4.84 -10.36 -44.91
N ILE C 85 -4.28 -10.86 -43.82
CA ILE C 85 -2.87 -10.62 -43.55
C ILE C 85 -2.00 -11.35 -44.57
N TYR C 86 -2.43 -12.54 -45.00
CA TYR C 86 -1.58 -13.35 -45.86
C TYR C 86 -1.82 -13.08 -47.34
N THR C 87 -3.08 -12.87 -47.75
CA THR C 87 -3.34 -12.50 -49.13
C THR C 87 -2.51 -11.28 -49.51
N THR C 88 -2.55 -10.24 -48.69
CA THR C 88 -1.73 -9.06 -48.93
C THR C 88 -0.29 -9.45 -49.16
N LEU C 89 0.25 -10.32 -48.29
CA LEU C 89 1.63 -10.76 -48.47
C LEU C 89 1.83 -11.31 -49.87
N VAL C 90 0.97 -12.23 -50.30
CA VAL C 90 1.09 -12.79 -51.63
C VAL C 90 1.09 -11.67 -52.67
N GLY C 91 0.16 -10.72 -52.50
CA GLY C 91 0.12 -9.61 -53.44
C GLY C 91 1.46 -8.90 -53.53
N LEU C 92 2.07 -8.62 -52.38
CA LEU C 92 3.37 -7.98 -52.39
C LEU C 92 4.36 -8.83 -53.19
N LEU C 93 4.38 -10.13 -52.92
CA LEU C 93 5.24 -11.02 -53.70
C LEU C 93 4.85 -10.97 -55.16
N ASN C 94 3.55 -10.98 -55.46
CA ASN C 94 3.11 -10.90 -56.84
C ASN C 94 3.60 -9.61 -57.49
N ALA C 95 3.79 -8.55 -56.71
CA ALA C 95 4.30 -7.31 -57.27
C ALA C 95 5.73 -7.46 -57.74
N ARG C 96 6.52 -8.27 -57.04
CA ARG C 96 7.93 -8.46 -57.38
C ARG C 96 8.17 -9.63 -58.32
N ASN C 97 7.19 -10.52 -58.49
CA ASN C 97 7.40 -11.72 -59.30
C ASN C 97 6.05 -12.19 -59.83
N TYR C 98 5.79 -11.91 -61.10
CA TYR C 98 4.57 -12.39 -61.74
C TYR C 98 4.53 -13.92 -61.78
N ASN C 99 5.67 -14.54 -62.08
CA ASN C 99 5.72 -16.00 -62.15
C ASN C 99 5.37 -16.63 -60.81
N PHE C 100 5.88 -16.05 -59.71
CA PHE C 100 5.56 -16.60 -58.40
C PHE C 100 4.06 -16.51 -58.12
N GLY C 101 3.44 -15.38 -58.48
CA GLY C 101 2.00 -15.26 -58.27
C GLY C 101 1.21 -16.27 -59.08
N GLY C 102 1.58 -16.47 -60.35
CA GLY C 102 0.90 -17.45 -61.17
C GLY C 102 1.06 -18.85 -60.62
N GLU C 103 2.28 -19.21 -60.19
CA GLU C 103 2.50 -20.53 -59.63
C GLU C 103 1.74 -20.71 -58.34
N PHE C 104 1.65 -19.66 -57.51
CA PHE C 104 0.87 -19.77 -56.27
C PHE C 104 -0.61 -19.98 -56.58
N VAL C 105 -1.14 -19.27 -57.57
CA VAL C 105 -2.54 -19.48 -57.95
C VAL C 105 -2.77 -20.90 -58.42
N GLU C 106 -1.84 -21.42 -59.24
CA GLU C 106 -1.96 -22.80 -59.71
C GLU C 106 -1.93 -23.78 -58.53
N ALA C 107 -1.01 -23.57 -57.59
CA ALA C 107 -0.91 -24.45 -56.43
C ALA C 107 -2.18 -24.38 -55.59
N MET C 108 -2.75 -23.18 -55.42
CA MET C 108 -3.97 -23.04 -54.64
C MET C 108 -5.13 -23.76 -55.31
N ILE C 109 -5.23 -23.67 -56.63
CA ILE C 109 -6.30 -24.40 -57.33
C ILE C 109 -6.11 -25.90 -57.16
N ARG C 110 -4.86 -26.37 -57.26
CA ARG C 110 -4.60 -27.79 -57.07
C ARG C 110 -4.98 -28.23 -55.65
N GLN C 111 -4.65 -27.40 -54.65
CA GLN C 111 -4.98 -27.73 -53.27
C GLN C 111 -6.49 -27.75 -53.06
N LEU C 112 -7.22 -26.81 -53.67
CA LEU C 112 -8.67 -26.84 -53.58
C LEU C 112 -9.23 -28.10 -54.20
N LYS C 113 -8.69 -28.52 -55.35
CA LYS C 113 -9.13 -29.77 -55.96
C LYS C 113 -8.89 -30.95 -55.03
N GLU C 114 -7.70 -31.02 -54.42
CA GLU C 114 -7.42 -32.11 -53.49
C GLU C 114 -8.38 -32.08 -52.30
N SER C 115 -8.63 -30.90 -51.75
CA SER C 115 -9.52 -30.80 -50.59
C SER C 115 -10.92 -31.25 -50.94
N LEU C 116 -11.43 -30.84 -52.11
CA LEU C 116 -12.76 -31.29 -52.52
C LEU C 116 -12.78 -32.79 -52.78
N LYS C 117 -11.69 -33.34 -53.30
CA LYS C 117 -11.61 -34.79 -53.52
C LYS C 117 -11.60 -35.54 -52.20
N ALA C 118 -10.96 -34.97 -51.17
CA ALA C 118 -10.83 -35.62 -49.88
C ALA C 118 -11.99 -35.30 -48.94
N ASN C 119 -13.02 -34.61 -49.42
CA ASN C 119 -14.20 -34.25 -48.64
C ASN C 119 -13.88 -33.26 -47.51
N ASN C 120 -12.77 -32.55 -47.60
CA ASN C 120 -12.42 -31.52 -46.62
C ASN C 120 -13.01 -30.20 -47.10
N TYR C 121 -14.27 -29.98 -46.74
CA TYR C 121 -15.00 -28.84 -47.30
C TYR C 121 -14.77 -27.56 -46.51
N ASN C 122 -14.44 -27.66 -45.22
CA ASN C 122 -14.12 -26.45 -44.46
C ASN C 122 -12.82 -25.83 -44.96
N GLU C 123 -11.79 -26.66 -45.16
CA GLU C 123 -10.57 -26.17 -45.78
C GLU C 123 -10.82 -25.65 -47.17
N ALA C 124 -11.76 -26.27 -47.90
CA ALA C 124 -12.11 -25.80 -49.23
C ALA C 124 -12.70 -24.39 -49.18
N VAL C 125 -13.58 -24.14 -48.20
CA VAL C 125 -14.15 -22.81 -48.08
C VAL C 125 -13.08 -21.79 -47.69
N TYR C 126 -12.13 -22.21 -46.84
CA TYR C 126 -11.05 -21.30 -46.50
C TYR C 126 -10.21 -20.95 -47.73
N LEU C 127 -9.90 -21.94 -48.57
CA LEU C 127 -9.15 -21.68 -49.78
C LEU C 127 -9.93 -20.79 -50.75
N VAL C 128 -11.23 -21.02 -50.87
CA VAL C 128 -12.06 -20.18 -51.74
C VAL C 128 -12.06 -18.75 -51.25
N ARG C 129 -12.17 -18.55 -49.93
CA ARG C 129 -12.10 -17.21 -49.36
C ARG C 129 -10.74 -16.58 -49.64
N PHE C 130 -9.67 -17.36 -49.53
CA PHE C 130 -8.34 -16.84 -49.81
C PHE C 130 -8.23 -16.35 -51.24
N LEU C 131 -8.76 -17.13 -52.20
CA LEU C 131 -8.72 -16.69 -53.60
C LEU C 131 -9.57 -15.45 -53.81
N SER C 132 -10.74 -15.39 -53.19
CA SER C 132 -11.58 -14.21 -53.31
C SER C 132 -10.85 -12.97 -52.80
N ASP C 133 -10.18 -13.09 -51.66
CA ASP C 133 -9.41 -11.97 -51.15
C ASP C 133 -8.25 -11.62 -52.09
N LEU C 134 -7.57 -12.64 -52.61
CA LEU C 134 -6.49 -12.39 -53.55
C LEU C 134 -6.96 -11.57 -54.73
N VAL C 135 -8.23 -11.70 -55.11
CA VAL C 135 -8.78 -10.85 -56.15
C VAL C 135 -8.63 -9.38 -55.76
N ASN C 136 -8.88 -9.06 -54.48
CA ASN C 136 -8.74 -7.68 -54.02
C ASN C 136 -7.29 -7.20 -54.07
N CYS C 137 -6.33 -8.10 -53.87
CA CYS C 137 -4.92 -7.75 -53.89
C CYS C 137 -4.35 -7.66 -55.29
N HIS C 138 -5.20 -7.63 -56.32
CA HIS C 138 -4.75 -7.51 -57.70
C HIS C 138 -3.80 -8.65 -58.08
N VAL C 139 -4.10 -9.85 -57.59
CA VAL C 139 -3.37 -11.05 -57.97
C VAL C 139 -4.20 -11.92 -58.92
N ILE C 140 -5.52 -11.81 -58.84
CA ILE C 140 -6.43 -12.58 -59.68
C ILE C 140 -7.39 -11.62 -60.35
N ALA C 141 -7.61 -11.84 -61.65
CA ALA C 141 -8.54 -11.00 -62.39
C ALA C 141 -9.98 -11.29 -61.94
N ALA C 142 -10.77 -10.22 -61.80
CA ALA C 142 -12.15 -10.38 -61.36
C ALA C 142 -12.96 -11.29 -62.27
N PRO C 143 -12.86 -11.21 -63.60
CA PRO C 143 -13.70 -12.08 -64.44
C PRO C 143 -13.52 -13.57 -64.14
N SER C 144 -12.29 -14.00 -63.85
CA SER C 144 -12.07 -15.41 -63.54
C SER C 144 -12.81 -15.81 -62.26
N MET C 145 -12.76 -14.96 -61.25
CA MET C 145 -13.50 -15.24 -60.01
C MET C 145 -15.00 -15.27 -60.27
N VAL C 146 -15.50 -14.36 -61.11
CA VAL C 146 -16.93 -14.35 -61.41
C VAL C 146 -17.31 -15.64 -62.14
N ALA C 147 -16.45 -16.12 -63.05
CA ALA C 147 -16.72 -17.39 -63.72
C ALA C 147 -16.73 -18.55 -62.73
N MET C 148 -15.78 -18.56 -61.81
CA MET C 148 -15.74 -19.63 -60.81
C MET C 148 -17.00 -19.63 -59.96
N PHE C 149 -17.47 -18.45 -59.55
CA PHE C 149 -18.70 -18.39 -58.76
C PHE C 149 -19.92 -18.74 -59.59
N GLU C 150 -19.90 -18.43 -60.90
CA GLU C 150 -20.97 -18.88 -61.77
C GLU C 150 -21.05 -20.40 -61.79
N ASN C 151 -19.90 -21.06 -61.86
CA ASN C 151 -19.89 -22.52 -61.76
C ASN C 151 -20.39 -23.00 -60.41
N PHE C 152 -19.95 -22.33 -59.33
CA PHE C 152 -20.40 -22.71 -57.99
C PHE C 152 -21.92 -22.67 -57.89
N VAL C 153 -22.54 -21.60 -58.40
CA VAL C 153 -23.99 -21.49 -58.31
C VAL C 153 -24.69 -22.37 -59.34
N SER C 154 -24.02 -22.70 -60.45
CA SER C 154 -24.60 -23.65 -61.39
C SER C 154 -24.66 -25.05 -60.80
N VAL C 155 -23.76 -25.35 -59.86
CA VAL C 155 -23.84 -26.64 -59.16
C VAL C 155 -25.23 -26.84 -58.56
N THR C 156 -25.94 -25.75 -58.26
CA THR C 156 -27.30 -25.86 -57.73
C THR C 156 -28.31 -26.33 -58.76
N GLN C 157 -27.95 -26.30 -60.05
CA GLN C 157 -28.87 -26.72 -61.10
C GLN C 157 -28.81 -28.22 -61.39
N GLU C 158 -27.84 -28.93 -60.81
CA GLU C 158 -27.72 -30.36 -61.05
C GLU C 158 -29.00 -31.07 -60.60
N GLU C 159 -29.09 -32.35 -60.98
CA GLU C 159 -30.25 -33.17 -60.67
C GLU C 159 -29.83 -34.43 -59.94
N ASP C 160 -30.74 -34.93 -59.11
CA ASP C 160 -30.57 -36.18 -58.36
C ASP C 160 -29.31 -36.18 -57.49
N VAL C 161 -28.92 -35.01 -57.00
CA VAL C 161 -27.82 -34.90 -56.04
C VAL C 161 -28.39 -34.37 -54.73
N PRO C 162 -27.77 -34.68 -53.59
CA PRO C 162 -28.33 -34.25 -52.30
C PRO C 162 -28.29 -32.73 -52.14
N GLN C 163 -29.25 -32.22 -51.36
CA GLN C 163 -29.33 -30.79 -51.12
C GLN C 163 -28.11 -30.25 -50.37
N VAL C 164 -27.39 -31.10 -49.64
CA VAL C 164 -26.23 -30.61 -48.89
C VAL C 164 -25.15 -30.14 -49.84
N ARG C 165 -25.00 -30.78 -51.00
CA ARG C 165 -24.01 -30.35 -51.98
C ARG C 165 -24.32 -28.95 -52.49
N ARG C 166 -25.56 -28.73 -52.93
CA ARG C 166 -25.95 -27.40 -53.40
C ARG C 166 -25.80 -26.38 -52.30
N ASP C 167 -26.19 -26.75 -51.07
CA ASP C 167 -26.08 -25.84 -49.94
C ASP C 167 -24.64 -25.43 -49.72
N TRP C 168 -23.71 -26.38 -49.76
CA TRP C 168 -22.32 -26.02 -49.52
C TRP C 168 -21.77 -25.15 -50.63
N TYR C 169 -22.14 -25.42 -51.88
CA TYR C 169 -21.60 -24.58 -52.95
C TYR C 169 -22.15 -23.16 -52.87
N VAL C 170 -23.43 -23.01 -52.55
CA VAL C 170 -24.00 -21.68 -52.35
C VAL C 170 -23.33 -20.99 -51.17
N TYR C 171 -23.08 -21.73 -50.08
CA TYR C 171 -22.45 -21.15 -48.91
C TYR C 171 -21.04 -20.70 -49.22
N ALA C 172 -20.29 -21.49 -49.99
CA ALA C 172 -18.94 -21.10 -50.37
C ALA C 172 -18.96 -19.86 -51.26
N PHE C 173 -19.97 -19.73 -52.12
CA PHE C 173 -20.09 -18.51 -52.91
C PHE C 173 -20.39 -17.30 -52.02
N LEU C 174 -21.37 -17.42 -51.13
CA LEU C 174 -21.85 -16.26 -50.39
C LEU C 174 -20.88 -15.84 -49.30
N SER C 175 -20.30 -16.79 -48.57
CA SER C 175 -19.46 -16.46 -47.43
C SER C 175 -18.18 -15.76 -47.84
N SER C 176 -17.80 -15.82 -49.12
CA SER C 176 -16.64 -15.07 -49.61
C SER C 176 -16.99 -13.64 -50.00
N LEU C 177 -18.27 -13.33 -50.17
CA LEU C 177 -18.66 -11.99 -50.58
C LEU C 177 -18.20 -10.90 -49.63
N PRO C 178 -18.25 -11.06 -48.31
CA PRO C 178 -17.79 -9.98 -47.42
C PRO C 178 -16.42 -9.43 -47.79
N TRP C 179 -15.61 -10.22 -48.49
CA TRP C 179 -14.24 -9.84 -48.83
C TRP C 179 -14.09 -9.29 -50.24
N VAL C 180 -14.76 -9.87 -51.23
CA VAL C 180 -14.52 -9.58 -52.64
C VAL C 180 -15.77 -9.08 -53.35
N GLY C 181 -16.87 -8.88 -52.61
CA GLY C 181 -18.12 -8.55 -53.26
C GLY C 181 -18.10 -7.20 -53.94
N LYS C 182 -17.48 -6.20 -53.30
CA LYS C 182 -17.43 -4.87 -53.89
C LYS C 182 -16.68 -4.92 -55.22
N GLU C 183 -15.53 -5.58 -55.25
CA GLU C 183 -14.76 -5.69 -56.49
C GLU C 183 -15.56 -6.41 -57.56
N LEU C 184 -16.15 -7.55 -57.21
CA LEU C 184 -16.88 -8.33 -58.20
C LEU C 184 -18.06 -7.55 -58.76
N TYR C 185 -18.77 -6.81 -57.90
CA TYR C 185 -19.94 -6.08 -58.36
C TYR C 185 -19.56 -4.85 -59.17
N GLU C 186 -18.48 -4.16 -58.80
CA GLU C 186 -18.08 -2.98 -59.56
C GLU C 186 -17.47 -3.37 -60.90
N LYS C 187 -16.89 -4.56 -61.00
CA LYS C 187 -16.32 -5.01 -62.27
C LYS C 187 -17.37 -5.64 -63.18
N LYS C 188 -18.06 -6.67 -62.69
CA LYS C 188 -19.03 -7.43 -63.49
C LYS C 188 -20.39 -7.33 -62.79
N ASP C 189 -21.13 -6.27 -63.09
CA ASP C 189 -22.42 -6.06 -62.43
C ASP C 189 -23.48 -7.01 -62.97
N ALA C 190 -23.55 -7.19 -64.29
CA ALA C 190 -24.59 -8.03 -64.88
C ALA C 190 -24.39 -9.50 -64.51
N GLU C 191 -23.14 -9.98 -64.58
CA GLU C 191 -22.87 -11.36 -64.20
C GLU C 191 -23.20 -11.59 -62.73
N MET C 192 -22.82 -10.65 -61.87
CA MET C 192 -23.12 -10.79 -60.46
C MET C 192 -24.62 -10.79 -60.19
N ASP C 193 -25.36 -9.94 -60.91
CA ASP C 193 -26.81 -9.94 -60.77
C ASP C 193 -27.41 -11.26 -61.21
N ARG C 194 -26.91 -11.83 -62.30
CA ARG C 194 -27.39 -13.14 -62.74
C ARG C 194 -27.13 -14.21 -61.69
N ILE C 195 -25.91 -14.20 -61.13
CA ILE C 195 -25.56 -15.19 -60.11
C ILE C 195 -26.45 -15.02 -58.89
N PHE C 196 -26.71 -13.76 -58.49
CA PHE C 196 -27.57 -13.52 -57.34
C PHE C 196 -28.99 -13.99 -57.60
N ALA C 197 -29.50 -13.77 -58.82
CA ALA C 197 -30.83 -14.26 -59.15
C ALA C 197 -30.89 -15.78 -59.06
N ASN C 198 -29.88 -16.46 -59.58
CA ASN C 198 -29.85 -17.92 -59.50
C ASN C 198 -29.81 -18.39 -58.05
N THR C 199 -28.96 -17.76 -57.24
CA THR C 199 -28.85 -18.14 -55.84
C THR C 199 -30.17 -17.93 -55.10
N GLU C 200 -30.82 -16.79 -55.34
CA GLU C 200 -32.10 -16.52 -54.69
C GLU C 200 -33.15 -17.52 -55.12
N SER C 201 -33.21 -17.85 -56.41
CA SER C 201 -34.18 -18.82 -56.88
C SER C 201 -33.95 -20.17 -56.22
N TYR C 202 -32.69 -20.60 -56.12
CA TYR C 202 -32.42 -21.89 -55.47
C TYR C 202 -32.83 -21.84 -54.00
N LEU C 203 -32.47 -20.77 -53.29
CA LEU C 203 -32.79 -20.68 -51.88
C LEU C 203 -34.29 -20.68 -51.63
N LYS C 204 -35.06 -20.09 -52.55
CA LYS C 204 -36.51 -20.00 -52.35
C LYS C 204 -37.17 -21.37 -52.31
N ARG C 205 -36.56 -22.38 -52.94
CA ARG C 205 -37.13 -23.71 -53.04
C ARG C 205 -36.43 -24.74 -52.16
N ARG C 206 -35.55 -24.29 -51.26
CA ARG C 206 -34.81 -25.21 -50.41
C ARG C 206 -35.74 -25.91 -49.41
N GLN C 207 -35.32 -27.09 -48.97
CA GLN C 207 -36.04 -27.83 -47.94
C GLN C 207 -35.56 -27.40 -46.56
N LYS C 208 -36.50 -27.22 -45.64
CA LYS C 208 -36.22 -26.77 -44.29
C LYS C 208 -36.72 -27.77 -43.25
N THR C 209 -36.59 -29.05 -43.54
CA THR C 209 -37.04 -30.08 -42.61
C THR C 209 -36.10 -30.22 -41.42
N HIS C 210 -34.80 -30.02 -41.63
CA HIS C 210 -33.80 -30.21 -40.59
C HIS C 210 -33.79 -29.10 -39.55
N VAL C 211 -34.50 -27.99 -39.79
CA VAL C 211 -34.39 -26.84 -38.90
C VAL C 211 -34.87 -27.16 -37.49
N PRO C 212 -36.08 -27.70 -37.28
CA PRO C 212 -36.53 -27.93 -35.90
C PRO C 212 -35.64 -28.86 -35.12
N MET C 213 -34.99 -29.82 -35.79
CA MET C 213 -34.10 -30.74 -35.08
C MET C 213 -32.84 -30.06 -34.57
N LEU C 214 -32.39 -29.01 -35.25
CA LEU C 214 -31.11 -28.36 -34.94
C LEU C 214 -31.26 -27.05 -34.18
N GLN C 215 -32.47 -26.69 -33.80
CA GLN C 215 -32.72 -25.41 -33.14
C GLN C 215 -32.50 -25.52 -31.64
N VAL C 216 -31.64 -24.66 -31.10
CA VAL C 216 -31.44 -24.63 -29.66
C VAL C 216 -32.71 -24.18 -28.95
N TRP C 217 -33.38 -23.16 -29.48
CA TRP C 217 -34.67 -22.70 -28.99
C TRP C 217 -35.68 -22.75 -30.12
N THR C 218 -36.93 -23.11 -29.78
CA THR C 218 -38.02 -23.09 -30.74
C THR C 218 -38.87 -21.84 -30.63
N ALA C 219 -38.53 -20.93 -29.73
CA ALA C 219 -39.28 -19.69 -29.58
C ALA C 219 -38.74 -18.65 -30.55
N ASP C 220 -39.63 -18.00 -31.28
CA ASP C 220 -39.22 -16.97 -32.23
C ASP C 220 -38.73 -15.71 -31.54
N LYS C 221 -39.05 -15.52 -30.26
CA LYS C 221 -38.64 -14.35 -29.52
C LYS C 221 -37.75 -14.74 -28.35
N PRO C 222 -36.78 -13.89 -27.97
CA PRO C 222 -36.43 -12.59 -28.57
C PRO C 222 -35.49 -12.73 -29.76
N HIS C 223 -34.99 -13.92 -30.04
CA HIS C 223 -34.03 -14.15 -31.12
C HIS C 223 -34.40 -15.43 -31.86
N PRO C 224 -34.99 -15.33 -33.05
CA PRO C 224 -35.23 -16.54 -33.84
C PRO C 224 -33.91 -17.26 -34.14
N GLN C 225 -33.94 -18.58 -34.09
CA GLN C 225 -32.79 -19.40 -34.43
C GLN C 225 -32.91 -19.77 -35.90
N GLU C 226 -32.25 -19.00 -36.75
CA GLU C 226 -32.46 -19.05 -38.19
C GLU C 226 -31.52 -20.05 -38.84
N GLU C 227 -31.97 -20.60 -39.96
CA GLU C 227 -31.11 -21.47 -40.77
C GLU C 227 -29.91 -20.69 -41.28
N TYR C 228 -28.77 -21.36 -41.34
CA TYR C 228 -27.52 -20.64 -41.60
C TYR C 228 -27.51 -20.00 -42.99
N LEU C 229 -28.08 -20.69 -43.99
CA LEU C 229 -28.09 -20.12 -45.33
C LEU C 229 -29.04 -18.94 -45.44
N ASP C 230 -30.19 -19.02 -44.77
CA ASP C 230 -31.11 -17.88 -44.75
C ASP C 230 -30.47 -16.68 -44.07
N CYS C 231 -29.78 -16.90 -42.96
CA CYS C 231 -29.10 -15.80 -42.26
C CYS C 231 -28.01 -15.20 -43.15
N LEU C 232 -27.22 -16.05 -43.81
CA LEU C 232 -26.18 -15.54 -44.69
C LEU C 232 -26.76 -14.75 -45.84
N TRP C 233 -27.88 -15.23 -46.40
CA TRP C 233 -28.53 -14.50 -47.48
C TRP C 233 -29.01 -13.13 -47.02
N ALA C 234 -29.62 -13.07 -45.83
CA ALA C 234 -30.07 -11.78 -45.31
C ALA C 234 -28.89 -10.84 -45.08
N GLN C 235 -27.80 -11.35 -44.52
CA GLN C 235 -26.63 -10.52 -44.29
C GLN C 235 -26.04 -10.01 -45.61
N ILE C 236 -25.98 -10.87 -46.62
CA ILE C 236 -25.44 -10.46 -47.92
C ILE C 236 -26.36 -9.43 -48.57
N GLN C 237 -27.67 -9.60 -48.42
CA GLN C 237 -28.60 -8.60 -48.96
C GLN C 237 -28.41 -7.25 -48.28
N LYS C 238 -28.24 -7.26 -46.95
CA LYS C 238 -27.97 -6.01 -46.24
C LYS C 238 -26.68 -5.37 -46.72
N LEU C 239 -25.63 -6.18 -46.93
CA LEU C 239 -24.39 -5.64 -47.45
C LEU C 239 -24.56 -5.05 -48.83
N LYS C 240 -25.36 -5.71 -49.68
CA LYS C 240 -25.63 -5.18 -51.01
C LYS C 240 -26.36 -3.85 -50.94
N LYS C 241 -27.31 -3.72 -50.02
CA LYS C 241 -28.01 -2.45 -49.87
C LYS C 241 -27.06 -1.35 -49.45
N ASP C 242 -26.10 -1.67 -48.57
CA ASP C 242 -25.12 -0.68 -48.11
C ASP C 242 -23.93 -0.59 -49.06
N ARG C 243 -24.22 -0.45 -50.36
CA ARG C 243 -23.21 -0.24 -51.38
C ARG C 243 -21.99 -1.15 -51.19
N TRP C 244 -22.25 -2.38 -50.72
CA TRP C 244 -21.18 -3.35 -50.50
C TRP C 244 -20.09 -2.78 -49.61
N GLN C 245 -20.50 -2.05 -48.58
CA GLN C 245 -19.58 -1.41 -47.64
C GLN C 245 -19.74 -2.07 -46.28
N GLU C 246 -18.64 -2.58 -45.74
CA GLU C 246 -18.61 -3.17 -44.41
C GLU C 246 -17.50 -2.51 -43.61
N ARG C 247 -17.70 -2.44 -42.30
CA ARG C 247 -16.85 -1.62 -41.43
C ARG C 247 -16.17 -2.45 -40.34
N HIS C 248 -15.95 -3.75 -40.59
CA HIS C 248 -15.25 -4.59 -39.63
C HIS C 248 -13.99 -5.22 -40.19
N ILE C 249 -14.04 -5.76 -41.41
CA ILE C 249 -12.93 -6.56 -41.91
C ILE C 249 -11.67 -5.70 -42.01
N LEU C 250 -10.56 -6.26 -41.55
CA LEU C 250 -9.26 -5.59 -41.67
C LEU C 250 -8.72 -5.81 -43.08
N ARG C 251 -8.25 -4.74 -43.71
CA ARG C 251 -7.78 -4.77 -45.10
C ARG C 251 -6.43 -4.08 -45.17
N PRO C 252 -5.35 -4.75 -44.73
CA PRO C 252 -4.04 -4.10 -44.77
C PRO C 252 -3.57 -3.72 -46.16
N TYR C 253 -3.97 -4.47 -47.20
CA TYR C 253 -3.47 -4.23 -48.54
C TYR C 253 -3.80 -2.83 -49.03
N LEU C 254 -4.81 -2.18 -48.46
CA LEU C 254 -5.11 -0.80 -48.85
C LEU C 254 -3.90 0.11 -48.65
N ALA C 255 -3.13 -0.11 -47.59
CA ALA C 255 -1.95 0.71 -47.35
C ALA C 255 -0.91 0.55 -48.44
N PHE C 256 -1.00 -0.49 -49.27
CA PHE C 256 -0.11 -0.68 -50.40
C PHE C 256 -0.84 -0.48 -51.73
N ASP C 257 -1.89 0.34 -51.72
CA ASP C 257 -2.67 0.55 -52.92
C ASP C 257 -1.80 0.96 -54.10
N SER C 258 -0.80 1.80 -53.86
CA SER C 258 0.10 2.21 -54.94
C SER C 258 0.89 1.03 -55.48
N ILE C 259 1.40 0.17 -54.59
CA ILE C 259 2.24 -0.94 -55.04
C ILE C 259 1.40 -1.98 -55.77
N LEU C 260 0.20 -2.27 -55.28
CA LEU C 260 -0.63 -3.32 -55.86
C LEU C 260 -1.34 -2.87 -57.13
N CYS C 261 -1.39 -1.58 -57.42
CA CYS C 261 -2.01 -1.13 -58.66
C CYS C 261 -1.15 -1.44 -59.87
N GLU C 262 0.17 -1.47 -59.70
CA GLU C 262 1.09 -1.77 -60.79
C GLU C 262 1.35 -3.26 -60.96
N ALA C 263 0.72 -4.10 -60.14
CA ALA C 263 0.89 -5.54 -60.26
C ALA C 263 -0.07 -6.11 -61.31
N LEU C 264 0.44 -7.04 -62.11
CA LEU C 264 -0.34 -7.67 -63.16
C LEU C 264 -1.09 -8.88 -62.59
N GLN C 265 -2.35 -9.01 -63.00
CA GLN C 265 -3.23 -10.04 -62.48
C GLN C 265 -3.07 -11.35 -63.25
N HIS C 266 -3.56 -12.42 -62.65
CA HIS C 266 -3.59 -13.75 -63.25
C HIS C 266 -5.04 -14.20 -63.41
N ASN C 267 -5.24 -15.14 -64.31
CA ASN C 267 -6.55 -15.71 -64.58
C ASN C 267 -6.63 -17.12 -64.01
N LEU C 268 -7.67 -17.38 -63.24
CA LEU C 268 -7.89 -18.74 -62.75
C LEU C 268 -8.29 -19.64 -63.91
N PRO C 269 -7.70 -20.82 -64.07
CA PRO C 269 -8.19 -21.74 -65.07
C PRO C 269 -9.63 -22.12 -64.80
N PRO C 270 -10.41 -22.39 -65.85
CA PRO C 270 -11.82 -22.75 -65.64
C PRO C 270 -11.96 -23.88 -64.64
N PHE C 271 -12.75 -23.67 -63.60
CA PHE C 271 -12.88 -24.62 -62.49
C PHE C 271 -14.13 -25.47 -62.70
N THR C 272 -13.93 -26.79 -62.71
CA THR C 272 -15.03 -27.74 -62.81
C THR C 272 -15.21 -28.44 -61.47
N PRO C 273 -16.31 -28.22 -60.76
CA PRO C 273 -16.50 -28.91 -59.47
C PRO C 273 -16.52 -30.41 -59.66
N PRO C 274 -15.91 -31.17 -58.77
CA PRO C 274 -15.93 -32.63 -58.90
C PRO C 274 -17.36 -33.15 -58.91
N PRO C 275 -17.66 -34.15 -59.73
CA PRO C 275 -19.03 -34.69 -59.75
C PRO C 275 -19.37 -35.39 -58.45
N HIS C 276 -20.68 -35.44 -58.16
CA HIS C 276 -21.17 -36.09 -56.95
C HIS C 276 -21.02 -37.60 -57.10
N THR C 277 -20.12 -38.19 -56.31
CA THR C 277 -19.91 -39.63 -56.29
C THR C 277 -20.69 -40.24 -55.13
N GLU C 278 -20.72 -41.58 -55.11
CA GLU C 278 -21.41 -42.29 -54.04
C GLU C 278 -20.72 -42.05 -52.70
N ASP C 279 -19.39 -42.06 -52.68
CA ASP C 279 -18.61 -41.89 -51.46
C ASP C 279 -18.25 -40.43 -51.22
N SER C 280 -19.25 -39.56 -51.26
CA SER C 280 -19.07 -38.12 -51.03
C SER C 280 -19.82 -37.73 -49.77
N VAL C 281 -19.13 -37.09 -48.85
CA VAL C 281 -19.69 -36.65 -47.57
C VAL C 281 -19.64 -35.13 -47.53
N TYR C 282 -20.78 -34.50 -47.26
CA TYR C 282 -20.89 -33.06 -47.25
C TYR C 282 -21.17 -32.56 -45.83
N PRO C 283 -20.81 -31.32 -45.52
CA PRO C 283 -21.12 -30.78 -44.19
C PRO C 283 -22.62 -30.77 -43.93
N MET C 284 -22.98 -31.02 -42.67
CA MET C 284 -24.37 -30.98 -42.27
C MET C 284 -24.86 -29.53 -42.21
N PRO C 285 -26.16 -29.32 -42.37
CA PRO C 285 -26.70 -27.96 -42.23
C PRO C 285 -26.62 -27.47 -40.80
N ARG C 286 -26.66 -26.15 -40.66
CA ARG C 286 -26.50 -25.51 -39.35
C ARG C 286 -27.62 -24.51 -39.11
N VAL C 287 -27.78 -24.17 -37.84
CA VAL C 287 -28.67 -23.10 -37.39
C VAL C 287 -27.83 -22.13 -36.58
N ILE C 288 -28.05 -20.84 -36.79
CA ILE C 288 -27.22 -19.82 -36.17
C ILE C 288 -27.67 -19.62 -34.73
N PHE C 289 -26.73 -19.71 -33.79
CA PHE C 289 -26.99 -19.45 -32.39
C PHE C 289 -27.03 -17.95 -32.15
N ARG C 290 -28.15 -17.46 -31.64
CA ARG C 290 -28.32 -16.03 -31.37
C ARG C 290 -29.01 -15.86 -30.04
N MET C 291 -28.35 -15.16 -29.12
CA MET C 291 -28.96 -14.81 -27.84
C MET C 291 -28.73 -13.36 -27.42
N PHE C 292 -27.71 -12.67 -27.94
CA PHE C 292 -27.39 -11.31 -27.55
C PHE C 292 -27.90 -10.31 -28.59
N ASP C 293 -28.18 -9.10 -28.13
CA ASP C 293 -28.44 -7.97 -29.00
C ASP C 293 -27.82 -6.72 -28.37
N TYR C 294 -27.82 -5.63 -29.13
CA TYR C 294 -27.12 -4.43 -28.68
C TYR C 294 -27.68 -3.91 -27.36
N THR C 295 -28.98 -4.09 -27.13
CA THR C 295 -29.58 -3.59 -25.89
C THR C 295 -29.00 -4.26 -24.66
N ASP C 296 -28.30 -5.39 -24.82
CA ASP C 296 -27.66 -6.07 -23.71
C ASP C 296 -26.36 -5.40 -23.28
N ASP C 297 -25.80 -4.51 -24.10
CA ASP C 297 -24.60 -3.75 -23.74
C ASP C 297 -24.81 -2.29 -24.11
N PRO C 298 -25.73 -1.59 -23.45
CA PRO C 298 -26.01 -0.20 -23.82
C PRO C 298 -24.84 0.74 -23.62
N GLU C 299 -23.90 0.43 -22.74
CA GLU C 299 -22.82 1.34 -22.42
C GLU C 299 -21.61 1.19 -23.34
N GLY C 300 -21.39 -0.01 -23.88
CA GLY C 300 -20.23 -0.26 -24.71
C GLY C 300 -20.48 0.05 -26.17
N PRO C 301 -19.54 -0.37 -27.03
CA PRO C 301 -19.74 -0.18 -28.47
C PRO C 301 -20.99 -0.87 -28.95
N VAL C 302 -21.66 -0.26 -29.94
CA VAL C 302 -22.90 -0.83 -30.45
C VAL C 302 -22.59 -2.17 -31.11
N MET C 303 -23.32 -3.19 -30.68
CA MET C 303 -23.12 -4.53 -31.21
C MET C 303 -23.68 -4.62 -32.63
N PRO C 304 -22.96 -5.20 -33.59
CA PRO C 304 -23.54 -5.40 -34.92
C PRO C 304 -24.80 -6.24 -34.84
N GLY C 305 -25.76 -5.93 -35.70
CA GLY C 305 -27.02 -6.63 -35.70
C GLY C 305 -26.89 -8.07 -36.18
N SER C 306 -27.98 -8.83 -35.97
CA SER C 306 -27.98 -10.23 -36.38
C SER C 306 -27.85 -10.37 -37.89
N HIS C 307 -28.52 -9.50 -38.64
CA HIS C 307 -28.47 -9.54 -40.10
C HIS C 307 -27.41 -8.61 -40.67
N SER C 308 -26.29 -8.47 -39.98
CA SER C 308 -25.15 -7.69 -40.45
C SER C 308 -23.99 -8.61 -40.77
N VAL C 309 -23.27 -8.31 -41.84
CA VAL C 309 -22.10 -9.11 -42.20
C VAL C 309 -21.01 -9.02 -41.15
N GLU C 310 -20.98 -7.94 -40.36
CA GLU C 310 -19.97 -7.81 -39.32
C GLU C 310 -20.14 -8.91 -38.27
N ARG C 311 -21.38 -9.21 -37.89
CA ARG C 311 -21.61 -10.29 -36.94
C ARG C 311 -21.12 -11.61 -37.50
N PHE C 312 -21.39 -11.88 -38.78
CA PHE C 312 -20.95 -13.11 -39.41
C PHE C 312 -19.44 -13.21 -39.39
N VAL C 313 -18.74 -12.13 -39.76
CA VAL C 313 -17.29 -12.17 -39.83
C VAL C 313 -16.69 -12.33 -38.44
N ILE C 314 -17.24 -11.62 -37.44
CA ILE C 314 -16.72 -11.73 -36.09
C ILE C 314 -16.87 -13.16 -35.57
N GLU C 315 -18.06 -13.74 -35.75
CA GLU C 315 -18.29 -15.10 -35.27
C GLU C 315 -17.40 -16.09 -36.00
N GLU C 316 -17.24 -15.93 -37.31
CA GLU C 316 -16.38 -16.83 -38.07
C GLU C 316 -14.94 -16.76 -37.57
N ASN C 317 -14.42 -15.55 -37.37
CA ASN C 317 -13.05 -15.41 -36.91
C ASN C 317 -12.86 -15.98 -35.51
N LEU C 318 -13.82 -15.73 -34.61
CA LEU C 318 -13.70 -16.27 -33.26
C LEU C 318 -13.76 -17.79 -33.26
N HIS C 319 -14.65 -18.37 -34.07
CA HIS C 319 -14.70 -19.82 -34.20
C HIS C 319 -13.37 -20.37 -34.72
N CYS C 320 -12.79 -19.70 -35.71
CA CYS C 320 -11.53 -20.15 -36.26
C CYS C 320 -10.41 -20.06 -35.24
N ILE C 321 -10.40 -19.00 -34.43
CA ILE C 321 -9.39 -18.87 -33.38
C ILE C 321 -9.53 -20.01 -32.37
N ILE C 322 -10.77 -20.31 -31.96
CA ILE C 322 -10.98 -21.43 -31.05
C ILE C 322 -10.50 -22.73 -31.69
N LYS C 323 -10.78 -22.91 -32.98
CA LYS C 323 -10.39 -24.13 -33.68
C LYS C 323 -8.86 -24.27 -33.74
N SER C 324 -8.15 -23.15 -33.88
CA SER C 324 -6.71 -23.22 -34.04
C SER C 324 -5.98 -23.50 -32.73
N HIS C 325 -6.51 -23.07 -31.59
CA HIS C 325 -5.82 -23.16 -30.32
C HIS C 325 -6.66 -23.86 -29.26
N TRP C 326 -7.46 -24.84 -29.66
CA TRP C 326 -8.33 -25.52 -28.70
C TRP C 326 -7.53 -26.30 -27.66
N LYS C 327 -6.38 -26.87 -28.04
CA LYS C 327 -5.60 -27.65 -27.10
C LYS C 327 -5.05 -26.78 -25.96
N GLU C 328 -4.60 -25.57 -26.28
CA GLU C 328 -4.01 -24.67 -25.30
C GLU C 328 -5.05 -23.65 -24.86
N ARG C 329 -5.56 -23.80 -23.63
CA ARG C 329 -6.62 -22.94 -23.15
C ARG C 329 -6.12 -21.51 -22.91
N LYS C 330 -4.91 -21.37 -22.37
CA LYS C 330 -4.37 -20.04 -22.10
C LYS C 330 -4.11 -19.29 -23.39
N THR C 331 -3.48 -19.96 -24.37
CA THR C 331 -3.25 -19.33 -25.67
C THR C 331 -4.57 -19.00 -26.36
N CYS C 332 -5.55 -19.90 -26.26
CA CYS C 332 -6.84 -19.62 -26.86
C CYS C 332 -7.49 -18.39 -26.25
N ALA C 333 -7.44 -18.27 -24.92
CA ALA C 333 -8.01 -17.09 -24.27
C ALA C 333 -7.28 -15.83 -24.67
N ALA C 334 -5.94 -15.89 -24.71
CA ALA C 334 -5.17 -14.71 -25.12
C ALA C 334 -5.52 -14.29 -26.53
N GLN C 335 -5.65 -15.25 -27.44
CA GLN C 335 -6.03 -14.92 -28.82
C GLN C 335 -7.44 -14.33 -28.88
N LEU C 336 -8.37 -14.88 -28.10
CA LEU C 336 -9.74 -14.38 -28.13
C LEU C 336 -9.82 -12.94 -27.62
N VAL C 337 -9.15 -12.64 -26.51
CA VAL C 337 -9.25 -11.29 -25.96
C VAL C 337 -8.57 -10.27 -26.86
N SER C 338 -7.45 -10.67 -27.48
CA SER C 338 -6.68 -9.77 -28.34
C SER C 338 -7.14 -9.80 -29.79
N TYR C 339 -8.40 -10.16 -30.03
CA TYR C 339 -8.90 -10.28 -31.39
C TYR C 339 -9.00 -8.90 -32.03
N PRO C 340 -8.29 -8.63 -33.13
CA PRO C 340 -8.33 -7.29 -33.71
C PRO C 340 -9.50 -7.10 -34.66
N GLY C 341 -10.07 -5.89 -34.61
CA GLY C 341 -11.13 -5.52 -35.52
C GLY C 341 -10.93 -4.10 -36.01
N LYS C 342 -11.54 -3.81 -37.15
CA LYS C 342 -11.41 -2.47 -37.73
C LYS C 342 -12.02 -1.42 -36.81
N ASN C 343 -13.17 -1.72 -36.20
CA ASN C 343 -13.84 -0.80 -35.30
C ASN C 343 -14.18 -1.53 -34.00
N LYS C 344 -14.24 -0.76 -32.91
CA LYS C 344 -14.46 -1.35 -31.60
C LYS C 344 -15.82 -2.04 -31.54
N ILE C 345 -15.85 -3.19 -30.88
CA ILE C 345 -17.07 -3.99 -30.72
C ILE C 345 -17.14 -4.46 -29.28
N PRO C 346 -18.33 -4.86 -28.82
CA PRO C 346 -18.43 -5.47 -27.49
C PRO C 346 -17.82 -6.87 -27.50
N LEU C 347 -16.50 -6.93 -27.41
CA LEU C 347 -15.79 -8.19 -27.67
C LEU C 347 -16.18 -9.27 -26.66
N ASN C 348 -16.37 -8.90 -25.39
CA ASN C 348 -16.69 -9.91 -24.38
C ASN C 348 -18.00 -10.60 -24.69
N TYR C 349 -19.03 -9.84 -25.08
CA TYR C 349 -20.31 -10.45 -25.43
C TYR C 349 -20.16 -11.38 -26.62
N HIS C 350 -19.40 -10.97 -27.64
CA HIS C 350 -19.19 -11.82 -28.80
C HIS C 350 -18.49 -13.12 -28.41
N ILE C 351 -17.47 -13.03 -27.57
CA ILE C 351 -16.73 -14.22 -27.16
C ILE C 351 -17.64 -15.17 -26.40
N VAL C 352 -18.43 -14.63 -25.47
CA VAL C 352 -19.33 -15.48 -24.70
C VAL C 352 -20.36 -16.15 -25.61
N GLU C 353 -20.92 -15.39 -26.55
CA GLU C 353 -21.91 -15.95 -27.46
C GLU C 353 -21.31 -17.03 -28.35
N VAL C 354 -20.08 -16.81 -28.83
CA VAL C 354 -19.43 -17.82 -29.66
C VAL C 354 -19.15 -19.09 -28.87
N ILE C 355 -18.69 -18.94 -27.63
CA ILE C 355 -18.42 -20.12 -26.81
C ILE C 355 -19.71 -20.90 -26.55
N PHE C 356 -20.80 -20.20 -26.24
CA PHE C 356 -22.05 -20.90 -25.98
C PHE C 356 -22.67 -21.45 -27.25
N ALA C 357 -22.40 -20.84 -28.40
CA ALA C 357 -22.82 -21.40 -29.68
C ALA C 357 -22.11 -22.71 -29.96
N GLU C 358 -20.80 -22.77 -29.69
CA GLU C 358 -20.07 -24.01 -29.84
C GLU C 358 -20.57 -25.07 -28.85
N LEU C 359 -20.77 -24.68 -27.60
CA LEU C 359 -21.21 -25.64 -26.59
C LEU C 359 -22.57 -26.21 -26.92
N PHE C 360 -23.50 -25.37 -27.34
CA PHE C 360 -24.87 -25.78 -27.64
C PHE C 360 -25.06 -26.20 -29.08
N GLN C 361 -23.99 -26.26 -29.88
CA GLN C 361 -24.13 -26.64 -31.27
C GLN C 361 -24.69 -28.05 -31.40
N LEU C 362 -25.68 -28.20 -32.26
CA LEU C 362 -26.22 -29.52 -32.58
C LEU C 362 -25.71 -29.97 -33.94
N PRO C 363 -25.52 -31.27 -34.15
CA PRO C 363 -25.72 -32.39 -33.22
C PRO C 363 -24.73 -32.41 -32.05
N ALA C 364 -23.47 -32.04 -32.27
CA ALA C 364 -22.45 -32.12 -31.24
C ALA C 364 -21.55 -30.90 -31.29
N PRO C 365 -20.93 -30.53 -30.15
CA PRO C 365 -19.99 -29.41 -30.18
C PRO C 365 -18.76 -29.75 -31.00
N PRO C 366 -18.07 -28.74 -31.53
CA PRO C 366 -16.83 -29.03 -32.26
C PRO C 366 -15.78 -29.74 -31.42
N HIS C 367 -15.71 -29.45 -30.13
CA HIS C 367 -14.70 -30.02 -29.25
C HIS C 367 -15.37 -30.60 -28.01
N ILE C 368 -14.57 -31.16 -27.12
CA ILE C 368 -15.09 -31.76 -25.89
C ILE C 368 -15.71 -30.67 -25.01
N ASP C 369 -16.74 -31.06 -24.26
CA ASP C 369 -17.54 -30.09 -23.52
C ASP C 369 -16.75 -29.41 -22.40
N VAL C 370 -15.92 -30.17 -21.69
CA VAL C 370 -15.17 -29.60 -20.57
C VAL C 370 -14.17 -28.54 -21.03
N MET C 371 -13.73 -28.62 -22.27
CA MET C 371 -12.82 -27.61 -22.80
C MET C 371 -13.46 -26.23 -22.74
N TYR C 372 -14.75 -26.15 -23.02
CA TYR C 372 -15.43 -24.85 -23.00
C TYR C 372 -15.53 -24.30 -21.59
N THR C 373 -15.81 -25.15 -20.61
CA THR C 373 -15.84 -24.69 -19.22
C THR C 373 -14.47 -24.15 -18.81
N THR C 374 -13.42 -24.89 -19.13
CA THR C 374 -12.08 -24.44 -18.75
C THR C 374 -11.71 -23.14 -19.48
N LEU C 375 -12.10 -23.02 -20.75
CA LEU C 375 -11.81 -21.80 -21.51
C LEU C 375 -12.56 -20.61 -20.93
N LEU C 376 -13.81 -20.79 -20.52
CA LEU C 376 -14.55 -19.70 -19.90
C LEU C 376 -13.89 -19.29 -18.59
N ILE C 377 -13.42 -20.25 -17.80
CA ILE C 377 -12.72 -19.91 -16.57
C ILE C 377 -11.46 -19.11 -16.88
N GLU C 378 -10.71 -19.53 -17.89
CA GLU C 378 -9.50 -18.81 -18.27
C GLU C 378 -9.83 -17.38 -18.71
N LEU C 379 -10.90 -17.21 -19.48
CA LEU C 379 -11.30 -15.89 -19.93
C LEU C 379 -11.70 -15.01 -18.76
N CYS C 380 -12.43 -15.57 -17.80
CA CYS C 380 -12.79 -14.81 -16.60
C CYS C 380 -11.54 -14.40 -15.83
N LYS C 381 -10.55 -15.29 -15.75
CA LYS C 381 -9.31 -14.95 -15.06
C LYS C 381 -8.54 -13.85 -15.79
N LEU C 382 -8.58 -13.87 -17.13
CA LEU C 382 -7.83 -12.88 -17.90
C LEU C 382 -8.48 -11.51 -17.91
N GLN C 383 -9.80 -11.46 -17.79
CA GLN C 383 -10.55 -10.18 -17.81
C GLN C 383 -11.49 -10.13 -16.61
N PRO C 384 -10.95 -10.12 -15.39
CA PRO C 384 -11.81 -10.17 -14.20
C PRO C 384 -12.72 -8.96 -14.06
N GLY C 385 -12.38 -7.84 -14.69
CA GLY C 385 -13.19 -6.63 -14.51
C GLY C 385 -14.57 -6.74 -15.13
N SER C 386 -14.66 -7.35 -16.31
CA SER C 386 -15.89 -7.31 -17.10
C SER C 386 -16.42 -8.68 -17.48
N LEU C 387 -15.56 -9.64 -17.81
CA LEU C 387 -16.04 -10.91 -18.34
C LEU C 387 -16.93 -11.67 -17.36
N PRO C 388 -16.60 -11.78 -16.07
CA PRO C 388 -17.50 -12.50 -15.15
C PRO C 388 -18.91 -11.93 -15.11
N GLN C 389 -19.05 -10.61 -15.19
CA GLN C 389 -20.38 -10.01 -15.15
C GLN C 389 -21.16 -10.32 -16.42
N VAL C 390 -20.48 -10.30 -17.57
CA VAL C 390 -21.12 -10.69 -18.83
C VAL C 390 -21.54 -12.15 -18.75
N LEU C 391 -20.70 -12.99 -18.15
CA LEU C 391 -21.04 -14.41 -18.03
C LEU C 391 -22.26 -14.61 -17.14
N ALA C 392 -22.35 -13.85 -16.04
CA ALA C 392 -23.52 -13.94 -15.17
C ALA C 392 -24.77 -13.48 -15.90
N GLN C 393 -24.66 -12.40 -16.67
CA GLN C 393 -25.81 -11.93 -17.45
C GLN C 393 -26.24 -12.98 -18.47
N ALA C 394 -25.27 -13.61 -19.14
CA ALA C 394 -25.59 -14.67 -20.10
C ALA C 394 -26.25 -15.86 -19.42
N THR C 395 -25.77 -16.23 -18.23
CA THR C 395 -26.39 -17.31 -17.49
C THR C 395 -27.82 -17.00 -17.13
N GLU C 396 -28.08 -15.77 -16.67
CA GLU C 396 -29.45 -15.37 -16.36
C GLU C 396 -30.33 -15.40 -17.60
N MET C 397 -29.81 -14.92 -18.73
CA MET C 397 -30.58 -14.93 -19.96
C MET C 397 -30.89 -16.36 -20.40
N LEU C 398 -29.92 -17.26 -20.31
CA LEU C 398 -30.16 -18.65 -20.65
C LEU C 398 -31.22 -19.26 -19.75
N TYR C 399 -31.14 -18.97 -18.45
CA TYR C 399 -32.15 -19.50 -17.53
C TYR C 399 -33.54 -18.99 -17.88
N MET C 400 -33.65 -17.70 -18.20
CA MET C 400 -34.97 -17.14 -18.48
C MET C 400 -35.56 -17.68 -19.78
N ARG C 401 -34.75 -18.28 -20.65
CA ARG C 401 -35.18 -18.82 -21.93
C ARG C 401 -35.15 -20.35 -21.94
N LEU C 402 -35.41 -20.97 -20.79
CA LEU C 402 -35.37 -22.42 -20.69
C LEU C 402 -36.68 -23.09 -21.09
N ASP C 403 -37.74 -22.32 -21.29
CA ASP C 403 -39.05 -22.92 -21.59
C ASP C 403 -39.01 -23.70 -22.90
N THR C 404 -38.36 -23.15 -23.92
CA THR C 404 -38.31 -23.77 -25.24
C THR C 404 -36.93 -24.34 -25.57
N MET C 405 -36.00 -24.34 -24.62
CA MET C 405 -34.67 -24.87 -24.89
C MET C 405 -34.73 -26.37 -25.16
N ASN C 406 -33.84 -26.82 -26.04
CA ASN C 406 -33.77 -28.24 -26.40
C ASN C 406 -33.14 -29.04 -25.27
N THR C 407 -33.65 -30.27 -25.07
CA THR C 407 -33.23 -31.06 -23.93
C THR C 407 -31.74 -31.36 -23.96
N THR C 408 -31.19 -31.65 -25.13
CA THR C 408 -29.75 -31.84 -25.24
C THR C 408 -28.99 -30.61 -24.78
N CYS C 409 -29.41 -29.44 -25.26
CA CYS C 409 -28.78 -28.20 -24.85
C CYS C 409 -29.03 -27.90 -23.38
N VAL C 410 -30.20 -28.29 -22.86
CA VAL C 410 -30.46 -28.11 -21.44
C VAL C 410 -29.49 -28.95 -20.60
N ASP C 411 -29.21 -30.18 -21.04
CA ASP C 411 -28.25 -31.02 -20.33
C ASP C 411 -26.85 -30.43 -20.40
N ARG C 412 -26.44 -29.94 -21.56
CA ARG C 412 -25.13 -29.29 -21.65
C ARG C 412 -25.06 -28.06 -20.76
N PHE C 413 -26.16 -27.29 -20.71
CA PHE C 413 -26.24 -26.13 -19.85
C PHE C 413 -26.10 -26.52 -18.39
N ILE C 414 -26.80 -27.58 -17.98
CA ILE C 414 -26.72 -28.04 -16.60
C ILE C 414 -25.30 -28.44 -16.26
N ASN C 415 -24.66 -29.23 -17.13
CA ASN C 415 -23.31 -29.71 -16.85
C ASN C 415 -22.34 -28.55 -16.75
N TRP C 416 -22.37 -27.64 -17.72
CA TRP C 416 -21.46 -26.50 -17.66
C TRP C 416 -21.70 -25.66 -16.43
N PHE C 417 -22.97 -25.38 -16.11
CA PHE C 417 -23.26 -24.50 -14.99
C PHE C 417 -22.83 -25.10 -13.67
N SER C 418 -23.08 -26.40 -13.47
CA SER C 418 -22.64 -27.04 -12.24
C SER C 418 -21.12 -27.06 -12.14
N HIS C 419 -20.43 -27.39 -13.24
CA HIS C 419 -18.97 -27.41 -13.20
C HIS C 419 -18.41 -26.02 -12.95
N HIS C 420 -19.04 -25.00 -13.52
CA HIS C 420 -18.59 -23.63 -13.31
C HIS C 420 -18.80 -23.19 -11.86
N LEU C 421 -19.96 -23.50 -11.29
CA LEU C 421 -20.20 -23.19 -9.88
C LEU C 421 -19.20 -23.90 -9.00
N SER C 422 -18.83 -25.13 -9.34
CA SER C 422 -17.83 -25.85 -8.58
C SER C 422 -16.51 -25.09 -8.53
N ASN C 423 -16.22 -24.27 -9.54
CA ASN C 423 -14.97 -23.52 -9.62
C ASN C 423 -15.07 -22.12 -9.02
N PHE C 424 -16.26 -21.70 -8.60
CA PHE C 424 -16.48 -20.37 -8.03
C PHE C 424 -17.19 -20.48 -6.69
N GLN C 425 -16.79 -21.48 -5.88
CA GLN C 425 -17.28 -21.64 -4.52
C GLN C 425 -18.79 -21.81 -4.46
N PHE C 426 -19.39 -22.31 -5.54
CA PHE C 426 -20.82 -22.57 -5.58
C PHE C 426 -21.63 -21.32 -5.24
N ARG C 427 -21.14 -20.15 -5.64
CA ARG C 427 -21.80 -18.89 -5.32
C ARG C 427 -22.69 -18.49 -6.49
N TRP C 428 -23.98 -18.29 -6.20
CA TRP C 428 -24.93 -17.85 -7.22
C TRP C 428 -26.06 -17.10 -6.53
N SER C 429 -26.70 -16.21 -7.29
CA SER C 429 -27.84 -15.43 -6.80
C SER C 429 -29.11 -16.24 -7.04
N TRP C 430 -29.32 -17.24 -6.18
CA TRP C 430 -30.47 -18.13 -6.35
C TRP C 430 -31.79 -17.38 -6.19
N GLU C 431 -31.79 -16.28 -5.43
CA GLU C 431 -33.03 -15.56 -5.20
C GLU C 431 -33.64 -15.06 -6.50
N ASP C 432 -32.78 -14.67 -7.46
CA ASP C 432 -33.27 -14.19 -8.74
C ASP C 432 -34.11 -15.25 -9.47
N TRP C 433 -33.94 -16.52 -9.13
CA TRP C 433 -34.68 -17.61 -9.76
C TRP C 433 -35.84 -18.09 -8.88
N SER C 434 -36.28 -17.26 -7.92
CA SER C 434 -37.31 -17.69 -7.00
C SER C 434 -38.60 -18.07 -7.70
N ASP C 435 -38.83 -17.57 -8.92
CA ASP C 435 -40.04 -17.95 -9.65
C ASP C 435 -40.14 -19.46 -9.83
N CYS C 436 -38.99 -20.14 -9.96
CA CYS C 436 -39.01 -21.58 -10.14
C CYS C 436 -39.69 -22.29 -8.98
N LEU C 437 -39.77 -21.65 -7.81
CA LEU C 437 -40.40 -22.29 -6.65
C LEU C 437 -41.91 -22.37 -6.80
N SER C 438 -42.50 -21.47 -7.58
CA SER C 438 -43.96 -21.40 -7.71
C SER C 438 -44.49 -22.20 -8.89
N GLN C 439 -43.63 -22.87 -9.65
CA GLN C 439 -44.03 -23.57 -10.86
C GLN C 439 -44.20 -25.06 -10.59
N ASP C 440 -44.82 -25.74 -11.55
CA ASP C 440 -44.95 -27.18 -11.48
C ASP C 440 -43.57 -27.81 -11.46
N PRO C 441 -43.33 -28.83 -10.62
CA PRO C 441 -41.97 -29.39 -10.52
C PRO C 441 -41.43 -29.92 -11.84
N GLU C 442 -42.29 -30.31 -12.77
CA GLU C 442 -41.83 -30.83 -14.06
C GLU C 442 -41.51 -29.73 -15.06
N SER C 443 -41.74 -28.46 -14.72
CA SER C 443 -41.45 -27.38 -15.63
C SER C 443 -39.96 -27.26 -15.87
N PRO C 444 -39.55 -26.70 -17.02
CA PRO C 444 -38.12 -26.64 -17.32
C PRO C 444 -37.29 -25.89 -16.28
N LYS C 445 -37.85 -24.85 -15.64
CA LYS C 445 -37.05 -24.07 -14.71
C LYS C 445 -36.81 -24.80 -13.41
N PRO C 446 -37.83 -25.24 -12.66
CA PRO C 446 -37.56 -26.04 -11.46
C PRO C 446 -36.80 -27.32 -11.76
N LYS C 447 -37.07 -27.96 -12.90
CA LYS C 447 -36.33 -29.15 -13.27
C LYS C 447 -34.86 -28.84 -13.49
N PHE C 448 -34.56 -27.73 -14.15
CA PHE C 448 -33.18 -27.31 -14.33
C PHE C 448 -32.51 -27.03 -13.00
N VAL C 449 -33.22 -26.37 -12.08
CA VAL C 449 -32.65 -26.07 -10.78
C VAL C 449 -32.34 -27.36 -10.02
N ARG C 450 -33.28 -28.31 -10.05
CA ARG C 450 -33.05 -29.59 -9.38
C ARG C 450 -31.85 -30.32 -9.97
N GLU C 451 -31.76 -30.36 -11.30
CA GLU C 451 -30.64 -31.07 -11.93
C GLU C 451 -29.31 -30.40 -11.61
N VAL C 452 -29.29 -29.06 -11.60
CA VAL C 452 -28.06 -28.34 -11.27
C VAL C 452 -27.66 -28.63 -9.84
N LEU C 453 -28.62 -28.64 -8.91
CA LEU C 453 -28.28 -28.92 -7.52
C LEU C 453 -27.78 -30.35 -7.36
N GLU C 454 -28.39 -31.31 -8.07
CA GLU C 454 -27.91 -32.69 -8.02
C GLU C 454 -26.48 -32.78 -8.53
N LYS C 455 -26.18 -32.11 -9.65
CA LYS C 455 -24.83 -32.17 -10.21
C LYS C 455 -23.83 -31.48 -9.28
N CYS C 456 -24.25 -30.39 -8.62
CA CYS C 456 -23.39 -29.73 -7.65
C CYS C 456 -23.10 -30.66 -6.49
N MET C 457 -24.12 -31.38 -6.00
CA MET C 457 -23.90 -32.35 -4.94
C MET C 457 -22.98 -33.47 -5.39
N ARG C 458 -23.01 -33.80 -6.68
CA ARG C 458 -22.10 -34.82 -7.21
C ARG C 458 -20.65 -34.38 -7.08
N LEU C 459 -20.39 -33.08 -7.11
CA LEU C 459 -19.05 -32.53 -6.95
C LEU C 459 -18.73 -32.14 -5.51
N SER C 460 -19.66 -32.34 -4.59
CA SER C 460 -19.50 -31.97 -3.19
C SER C 460 -20.30 -32.96 -2.37
N TYR C 461 -20.64 -32.59 -1.13
CA TYR C 461 -21.49 -33.42 -0.29
C TYR C 461 -22.87 -32.78 -0.14
N HIS C 462 -23.80 -33.57 0.42
CA HIS C 462 -25.19 -33.14 0.52
C HIS C 462 -25.34 -31.90 1.37
N GLN C 463 -24.61 -31.83 2.49
CA GLN C 463 -24.79 -30.72 3.43
C GLN C 463 -24.35 -29.40 2.82
N ARG C 464 -23.25 -29.41 2.05
CA ARG C 464 -22.80 -28.19 1.40
C ARG C 464 -23.87 -27.64 0.46
N ILE C 465 -24.47 -28.52 -0.34
CA ILE C 465 -25.52 -28.08 -1.25
C ILE C 465 -26.73 -27.57 -0.49
N LEU C 466 -27.07 -28.24 0.62
CA LEU C 466 -28.16 -27.75 1.45
C LEU C 466 -27.86 -26.35 1.98
N ASP C 467 -26.59 -26.10 2.30
CA ASP C 467 -26.23 -24.81 2.90
C ASP C 467 -26.23 -23.68 1.88
N ILE C 468 -25.70 -23.92 0.68
CA ILE C 468 -25.44 -22.81 -0.23
C ILE C 468 -26.74 -22.15 -0.68
N VAL C 469 -27.80 -22.93 -0.88
CA VAL C 469 -29.04 -22.38 -1.42
C VAL C 469 -29.88 -21.76 -0.31
N PRO C 470 -30.83 -20.88 -0.62
CA PRO C 470 -31.72 -20.34 0.40
C PRO C 470 -32.63 -21.41 0.97
N PRO C 471 -33.14 -21.23 2.19
CA PRO C 471 -34.08 -22.22 2.74
C PRO C 471 -35.32 -22.41 1.88
N THR C 472 -35.81 -21.36 1.22
CA THR C 472 -37.00 -21.50 0.39
C THR C 472 -36.77 -22.45 -0.78
N PHE C 473 -35.51 -22.72 -1.12
CA PHE C 473 -35.16 -23.66 -2.17
C PHE C 473 -34.97 -25.08 -1.66
N SER C 474 -35.19 -25.32 -0.36
CA SER C 474 -34.88 -26.62 0.22
C SER C 474 -35.62 -27.75 -0.48
N ALA C 475 -36.85 -27.50 -0.94
CA ALA C 475 -37.62 -28.55 -1.60
C ALA C 475 -36.96 -29.03 -2.88
N LEU C 476 -36.13 -28.20 -3.51
CA LEU C 476 -35.48 -28.55 -4.76
C LEU C 476 -34.10 -29.16 -4.56
N CYS C 477 -33.67 -29.37 -3.32
CA CYS C 477 -32.35 -29.91 -3.07
C CYS C 477 -32.34 -31.42 -3.23
N PRO C 478 -31.18 -32.01 -3.54
CA PRO C 478 -31.12 -33.46 -3.73
C PRO C 478 -31.32 -34.21 -2.41
N ALA C 479 -31.87 -35.42 -2.54
CA ALA C 479 -32.04 -36.28 -1.37
C ALA C 479 -30.71 -36.88 -0.95
N ASN C 480 -30.64 -37.28 0.32
CA ASN C 480 -29.41 -37.84 0.85
C ASN C 480 -29.08 -39.14 0.12
N PRO C 481 -27.86 -39.31 -0.40
CA PRO C 481 -27.52 -40.56 -1.13
C PRO C 481 -27.25 -41.73 -0.20
N THR C 482 -28.32 -42.23 0.43
CA THR C 482 -28.24 -43.32 1.38
C THR C 482 -28.84 -44.58 0.79
N CYS C 483 -28.21 -45.72 1.09
CA CYS C 483 -28.70 -47.00 0.61
C CYS C 483 -30.01 -47.37 1.29
N ILE C 484 -30.79 -48.21 0.61
CA ILE C 484 -32.03 -48.75 1.14
C ILE C 484 -31.90 -50.26 1.16
N TYR C 485 -32.09 -50.86 2.34
CA TYR C 485 -31.98 -52.30 2.51
C TYR C 485 -33.34 -52.87 2.90
N LYS C 486 -33.70 -54.00 2.28
CA LYS C 486 -34.98 -54.63 2.54
C LYS C 486 -34.99 -55.50 3.78
N TYR C 487 -33.82 -55.83 4.34
CA TYR C 487 -33.70 -56.76 5.45
C TYR C 487 -32.86 -56.14 6.56
N GLY C 488 -33.17 -54.89 6.93
CA GLY C 488 -32.47 -54.20 7.98
C GLY C 488 -33.31 -53.94 9.21
N ASP C 489 -34.61 -53.70 9.02
CA ASP C 489 -35.50 -53.38 10.11
C ASP C 489 -36.03 -54.65 10.77
N GLU C 490 -36.68 -54.47 11.92
CA GLU C 490 -37.29 -55.59 12.63
C GLU C 490 -38.60 -56.02 11.99
N SER C 491 -39.37 -55.08 11.42
CA SER C 491 -40.67 -55.40 10.86
C SER C 491 -40.59 -56.28 9.62
N SER C 492 -39.40 -56.46 9.05
CA SER C 492 -39.22 -57.24 7.84
C SER C 492 -39.18 -58.75 8.10
N ASN C 493 -39.41 -59.18 9.33
CA ASN C 493 -39.30 -60.60 9.65
C ASN C 493 -40.19 -61.45 8.75
N SER C 494 -41.33 -60.91 8.33
CA SER C 494 -42.27 -61.66 7.48
C SER C 494 -41.87 -61.66 6.02
N LEU C 495 -40.93 -60.82 5.61
CA LEU C 495 -40.55 -60.77 4.21
C LEU C 495 -39.89 -62.09 3.79
N PRO C 496 -40.24 -62.65 2.63
CA PRO C 496 -39.60 -63.89 2.19
C PRO C 496 -38.09 -63.72 2.06
N GLY C 497 -37.37 -64.78 2.42
CA GLY C 497 -35.92 -64.77 2.33
C GLY C 497 -35.22 -64.01 3.42
N HIS C 498 -35.94 -63.54 4.44
CA HIS C 498 -35.32 -62.77 5.50
C HIS C 498 -34.25 -63.59 6.22
N SER C 499 -34.57 -64.83 6.56
CA SER C 499 -33.58 -65.70 7.18
C SER C 499 -32.42 -65.98 6.24
N VAL C 500 -32.71 -66.22 4.96
CA VAL C 500 -31.65 -66.44 3.99
C VAL C 500 -30.83 -65.18 3.80
N ALA C 501 -31.49 -64.01 3.87
CA ALA C 501 -30.75 -62.76 3.78
C ALA C 501 -29.79 -62.60 4.95
N LEU C 502 -30.24 -62.94 6.16
CA LEU C 502 -29.35 -62.87 7.33
C LEU C 502 -28.19 -63.85 7.18
N CYS C 503 -28.47 -65.07 6.72
CA CYS C 503 -27.40 -66.03 6.52
C CYS C 503 -26.40 -65.53 5.48
N LEU C 504 -26.89 -64.90 4.41
CA LEU C 504 -26.00 -64.34 3.39
C LEU C 504 -25.16 -63.21 3.97
N ALA C 505 -25.76 -62.36 4.79
CA ALA C 505 -25.00 -61.29 5.42
C ALA C 505 -23.88 -61.84 6.29
N VAL C 506 -24.19 -62.87 7.09
CA VAL C 506 -23.18 -63.50 7.92
C VAL C 506 -22.08 -64.10 7.04
N ALA C 507 -22.47 -64.77 5.96
CA ALA C 507 -21.48 -65.40 5.10
C ALA C 507 -20.56 -64.37 4.45
N PHE C 508 -21.13 -63.26 3.98
CA PHE C 508 -20.31 -62.20 3.40
C PHE C 508 -19.36 -61.62 4.44
N LYS C 509 -19.86 -61.35 5.64
CA LYS C 509 -19.00 -60.81 6.68
C LYS C 509 -17.87 -61.77 7.03
N SER C 510 -18.08 -63.07 6.82
CA SER C 510 -17.10 -64.09 7.15
C SER C 510 -16.27 -64.51 5.93
N LYS C 511 -16.27 -63.69 4.87
CA LYS C 511 -15.45 -63.96 3.68
C LYS C 511 -15.81 -65.31 3.05
N ALA C 512 -17.10 -65.59 2.96
CA ALA C 512 -17.55 -66.83 2.34
C ALA C 512 -17.27 -66.82 0.85
N THR C 513 -16.80 -67.95 0.33
CA THR C 513 -16.46 -68.07 -1.08
C THR C 513 -17.72 -68.37 -1.90
N ASN C 514 -17.52 -68.56 -3.21
CA ASN C 514 -18.66 -68.74 -4.11
C ASN C 514 -19.45 -69.99 -3.77
N ASP C 515 -18.76 -71.08 -3.44
CA ASP C 515 -19.47 -72.33 -3.14
C ASP C 515 -20.37 -72.17 -1.92
N GLU C 516 -19.88 -71.49 -0.88
CA GLU C 516 -20.70 -71.27 0.31
C GLU C 516 -21.92 -70.44 -0.01
N ILE C 517 -21.76 -69.41 -0.85
CA ILE C 517 -22.88 -68.56 -1.22
C ILE C 517 -23.91 -69.38 -2.00
N PHE C 518 -23.45 -70.23 -2.92
CA PHE C 518 -24.38 -71.07 -3.67
C PHE C 518 -25.13 -72.02 -2.74
N SER C 519 -24.40 -72.64 -1.80
CA SER C 519 -25.06 -73.57 -0.87
C SER C 519 -26.10 -72.84 -0.03
N ILE C 520 -25.77 -71.64 0.44
CA ILE C 520 -26.72 -70.87 1.24
C ILE C 520 -27.94 -70.51 0.41
N LEU C 521 -27.73 -70.09 -0.84
CA LEU C 521 -28.84 -69.69 -1.71
C LEU C 521 -29.70 -70.86 -2.12
N LYS C 522 -29.16 -72.09 -2.10
CA LYS C 522 -29.94 -73.24 -2.53
C LYS C 522 -31.22 -73.42 -1.71
N ASP C 523 -31.27 -72.86 -0.50
CA ASP C 523 -32.46 -73.00 0.33
C ASP C 523 -33.54 -71.97 -0.02
N VAL C 524 -33.27 -71.02 -0.91
CA VAL C 524 -34.28 -70.03 -1.24
C VAL C 524 -35.45 -70.72 -1.93
N PRO C 525 -36.69 -70.51 -1.49
CA PRO C 525 -37.82 -71.19 -2.14
C PRO C 525 -38.12 -70.58 -3.50
N ASN C 526 -38.21 -71.44 -4.51
CA ASN C 526 -38.56 -70.99 -5.85
C ASN C 526 -40.07 -70.83 -5.96
N PRO C 527 -40.58 -69.64 -6.32
CA PRO C 527 -42.05 -69.50 -6.43
C PRO C 527 -42.68 -70.48 -7.41
N ASN C 528 -41.99 -70.82 -8.49
CA ASN C 528 -42.51 -71.75 -9.48
C ASN C 528 -41.97 -73.15 -9.26
N SER C 538 -35.04 -72.09 -13.58
CA SER C 538 -33.69 -71.62 -13.90
C SER C 538 -33.55 -70.12 -13.66
N PHE C 539 -34.59 -69.52 -13.06
CA PHE C 539 -34.57 -68.09 -12.75
C PHE C 539 -35.43 -67.88 -11.51
N ASN C 540 -34.79 -67.58 -10.39
CA ASN C 540 -35.50 -67.35 -9.12
C ASN C 540 -35.45 -65.87 -8.77
N PRO C 541 -36.54 -65.13 -8.92
CA PRO C 541 -36.48 -63.69 -8.59
C PRO C 541 -36.09 -63.42 -7.15
N LEU C 542 -36.59 -64.22 -6.20
CA LEU C 542 -36.30 -63.98 -4.79
C LEU C 542 -34.82 -64.23 -4.48
N LYS C 543 -34.23 -65.26 -5.10
CA LYS C 543 -32.82 -65.53 -4.87
C LYS C 543 -31.94 -64.37 -5.33
N ILE C 544 -32.20 -63.88 -6.55
CA ILE C 544 -31.46 -62.72 -7.05
C ILE C 544 -31.69 -61.53 -6.15
N GLU C 545 -32.93 -61.31 -5.72
CA GLU C 545 -33.24 -60.17 -4.87
C GLU C 545 -32.41 -60.21 -3.60
N VAL C 546 -32.44 -61.33 -2.87
CA VAL C 546 -31.74 -61.41 -1.60
C VAL C 546 -30.25 -61.26 -1.81
N PHE C 547 -29.70 -61.95 -2.81
CA PHE C 547 -28.25 -61.89 -3.01
C PHE C 547 -27.81 -60.47 -3.35
N VAL C 548 -28.49 -59.83 -4.31
CA VAL C 548 -28.10 -58.50 -4.74
C VAL C 548 -28.25 -57.50 -3.60
N GLN C 549 -29.37 -57.56 -2.88
CA GLN C 549 -29.58 -56.63 -1.78
C GLN C 549 -28.50 -56.78 -0.72
N THR C 550 -28.19 -58.02 -0.31
CA THR C 550 -27.18 -58.22 0.71
C THR C 550 -25.82 -57.73 0.24
N LEU C 551 -25.43 -58.10 -0.98
CA LEU C 551 -24.11 -57.73 -1.47
C LEU C 551 -23.96 -56.22 -1.60
N LEU C 552 -25.00 -55.55 -2.14
CA LEU C 552 -24.92 -54.10 -2.30
C LEU C 552 -24.94 -53.38 -0.96
N HIS C 553 -25.77 -53.85 -0.02
CA HIS C 553 -25.81 -53.21 1.30
C HIS C 553 -24.48 -53.35 2.01
N LEU C 554 -23.85 -54.52 1.92
CA LEU C 554 -22.59 -54.71 2.63
C LEU C 554 -21.43 -53.96 2.00
N ALA C 555 -21.54 -53.59 0.72
CA ALA C 555 -20.48 -52.87 0.02
C ALA C 555 -20.86 -51.42 -0.25
N ALA C 556 -21.80 -50.88 0.51
CA ALA C 556 -22.32 -49.53 0.29
C ALA C 556 -21.38 -48.44 0.79
N LYS C 557 -20.15 -48.78 1.18
CA LYS C 557 -19.25 -47.78 1.71
C LYS C 557 -18.72 -46.86 0.62
N SER C 558 -18.31 -47.42 -0.52
CA SER C 558 -17.66 -46.65 -1.56
C SER C 558 -17.83 -47.37 -2.89
N PHE C 559 -17.50 -46.65 -3.97
CA PHE C 559 -17.54 -47.24 -5.31
C PHE C 559 -16.55 -48.38 -5.43
N SER C 560 -15.34 -48.20 -4.90
CA SER C 560 -14.31 -49.23 -5.02
C SER C 560 -14.74 -50.51 -4.32
N HIS C 561 -15.38 -50.38 -3.15
CA HIS C 561 -15.86 -51.57 -2.45
C HIS C 561 -16.92 -52.29 -3.27
N SER C 562 -17.83 -51.54 -3.89
CA SER C 562 -18.85 -52.18 -4.73
C SER C 562 -18.22 -52.89 -5.92
N PHE C 563 -17.21 -52.27 -6.54
CA PHE C 563 -16.54 -52.92 -7.67
C PHE C 563 -15.83 -54.19 -7.22
N SER C 564 -15.17 -54.14 -6.07
CA SER C 564 -14.52 -55.34 -5.55
C SER C 564 -15.54 -56.43 -5.25
N ALA C 565 -16.68 -56.06 -4.68
CA ALA C 565 -17.73 -57.04 -4.39
C ALA C 565 -18.23 -57.69 -5.68
N LEU C 566 -18.46 -56.88 -6.72
CA LEU C 566 -18.93 -57.42 -7.99
C LEU C 566 -17.88 -58.36 -8.58
N ALA C 567 -16.60 -57.97 -8.53
CA ALA C 567 -15.55 -58.81 -9.10
C ALA C 567 -15.43 -60.13 -8.34
N LYS C 568 -15.50 -60.09 -7.01
CA LYS C 568 -15.29 -61.29 -6.22
C LYS C 568 -16.37 -62.33 -6.48
N PHE C 569 -17.63 -61.89 -6.58
CA PHE C 569 -18.77 -62.78 -6.80
C PHE C 569 -19.23 -62.75 -8.24
N HIS C 570 -18.29 -62.64 -9.18
CA HIS C 570 -18.64 -62.66 -10.60
C HIS C 570 -19.31 -63.98 -10.98
N GLU C 571 -18.80 -65.10 -10.46
CA GLU C 571 -19.37 -66.40 -10.79
C GLU C 571 -20.83 -66.49 -10.36
N VAL C 572 -21.14 -66.01 -9.16
CA VAL C 572 -22.52 -66.08 -8.68
C VAL C 572 -23.43 -65.25 -9.56
N PHE C 573 -22.99 -64.04 -9.91
CA PHE C 573 -23.82 -63.18 -10.76
C PHE C 573 -24.06 -63.81 -12.12
N LYS C 574 -23.01 -64.39 -12.72
CA LYS C 574 -23.17 -65.03 -14.02
C LYS C 574 -24.11 -66.23 -13.93
N THR C 575 -23.97 -67.05 -12.88
CA THR C 575 -24.81 -68.23 -12.75
C THR C 575 -26.26 -67.86 -12.52
N LEU C 576 -26.52 -66.83 -11.70
CA LEU C 576 -27.89 -66.48 -11.36
C LEU C 576 -28.58 -65.73 -12.50
N ALA C 577 -27.97 -64.65 -12.98
CA ALA C 577 -28.56 -63.85 -14.05
C ALA C 577 -28.01 -64.28 -15.42
N GLU C 578 -28.21 -65.56 -15.73
CA GLU C 578 -27.80 -66.12 -17.00
C GLU C 578 -28.85 -65.95 -18.09
N SER C 579 -30.04 -65.49 -17.75
CA SER C 579 -31.13 -65.28 -18.71
C SER C 579 -31.46 -63.78 -18.79
N ASP C 580 -32.25 -63.44 -19.81
CA ASP C 580 -32.65 -62.05 -19.98
C ASP C 580 -33.49 -61.58 -18.78
N GLU C 581 -34.41 -62.42 -18.32
CA GLU C 581 -35.20 -62.07 -17.14
C GLU C 581 -34.31 -61.92 -15.93
N GLY C 582 -33.27 -62.76 -15.81
CA GLY C 582 -32.33 -62.61 -14.71
C GLY C 582 -31.64 -61.27 -14.73
N LYS C 583 -31.18 -60.83 -15.91
CA LYS C 583 -30.52 -59.54 -16.02
C LYS C 583 -31.49 -58.39 -15.69
N LEU C 584 -32.72 -58.48 -16.20
CA LEU C 584 -33.70 -57.45 -15.90
C LEU C 584 -33.97 -57.36 -14.41
N HIS C 585 -34.11 -58.51 -13.75
CA HIS C 585 -34.38 -58.49 -12.31
C HIS C 585 -33.16 -57.99 -11.53
N VAL C 586 -31.96 -58.33 -11.98
CA VAL C 586 -30.76 -57.81 -11.32
C VAL C 586 -30.75 -56.29 -11.38
N LEU C 587 -31.04 -55.73 -12.56
CA LEU C 587 -31.07 -54.28 -12.69
C LEU C 587 -32.18 -53.68 -11.83
N ARG C 588 -33.34 -54.32 -11.80
CA ARG C 588 -34.45 -53.82 -10.98
C ARG C 588 -34.07 -53.77 -9.51
N VAL C 589 -33.44 -54.84 -9.01
CA VAL C 589 -33.07 -54.89 -7.60
C VAL C 589 -31.97 -53.88 -7.30
N MET C 590 -31.00 -53.75 -8.20
CA MET C 590 -29.93 -52.78 -8.00
C MET C 590 -30.50 -51.37 -7.92
N PHE C 591 -31.49 -51.05 -8.78
CA PHE C 591 -32.14 -49.75 -8.70
C PHE C 591 -32.89 -49.60 -7.38
N GLU C 592 -33.58 -50.65 -6.96
CA GLU C 592 -34.33 -50.57 -5.70
C GLU C 592 -33.42 -50.29 -4.52
N VAL C 593 -32.22 -50.89 -4.51
CA VAL C 593 -31.29 -50.68 -3.41
C VAL C 593 -30.76 -49.25 -3.42
N TRP C 594 -30.34 -48.76 -4.58
CA TRP C 594 -29.61 -47.50 -4.69
C TRP C 594 -30.44 -46.40 -5.34
N ARG C 595 -31.76 -46.42 -5.11
CA ARG C 595 -32.65 -45.45 -5.75
C ARG C 595 -32.22 -44.01 -5.48
N ASN C 596 -31.65 -43.75 -4.31
CA ASN C 596 -31.33 -42.39 -3.88
C ASN C 596 -29.91 -41.96 -4.23
N HIS C 597 -29.15 -42.78 -4.96
CA HIS C 597 -27.77 -42.47 -5.33
C HIS C 597 -27.60 -42.71 -6.83
N PRO C 598 -28.10 -41.79 -7.66
CA PRO C 598 -28.01 -42.02 -9.12
C PRO C 598 -26.59 -42.25 -9.62
N GLN C 599 -25.59 -41.58 -9.04
CA GLN C 599 -24.21 -41.80 -9.48
C GLN C 599 -23.79 -43.24 -9.22
N MET C 600 -24.19 -43.80 -8.08
CA MET C 600 -23.90 -45.21 -7.80
C MET C 600 -24.57 -46.10 -8.82
N ILE C 601 -25.82 -45.79 -9.18
CA ILE C 601 -26.52 -46.59 -10.19
C ILE C 601 -25.73 -46.57 -11.50
N ALA C 602 -25.28 -45.39 -11.92
CA ALA C 602 -24.57 -45.27 -13.17
C ALA C 602 -23.28 -46.09 -13.16
N VAL C 603 -22.47 -45.93 -12.11
CA VAL C 603 -21.20 -46.64 -12.08
C VAL C 603 -21.43 -48.15 -11.99
N LEU C 604 -22.43 -48.58 -11.22
CA LEU C 604 -22.70 -50.00 -11.10
C LEU C 604 -23.16 -50.60 -12.43
N VAL C 605 -24.05 -49.89 -13.15
CA VAL C 605 -24.50 -50.39 -14.44
C VAL C 605 -23.34 -50.46 -15.42
N ASP C 606 -22.48 -49.43 -15.43
CA ASP C 606 -21.31 -49.45 -16.31
C ASP C 606 -20.43 -50.64 -16.01
N LYS C 607 -20.13 -50.88 -14.72
CA LYS C 607 -19.25 -52.00 -14.37
C LYS C 607 -19.89 -53.34 -14.69
N MET C 608 -21.19 -53.48 -14.45
CA MET C 608 -21.87 -54.73 -14.76
C MET C 608 -21.83 -55.01 -16.26
N ILE C 609 -22.04 -53.98 -17.08
CA ILE C 609 -21.91 -54.16 -18.53
C ILE C 609 -20.49 -54.57 -18.88
N ARG C 610 -19.50 -53.90 -18.29
CA ARG C 610 -18.11 -54.18 -18.66
C ARG C 610 -17.71 -55.61 -18.29
N THR C 611 -18.18 -56.09 -17.15
CA THR C 611 -17.86 -57.45 -16.70
C THR C 611 -18.87 -58.48 -17.18
N GLN C 612 -19.86 -58.08 -17.98
CA GLN C 612 -20.80 -58.97 -18.65
C GLN C 612 -21.88 -59.52 -17.73
N ILE C 613 -22.13 -58.90 -16.58
CA ILE C 613 -23.25 -59.33 -15.75
C ILE C 613 -24.56 -59.13 -16.49
N VAL C 614 -24.71 -57.99 -17.16
CA VAL C 614 -25.86 -57.73 -18.02
C VAL C 614 -25.35 -57.37 -19.40
N ASP C 615 -26.26 -57.08 -20.32
CA ASP C 615 -25.91 -56.68 -21.68
C ASP C 615 -26.66 -55.39 -22.02
N CYS C 616 -26.19 -54.73 -23.09
CA CYS C 616 -26.77 -53.45 -23.48
C CYS C 616 -28.28 -53.56 -23.71
N ALA C 617 -28.72 -54.69 -24.26
CA ALA C 617 -30.15 -54.89 -24.48
C ALA C 617 -30.91 -54.89 -23.16
N ALA C 618 -30.36 -55.54 -22.14
CA ALA C 618 -31.03 -55.57 -20.84
C ALA C 618 -31.13 -54.18 -20.25
N VAL C 619 -30.06 -53.39 -20.35
CA VAL C 619 -30.10 -52.02 -19.83
C VAL C 619 -31.12 -51.19 -20.60
N ALA C 620 -31.16 -51.34 -21.92
CA ALA C 620 -32.11 -50.59 -22.72
C ALA C 620 -33.55 -50.93 -22.33
N ASN C 621 -33.82 -52.22 -22.13
CA ASN C 621 -35.15 -52.63 -21.70
C ASN C 621 -35.48 -52.11 -20.31
N TRP C 622 -34.49 -52.11 -19.41
CA TRP C 622 -34.70 -51.63 -18.05
C TRP C 622 -34.98 -50.13 -18.02
N ILE C 623 -34.36 -49.37 -18.92
CA ILE C 623 -34.56 -47.93 -18.95
C ILE C 623 -36.03 -47.60 -19.18
N PHE C 624 -36.70 -48.36 -20.03
CA PHE C 624 -38.10 -48.13 -20.37
C PHE C 624 -39.06 -48.94 -19.53
N SER C 625 -38.58 -49.65 -18.51
CA SER C 625 -39.44 -50.44 -17.66
C SER C 625 -40.34 -49.54 -16.82
N SER C 626 -41.44 -50.12 -16.34
CA SER C 626 -42.39 -49.38 -15.51
C SER C 626 -41.84 -49.01 -14.15
N GLU C 627 -40.69 -49.58 -13.75
CA GLU C 627 -40.10 -49.22 -12.47
C GLU C 627 -39.41 -47.86 -12.53
N LEU C 628 -38.87 -47.49 -13.69
CA LEU C 628 -38.18 -46.22 -13.87
C LEU C 628 -39.08 -45.15 -14.44
N SER C 629 -40.40 -45.39 -14.49
CA SER C 629 -41.31 -44.43 -15.13
C SER C 629 -41.27 -43.09 -14.42
N ARG C 630 -41.17 -43.08 -13.09
CA ARG C 630 -41.15 -41.83 -12.35
C ARG C 630 -39.84 -41.09 -12.53
N ASP C 631 -38.74 -41.81 -12.75
CA ASP C 631 -37.44 -41.21 -12.98
C ASP C 631 -37.08 -41.16 -14.46
N PHE C 632 -38.07 -41.30 -15.34
CA PHE C 632 -37.80 -41.38 -16.77
C PHE C 632 -37.16 -40.08 -17.28
N THR C 633 -37.67 -38.94 -16.84
CA THR C 633 -37.20 -37.65 -17.35
C THR C 633 -35.91 -37.17 -16.70
N ARG C 634 -35.42 -37.86 -15.67
CA ARG C 634 -34.22 -37.41 -14.97
C ARG C 634 -32.98 -37.64 -15.83
N LEU C 635 -31.95 -36.84 -15.58
CA LEU C 635 -30.77 -36.85 -16.43
C LEU C 635 -30.02 -38.18 -16.37
N PHE C 636 -29.90 -38.76 -15.17
CA PHE C 636 -29.02 -39.91 -15.00
C PHE C 636 -29.49 -41.11 -15.83
N VAL C 637 -30.79 -41.24 -16.06
CA VAL C 637 -31.29 -42.32 -16.90
C VAL C 637 -30.67 -42.24 -18.30
N TRP C 638 -30.73 -41.06 -18.90
CA TRP C 638 -30.22 -40.89 -20.26
C TRP C 638 -28.69 -40.87 -20.28
N GLU C 639 -28.06 -40.43 -19.20
CA GLU C 639 -26.61 -40.58 -19.09
C GLU C 639 -26.22 -42.05 -19.13
N ILE C 640 -26.96 -42.90 -18.41
CA ILE C 640 -26.68 -44.33 -18.41
C ILE C 640 -26.89 -44.92 -19.80
N LEU C 641 -28.01 -44.54 -20.44
CA LEU C 641 -28.28 -45.08 -21.77
C LEU C 641 -27.20 -44.69 -22.77
N HIS C 642 -26.78 -43.43 -22.75
CA HIS C 642 -25.76 -42.98 -23.68
C HIS C 642 -24.41 -43.62 -23.37
N SER C 643 -24.09 -43.83 -22.09
CA SER C 643 -22.86 -44.54 -21.75
C SER C 643 -22.87 -45.96 -22.29
N THR C 644 -24.01 -46.64 -22.18
CA THR C 644 -24.12 -47.99 -22.72
C THR C 644 -23.93 -47.99 -24.24
N ILE C 645 -24.58 -47.05 -24.93
CA ILE C 645 -24.43 -46.98 -26.39
C ILE C 645 -22.96 -46.71 -26.74
N ARG C 646 -22.31 -45.81 -26.02
CA ARG C 646 -20.91 -45.51 -26.27
C ARG C 646 -20.04 -46.74 -26.06
N LYS C 647 -20.32 -47.52 -25.02
CA LYS C 647 -19.55 -48.74 -24.78
C LYS C 647 -19.72 -49.72 -25.92
N MET C 648 -20.95 -49.89 -26.41
CA MET C 648 -21.18 -50.78 -27.54
C MET C 648 -20.41 -50.32 -28.77
N ASN C 649 -20.46 -49.01 -29.06
CA ASN C 649 -19.75 -48.48 -30.21
C ASN C 649 -18.25 -48.68 -30.07
N LYS C 650 -17.71 -48.44 -28.88
CA LYS C 650 -16.28 -48.61 -28.67
C LYS C 650 -15.87 -50.07 -28.84
N HIS C 651 -16.70 -50.99 -28.35
CA HIS C 651 -16.40 -52.41 -28.53
C HIS C 651 -16.36 -52.78 -30.01
N VAL C 652 -17.36 -52.31 -30.77
CA VAL C 652 -17.38 -52.60 -32.21
C VAL C 652 -16.14 -52.02 -32.88
N LEU C 653 -15.79 -50.78 -32.55
CA LEU C 653 -14.63 -50.15 -33.16
C LEU C 653 -13.35 -50.89 -32.83
N LYS C 654 -13.19 -51.32 -31.57
CA LYS C 654 -12.00 -52.06 -31.18
C LYS C 654 -11.90 -53.37 -31.93
N ILE C 655 -13.02 -54.09 -32.06
CA ILE C 655 -13.01 -55.35 -32.79
C ILE C 655 -12.63 -55.13 -34.25
N GLN C 656 -13.20 -54.10 -34.87
CA GLN C 656 -12.86 -53.80 -36.26
C GLN C 656 -11.39 -53.44 -36.40
N LYS C 657 -10.86 -52.65 -35.47
CA LYS C 657 -9.45 -52.29 -35.53
C LYS C 657 -8.56 -53.52 -35.39
N GLU C 658 -8.92 -54.43 -34.49
CA GLU C 658 -8.16 -55.67 -34.35
C GLU C 658 -8.18 -56.47 -35.64
N LEU C 659 -9.36 -56.57 -36.28
CA LEU C 659 -9.45 -57.30 -37.54
C LEU C 659 -8.58 -56.65 -38.62
N GLU C 660 -8.62 -55.32 -38.71
CA GLU C 660 -7.82 -54.63 -39.71
C GLU C 660 -6.33 -54.84 -39.46
N GLU C 661 -5.91 -54.77 -38.19
CA GLU C 661 -4.51 -55.00 -37.86
C GLU C 661 -4.09 -56.42 -38.23
N ALA C 662 -4.95 -57.41 -37.92
CA ALA C 662 -4.62 -58.79 -38.27
C ALA C 662 -4.50 -58.97 -39.77
N LYS C 663 -5.43 -58.38 -40.54
CA LYS C 663 -5.36 -58.49 -41.99
C LYS C 663 -4.10 -57.84 -42.54
N GLU C 664 -3.74 -56.66 -42.01
CA GLU C 664 -2.52 -56.01 -42.47
C GLU C 664 -1.28 -56.85 -42.14
N LYS C 665 -1.24 -57.44 -40.94
CA LYS C 665 -0.11 -58.29 -40.57
C LYS C 665 -0.03 -59.50 -41.49
N LEU C 666 -1.17 -60.12 -41.79
CA LEU C 666 -1.18 -61.28 -42.69
C LEU C 666 -0.69 -60.88 -44.08
N ALA C 667 -1.14 -59.74 -44.59
CA ALA C 667 -0.70 -59.29 -45.90
C ALA C 667 0.80 -59.02 -45.92
N ARG C 668 1.31 -58.39 -44.86
CA ARG C 668 2.75 -58.12 -44.78
C ARG C 668 3.54 -59.42 -44.73
N GLN C 669 3.07 -60.39 -43.95
CA GLN C 669 3.76 -61.68 -43.87
C GLN C 669 3.76 -62.37 -45.22
N HIS C 670 2.62 -62.35 -45.92
CA HIS C 670 2.55 -62.97 -47.24
C HIS C 670 3.50 -62.29 -48.22
N LYS C 671 3.55 -60.96 -48.19
CA LYS C 671 4.46 -60.25 -49.08
C LYS C 671 5.91 -60.58 -48.78
N ARG C 672 6.28 -60.63 -47.49
CA ARG C 672 7.65 -60.93 -47.13
C ARG C 672 8.03 -62.34 -47.53
N ARG C 673 7.12 -63.31 -47.32
CA ARG C 673 7.43 -64.69 -47.66
C ARG C 673 7.65 -64.86 -49.17
N SER C 674 6.81 -64.21 -49.97
CA SER C 674 6.93 -64.29 -51.42
C SER C 674 8.27 -63.73 -51.89
N ASP C 685 -0.05 -70.26 -42.04
CA ASP C 685 -1.04 -69.44 -42.73
C ASP C 685 -2.45 -69.94 -42.43
N GLY C 686 -2.61 -71.27 -42.42
CA GLY C 686 -3.92 -71.84 -42.11
C GLY C 686 -4.43 -71.40 -40.75
N VAL C 687 -3.56 -71.44 -39.73
CA VAL C 687 -3.94 -70.96 -38.41
C VAL C 687 -4.29 -69.47 -38.46
N LEU C 688 -3.49 -68.69 -39.19
CA LEU C 688 -3.78 -67.27 -39.32
C LEU C 688 -5.09 -67.04 -40.04
N GLU C 689 -5.36 -67.82 -41.09
CA GLU C 689 -6.63 -67.69 -41.81
C GLU C 689 -7.80 -68.02 -40.90
N GLU C 690 -7.68 -69.08 -40.08
CA GLU C 690 -8.73 -69.41 -39.14
C GLU C 690 -8.94 -68.30 -38.12
N GLN C 691 -7.85 -67.70 -37.65
CA GLN C 691 -7.97 -66.58 -36.72
C GLN C 691 -8.68 -65.40 -37.36
N ILE C 692 -8.36 -65.11 -38.62
CA ILE C 692 -9.03 -64.02 -39.32
C ILE C 692 -10.51 -64.33 -39.49
N GLU C 693 -10.84 -65.59 -39.79
CA GLU C 693 -12.25 -65.96 -39.92
C GLU C 693 -12.99 -65.78 -38.59
N ARG C 694 -12.36 -66.19 -37.49
CA ARG C 694 -12.97 -66.03 -36.18
C ARG C 694 -13.17 -64.55 -35.86
N LEU C 695 -12.17 -63.73 -36.18
CA LEU C 695 -12.29 -62.29 -35.95
C LEU C 695 -13.40 -61.69 -36.80
N GLN C 696 -13.54 -62.17 -38.05
CA GLN C 696 -14.59 -61.65 -38.92
C GLN C 696 -15.97 -61.98 -38.37
N GLU C 697 -16.16 -63.23 -37.92
CA GLU C 697 -17.46 -63.57 -37.34
C GLU C 697 -17.69 -62.83 -36.02
N LYS C 698 -16.64 -62.56 -35.26
CA LYS C 698 -16.78 -61.73 -34.07
C LYS C 698 -17.23 -60.31 -34.45
N VAL C 699 -16.66 -59.77 -35.52
CA VAL C 699 -17.09 -58.45 -36.00
C VAL C 699 -18.55 -58.47 -36.38
N GLU C 700 -18.97 -59.52 -37.08
CA GLU C 700 -20.37 -59.63 -37.46
C GLU C 700 -21.28 -59.70 -36.24
N SER C 701 -20.88 -60.46 -35.23
CA SER C 701 -21.68 -60.57 -34.01
C SER C 701 -21.76 -59.23 -33.29
N ALA C 702 -20.65 -58.49 -33.23
CA ALA C 702 -20.67 -57.18 -32.58
C ALA C 702 -21.57 -56.21 -33.33
N GLN C 703 -21.51 -56.22 -34.66
CA GLN C 703 -22.39 -55.36 -35.44
C GLN C 703 -23.85 -55.74 -35.23
N SER C 704 -24.13 -57.04 -35.16
CA SER C 704 -25.49 -57.48 -34.90
C SER C 704 -25.98 -56.99 -33.54
N GLU C 705 -25.12 -57.07 -32.53
CA GLU C 705 -25.51 -56.61 -31.19
C GLU C 705 -25.78 -55.12 -31.19
N GLN C 706 -24.93 -54.34 -31.87
CA GLN C 706 -25.14 -52.90 -31.94
C GLN C 706 -26.45 -52.56 -32.63
N LYS C 707 -26.72 -53.22 -33.76
CA LYS C 707 -27.96 -52.98 -34.49
C LYS C 707 -29.16 -53.36 -33.63
N ASN C 708 -29.08 -54.48 -32.91
CA ASN C 708 -30.18 -54.90 -32.07
C ASN C 708 -30.41 -53.90 -30.94
N LEU C 709 -29.34 -53.38 -30.35
CA LEU C 709 -29.48 -52.38 -29.31
C LEU C 709 -30.23 -51.15 -29.83
N PHE C 710 -29.80 -50.63 -30.98
CA PHE C 710 -30.47 -49.46 -31.53
C PHE C 710 -31.93 -49.76 -31.88
N LEU C 711 -32.18 -50.94 -32.45
CA LEU C 711 -33.54 -51.33 -32.81
C LEU C 711 -34.43 -51.40 -31.56
N VAL C 712 -33.91 -51.97 -30.47
CA VAL C 712 -34.69 -52.08 -29.25
C VAL C 712 -35.00 -50.71 -28.68
N ILE C 713 -34.00 -49.82 -28.68
CA ILE C 713 -34.23 -48.46 -28.16
C ILE C 713 -35.32 -47.78 -28.98
N PHE C 714 -35.23 -47.86 -30.30
CA PHE C 714 -36.22 -47.22 -31.15
C PHE C 714 -37.60 -47.84 -30.96
N GLN C 715 -37.66 -49.17 -30.81
CA GLN C 715 -38.95 -49.83 -30.60
C GLN C 715 -39.61 -49.34 -29.32
N ARG C 716 -38.86 -49.28 -28.23
CA ARG C 716 -39.44 -48.84 -26.96
C ARG C 716 -39.85 -47.37 -27.03
N PHE C 717 -39.03 -46.52 -27.66
CA PHE C 717 -39.40 -45.13 -27.83
C PHE C 717 -40.71 -45.01 -28.59
N ILE C 718 -40.83 -45.73 -29.71
CA ILE C 718 -42.05 -45.67 -30.51
C ILE C 718 -43.24 -46.17 -29.71
N MET C 719 -43.06 -47.26 -28.97
CA MET C 719 -44.17 -47.82 -28.20
C MET C 719 -44.69 -46.82 -27.17
N ILE C 720 -43.79 -46.25 -26.37
CA ILE C 720 -44.23 -45.34 -25.32
C ILE C 720 -44.84 -44.08 -25.91
N LEU C 721 -44.23 -43.54 -26.97
CA LEU C 721 -44.76 -42.33 -27.59
C LEU C 721 -46.14 -42.58 -28.18
N THR C 722 -46.32 -43.72 -28.85
CA THR C 722 -47.62 -44.05 -29.42
C THR C 722 -48.66 -44.22 -28.33
N GLU C 723 -48.29 -44.87 -27.23
CA GLU C 723 -49.23 -45.04 -26.12
C GLU C 723 -49.68 -43.67 -25.59
N HIS C 724 -48.71 -42.77 -25.39
CA HIS C 724 -49.07 -41.44 -24.88
C HIS C 724 -49.96 -40.70 -25.87
N LEU C 725 -49.64 -40.76 -27.16
CA LEU C 725 -50.44 -40.05 -28.15
C LEU C 725 -51.86 -40.59 -28.20
N VAL C 726 -52.01 -41.92 -28.16
CA VAL C 726 -53.34 -42.52 -28.19
C VAL C 726 -54.12 -42.12 -26.95
N ARG C 727 -53.48 -42.15 -25.78
CA ARG C 727 -54.16 -41.76 -24.55
C ARG C 727 -54.60 -40.30 -24.62
N CYS C 728 -53.73 -39.42 -25.10
CA CYS C 728 -54.07 -38.00 -25.18
C CYS C 728 -55.22 -37.78 -26.15
N GLU C 729 -55.21 -38.45 -27.29
CA GLU C 729 -56.32 -38.33 -28.23
C GLU C 729 -57.62 -38.84 -27.62
N THR C 730 -57.56 -39.96 -26.90
CA THR C 730 -58.77 -40.51 -26.31
C THR C 730 -59.34 -39.57 -25.24
N ASP C 731 -58.48 -39.03 -24.39
CA ASP C 731 -58.92 -38.15 -23.31
C ASP C 731 -59.07 -36.69 -23.75
N GLY C 732 -58.74 -36.37 -24.99
CA GLY C 732 -58.82 -34.98 -25.43
C GLY C 732 -57.85 -34.07 -24.70
N THR C 733 -56.63 -34.54 -24.48
CA THR C 733 -55.60 -33.77 -23.80
C THR C 733 -54.56 -33.29 -24.80
N SER C 734 -53.96 -32.14 -24.51
CA SER C 734 -52.92 -31.61 -25.37
C SER C 734 -51.73 -32.56 -25.42
N VAL C 735 -51.22 -32.81 -26.63
CA VAL C 735 -50.07 -33.69 -26.77
C VAL C 735 -48.84 -33.09 -26.11
N LEU C 736 -48.65 -31.77 -26.25
CA LEU C 736 -47.44 -31.11 -25.75
C LEU C 736 -47.52 -31.00 -24.24
N THR C 737 -46.81 -31.88 -23.54
CA THR C 737 -46.66 -31.86 -22.10
C THR C 737 -45.18 -32.00 -21.78
N PRO C 738 -44.77 -31.64 -20.56
CA PRO C 738 -43.35 -31.76 -20.22
C PRO C 738 -42.78 -33.15 -20.46
N TRP C 739 -43.56 -34.19 -20.11
CA TRP C 739 -43.09 -35.55 -20.35
C TRP C 739 -42.92 -35.82 -21.84
N TYR C 740 -43.90 -35.40 -22.65
CA TYR C 740 -43.80 -35.61 -24.09
C TYR C 740 -42.63 -34.86 -24.67
N LYS C 741 -42.44 -33.60 -24.24
CA LYS C 741 -41.30 -32.84 -24.70
C LYS C 741 -40.00 -33.57 -24.41
N ASN C 742 -39.83 -34.03 -23.16
CA ASN C 742 -38.61 -34.73 -22.79
C ASN C 742 -38.43 -35.99 -23.63
N CYS C 743 -39.49 -36.77 -23.80
CA CYS C 743 -39.36 -38.05 -24.51
C CYS C 743 -39.01 -37.83 -25.98
N ILE C 744 -39.72 -36.92 -26.65
CA ILE C 744 -39.47 -36.68 -28.06
C ILE C 744 -38.08 -36.10 -28.26
N GLU C 745 -37.64 -35.20 -27.37
CA GLU C 745 -36.31 -34.64 -27.53
C GLU C 745 -35.23 -35.65 -27.18
N ARG C 746 -35.53 -36.64 -26.33
CA ARG C 746 -34.55 -37.68 -26.07
C ARG C 746 -34.43 -38.64 -27.26
N LEU C 747 -35.54 -38.93 -27.93
CA LEU C 747 -35.46 -39.67 -29.18
C LEU C 747 -34.64 -38.88 -30.21
N GLN C 748 -34.89 -37.57 -30.30
N GLN C 748 -34.88 -37.57 -30.29
CA GLN C 748 -34.11 -36.72 -31.19
CA GLN C 748 -34.11 -36.73 -31.20
C GLN C 748 -32.62 -36.77 -30.83
C GLN C 748 -32.63 -36.77 -30.83
N GLN C 749 -32.31 -36.74 -29.54
CA GLN C 749 -30.92 -36.81 -29.11
C GLN C 749 -30.29 -38.14 -29.51
N ILE C 750 -31.04 -39.24 -29.36
CA ILE C 750 -30.52 -40.53 -29.78
C ILE C 750 -30.18 -40.50 -31.26
N PHE C 751 -31.07 -39.92 -32.09
CA PHE C 751 -30.78 -39.82 -33.51
C PHE C 751 -29.56 -38.95 -33.77
N LEU C 752 -29.42 -37.84 -33.03
CA LEU C 752 -28.38 -36.86 -33.32
C LEU C 752 -27.00 -37.38 -32.91
N GLN C 753 -26.91 -38.00 -31.74
CA GLN C 753 -25.60 -38.38 -31.20
C GLN C 753 -24.91 -39.41 -32.07
N HIS C 754 -25.66 -40.39 -32.58
CA HIS C 754 -25.10 -41.51 -33.33
C HIS C 754 -25.67 -41.56 -34.74
N HIS C 755 -25.75 -40.41 -35.40
CA HIS C 755 -26.30 -40.37 -36.75
C HIS C 755 -25.45 -41.16 -37.72
N GLN C 756 -24.13 -41.12 -37.55
CA GLN C 756 -23.24 -41.84 -38.45
C GLN C 756 -23.50 -43.34 -38.40
N ILE C 757 -23.66 -43.89 -37.19
CA ILE C 757 -23.95 -45.32 -37.06
C ILE C 757 -25.36 -45.62 -37.53
N ILE C 758 -26.33 -44.78 -37.14
CA ILE C 758 -27.72 -45.04 -37.49
C ILE C 758 -27.95 -44.95 -38.99
N GLN C 759 -27.07 -44.27 -39.72
CA GLN C 759 -27.20 -44.23 -41.17
C GLN C 759 -27.13 -45.63 -41.77
N GLN C 760 -26.31 -46.51 -41.17
CA GLN C 760 -26.16 -47.85 -41.70
C GLN C 760 -27.47 -48.64 -41.65
N TYR C 761 -28.35 -48.31 -40.71
CA TYR C 761 -29.60 -49.02 -40.53
C TYR C 761 -30.78 -48.31 -41.18
N MET C 762 -30.53 -47.51 -42.22
CA MET C 762 -31.59 -46.72 -42.82
C MET C 762 -32.68 -47.61 -43.39
N VAL C 763 -32.30 -48.66 -44.10
CA VAL C 763 -33.28 -49.54 -44.74
C VAL C 763 -34.16 -50.20 -43.68
N THR C 764 -33.53 -50.74 -42.64
CA THR C 764 -34.30 -51.40 -41.58
C THR C 764 -35.22 -50.42 -40.87
N LEU C 765 -34.72 -49.22 -40.56
CA LEU C 765 -35.54 -48.25 -39.87
C LEU C 765 -36.75 -47.83 -40.70
N GLU C 766 -36.54 -47.62 -42.00
CA GLU C 766 -37.64 -47.20 -42.85
C GLU C 766 -38.66 -48.33 -43.06
N ASN C 767 -38.18 -49.55 -43.26
CA ASN C 767 -39.08 -50.65 -43.61
C ASN C 767 -39.87 -51.15 -42.41
N LEU C 768 -39.24 -51.27 -41.25
CA LEU C 768 -39.84 -51.96 -40.11
C LEU C 768 -40.35 -51.01 -39.03
N LEU C 769 -39.54 -50.05 -38.59
CA LEU C 769 -39.88 -49.25 -37.42
C LEU C 769 -40.59 -47.94 -37.81
N PHE C 770 -39.93 -47.11 -38.61
CA PHE C 770 -40.46 -45.80 -38.96
C PHE C 770 -41.16 -45.87 -40.32
N THR C 771 -42.36 -46.43 -40.29
CA THR C 771 -43.17 -46.61 -41.48
C THR C 771 -44.15 -45.45 -41.64
N ALA C 772 -44.76 -45.36 -42.83
CA ALA C 772 -45.72 -44.30 -43.08
C ALA C 772 -46.93 -44.40 -42.17
N GLU C 773 -47.26 -45.61 -41.71
CA GLU C 773 -48.42 -45.79 -40.84
C GLU C 773 -48.20 -45.20 -39.46
N LEU C 774 -46.95 -44.92 -39.09
CA LEU C 774 -46.67 -44.39 -37.77
C LEU C 774 -47.27 -43.00 -37.60
N ASP C 775 -47.54 -42.63 -36.36
CA ASP C 775 -48.13 -41.34 -36.07
C ASP C 775 -47.20 -40.23 -36.56
N PRO C 776 -47.73 -39.16 -37.17
CA PRO C 776 -46.84 -38.13 -37.73
C PRO C 776 -45.89 -37.52 -36.72
N HIS C 777 -46.29 -37.45 -35.45
CA HIS C 777 -45.40 -36.87 -34.44
C HIS C 777 -44.08 -37.63 -34.36
N ILE C 778 -44.16 -38.97 -34.26
CA ILE C 778 -42.95 -39.76 -34.19
C ILE C 778 -42.20 -39.76 -35.52
N LEU C 779 -42.94 -39.90 -36.62
CA LEU C 779 -42.31 -39.96 -37.93
C LEU C 779 -41.58 -38.67 -38.28
N ALA C 780 -41.98 -37.54 -37.68
CA ALA C 780 -41.31 -36.27 -37.96
C ALA C 780 -39.85 -36.31 -37.54
N VAL C 781 -39.56 -36.94 -36.40
CA VAL C 781 -38.18 -37.01 -35.93
C VAL C 781 -37.32 -37.78 -36.92
N PHE C 782 -37.84 -38.92 -37.40
CA PHE C 782 -37.09 -39.69 -38.39
C PHE C 782 -36.92 -38.92 -39.69
N GLN C 783 -37.97 -38.20 -40.12
CA GLN C 783 -37.86 -37.41 -41.34
C GLN C 783 -36.79 -36.33 -41.20
N GLN C 784 -36.75 -35.66 -40.04
CA GLN C 784 -35.73 -34.65 -39.81
C GLN C 784 -34.34 -35.27 -39.81
N PHE C 785 -34.18 -36.44 -39.18
CA PHE C 785 -32.89 -37.10 -39.19
C PHE C 785 -32.47 -37.46 -40.62
N CYS C 786 -33.41 -37.92 -41.44
CA CYS C 786 -33.09 -38.22 -42.83
C CYS C 786 -32.68 -36.97 -43.59
N ALA C 787 -33.42 -35.86 -43.37
CA ALA C 787 -33.11 -34.60 -44.04
C ALA C 787 -31.77 -34.03 -43.60
N LEU C 788 -31.27 -34.43 -42.43
CA LEU C 788 -30.01 -33.88 -41.96
C LEU C 788 -28.90 -34.03 -43.00
N GLN C 789 -28.91 -35.12 -43.75
CA GLN C 789 -27.87 -35.41 -44.74
C GLN C 789 -28.49 -35.85 -46.06
N ALA C 790 -29.50 -35.12 -46.51
CA ALA C 790 -30.14 -35.41 -47.78
C ALA C 790 -30.54 -34.12 -48.48
N GLY D 4 1.38 -29.96 -45.82
CA GLY D 4 2.21 -29.65 -44.68
C GLY D 4 1.40 -29.24 -43.46
N LEU D 5 2.08 -29.17 -42.32
CA LEU D 5 1.45 -28.77 -41.06
C LEU D 5 2.26 -27.65 -40.43
N LEU D 6 1.59 -26.86 -39.60
CA LEU D 6 2.21 -25.72 -38.94
C LEU D 6 2.66 -26.11 -37.54
N LYS D 7 3.90 -25.77 -37.20
CA LYS D 7 4.43 -26.08 -35.87
C LYS D 7 3.63 -25.37 -34.78
N ALA D 8 3.23 -24.13 -35.03
CA ALA D 8 2.51 -23.37 -34.01
C ALA D 8 1.19 -24.05 -33.65
N LEU D 9 0.46 -24.55 -34.65
CA LEU D 9 -0.81 -25.21 -34.40
C LEU D 9 -0.63 -26.58 -33.77
N ARG D 10 0.58 -27.11 -33.73
CA ARG D 10 0.86 -28.41 -33.13
C ARG D 10 1.18 -28.31 -31.63
N SER D 11 1.24 -27.11 -31.08
CA SER D 11 1.63 -26.95 -29.68
C SER D 11 0.69 -27.72 -28.77
N ASP D 12 1.27 -28.53 -27.90
CA ASP D 12 0.52 -29.34 -26.94
C ASP D 12 1.20 -29.28 -25.58
N SER D 13 1.54 -28.06 -25.13
CA SER D 13 2.31 -27.89 -23.91
C SER D 13 1.62 -28.50 -22.70
N TYR D 14 0.30 -28.67 -22.74
CA TYR D 14 -0.42 -29.17 -21.56
C TYR D 14 -0.28 -30.67 -21.37
N VAL D 15 0.17 -31.41 -22.38
CA VAL D 15 0.32 -32.86 -22.28
C VAL D 15 1.79 -33.27 -22.35
N GLU D 16 2.70 -32.32 -22.14
CA GLU D 16 4.12 -32.63 -22.16
C GLU D 16 4.57 -33.24 -20.84
N LEU D 17 5.62 -34.05 -20.90
CA LEU D 17 6.16 -34.65 -19.69
C LEU D 17 6.62 -33.58 -18.72
N SER D 18 6.26 -33.75 -17.45
CA SER D 18 6.70 -32.85 -16.41
C SER D 18 8.13 -33.20 -15.99
N GLN D 19 8.68 -32.42 -15.06
CA GLN D 19 10.03 -32.65 -14.57
C GLN D 19 10.10 -33.75 -13.52
N TYR D 20 8.96 -34.29 -13.10
CA TYR D 20 8.95 -35.30 -12.06
C TYR D 20 9.27 -36.68 -12.64
N ARG D 21 10.23 -37.36 -12.03
CA ARG D 21 10.56 -38.74 -12.37
C ARG D 21 10.51 -39.57 -11.10
N ASP D 22 9.74 -40.66 -11.13
CA ASP D 22 9.64 -41.53 -9.97
C ASP D 22 11.01 -42.13 -9.67
N GLN D 23 11.53 -41.87 -8.46
CA GLN D 23 12.83 -42.38 -8.09
C GLN D 23 12.81 -43.86 -7.76
N HIS D 24 11.65 -44.42 -7.45
CA HIS D 24 11.52 -45.83 -7.14
C HIS D 24 11.23 -46.69 -8.36
N PHE D 25 11.17 -46.10 -9.54
CA PHE D 25 10.95 -46.86 -10.77
C PHE D 25 12.14 -47.77 -11.03
N ARG D 26 11.84 -49.04 -11.34
CA ARG D 26 12.89 -50.04 -11.60
C ARG D 26 13.28 -50.00 -13.08
N GLY D 27 13.98 -48.94 -13.44
CA GLY D 27 14.43 -48.77 -14.81
C GLY D 27 15.11 -47.44 -14.98
N ASP D 28 15.76 -47.29 -16.12
CA ASP D 28 16.48 -46.06 -16.43
C ASP D 28 15.50 -44.96 -16.84
N ASN D 29 16.03 -43.74 -16.98
CA ASN D 29 15.18 -42.61 -17.32
C ASN D 29 14.53 -42.80 -18.68
N GLU D 30 15.25 -43.40 -19.63
CA GLU D 30 14.71 -43.60 -20.96
C GLU D 30 13.47 -44.50 -20.92
N GLU D 31 13.53 -45.59 -20.17
CA GLU D 31 12.39 -46.49 -20.08
C GLU D 31 11.19 -45.80 -19.41
N GLN D 32 11.45 -45.04 -18.34
CA GLN D 32 10.36 -44.34 -17.67
C GLN D 32 9.71 -43.32 -18.60
N GLU D 33 10.52 -42.58 -19.36
CA GLU D 33 9.96 -41.63 -20.32
C GLU D 33 9.17 -42.35 -21.40
N LYS D 34 9.66 -43.49 -21.87
CA LYS D 34 8.93 -44.25 -22.88
C LYS D 34 7.58 -44.69 -22.34
N LEU D 35 7.53 -45.17 -21.10
CA LEU D 35 6.26 -45.57 -20.51
C LEU D 35 5.33 -44.36 -20.33
N LEU D 36 5.89 -43.23 -19.94
CA LEU D 36 5.08 -42.03 -19.75
C LEU D 36 4.46 -41.56 -21.06
N LYS D 37 5.22 -41.65 -22.15
CA LYS D 37 4.75 -41.13 -23.43
C LYS D 37 3.51 -41.85 -23.92
N LYS D 38 3.31 -43.10 -23.50
CA LYS D 38 2.17 -43.90 -23.95
C LYS D 38 1.33 -44.40 -22.78
N SER D 39 1.31 -43.64 -21.69
CA SER D 39 0.56 -44.01 -20.50
C SER D 39 -0.85 -43.46 -20.56
N CYS D 40 -1.77 -44.17 -19.91
CA CYS D 40 -3.16 -43.74 -19.79
C CYS D 40 -3.53 -43.39 -18.36
N THR D 41 -2.55 -43.23 -17.48
CA THR D 41 -2.80 -42.99 -16.06
C THR D 41 -2.26 -41.62 -15.66
N LEU D 42 -3.02 -40.94 -14.82
CA LEU D 42 -2.67 -39.62 -14.32
C LEU D 42 -2.60 -39.64 -12.81
N TYR D 43 -1.52 -39.09 -12.27
CA TYR D 43 -1.42 -38.80 -10.85
C TYR D 43 -2.10 -37.46 -10.57
N VAL D 44 -3.02 -37.46 -9.62
CA VAL D 44 -3.75 -36.26 -9.23
C VAL D 44 -3.33 -35.90 -7.81
N GLY D 45 -2.85 -34.67 -7.63
CA GLY D 45 -2.33 -34.23 -6.35
C GLY D 45 -2.93 -32.90 -5.94
N ASN D 46 -2.67 -32.54 -4.68
CA ASN D 46 -3.23 -31.35 -4.04
C ASN D 46 -4.73 -31.51 -3.81
N LEU D 47 -5.13 -32.71 -3.40
CA LEU D 47 -6.50 -32.97 -3.00
C LEU D 47 -6.64 -32.75 -1.50
N SER D 48 -7.81 -32.28 -1.09
CA SER D 48 -8.12 -32.24 0.33
C SER D 48 -8.25 -33.65 0.88
N PHE D 49 -7.86 -33.83 2.14
CA PHE D 49 -7.92 -35.14 2.75
C PHE D 49 -9.34 -35.66 2.88
N TYR D 50 -10.34 -34.81 2.70
CA TYR D 50 -11.75 -35.20 2.73
C TYR D 50 -12.33 -35.38 1.34
N THR D 51 -11.51 -35.42 0.30
CA THR D 51 -11.99 -35.63 -1.06
C THR D 51 -12.28 -37.11 -1.26
N THR D 52 -13.54 -37.43 -1.53
CA THR D 52 -13.94 -38.81 -1.75
C THR D 52 -13.61 -39.24 -3.17
N GLU D 53 -13.57 -40.56 -3.38
CA GLU D 53 -13.35 -41.10 -4.71
C GLU D 53 -14.53 -40.82 -5.63
N GLU D 54 -15.73 -40.61 -5.08
CA GLU D 54 -16.88 -40.28 -5.89
C GLU D 54 -16.73 -38.91 -6.54
N GLN D 55 -16.21 -37.93 -5.80
CA GLN D 55 -15.99 -36.61 -6.37
C GLN D 55 -14.95 -36.65 -7.48
N ILE D 56 -13.86 -37.41 -7.27
CA ILE D 56 -12.86 -37.57 -8.32
C ILE D 56 -13.48 -38.23 -9.54
N TYR D 57 -14.30 -39.26 -9.33
CA TYR D 57 -14.97 -39.90 -10.45
C TYR D 57 -15.81 -38.91 -11.23
N GLU D 58 -16.62 -38.12 -10.52
CA GLU D 58 -17.48 -37.15 -11.19
C GLU D 58 -16.65 -36.13 -11.97
N LEU D 59 -15.57 -35.64 -11.37
CA LEU D 59 -14.78 -34.60 -12.03
C LEU D 59 -14.07 -35.13 -13.25
N PHE D 60 -13.45 -36.30 -13.14
CA PHE D 60 -12.60 -36.81 -14.21
C PHE D 60 -13.38 -37.61 -15.25
N SER D 61 -14.65 -37.93 -15.02
CA SER D 61 -15.45 -38.53 -16.07
C SER D 61 -15.88 -37.51 -17.11
N LYS D 62 -15.66 -36.21 -16.86
CA LYS D 62 -15.91 -35.20 -17.87
C LYS D 62 -14.95 -35.31 -19.05
N SER D 63 -13.78 -35.92 -18.84
CA SER D 63 -12.79 -36.08 -19.90
C SER D 63 -12.89 -37.41 -20.62
N GLY D 64 -13.68 -38.34 -20.14
CA GLY D 64 -13.80 -39.64 -20.77
C GLY D 64 -14.22 -40.69 -19.76
N ASP D 65 -14.16 -41.94 -20.20
CA ASP D 65 -14.56 -43.06 -19.36
C ASP D 65 -13.40 -43.47 -18.46
N ILE D 66 -13.66 -43.56 -17.16
CA ILE D 66 -12.65 -43.87 -16.17
C ILE D 66 -12.55 -45.38 -16.02
N LYS D 67 -11.33 -45.91 -16.07
CA LYS D 67 -11.10 -47.32 -15.85
C LYS D 67 -10.92 -47.65 -14.37
N LYS D 68 -10.06 -46.89 -13.69
CA LYS D 68 -9.79 -47.18 -12.28
C LYS D 68 -9.38 -45.91 -11.55
N ILE D 69 -9.75 -45.82 -10.28
CA ILE D 69 -9.31 -44.76 -9.38
C ILE D 69 -8.70 -45.42 -8.15
N ILE D 70 -7.44 -45.09 -7.87
CA ILE D 70 -6.72 -45.61 -6.71
C ILE D 70 -6.39 -44.43 -5.81
N MET D 71 -7.04 -44.36 -4.66
CA MET D 71 -6.83 -43.25 -3.74
C MET D 71 -5.52 -43.41 -2.98
N GLY D 72 -4.76 -42.32 -2.88
CA GLY D 72 -3.55 -42.34 -2.09
C GLY D 72 -3.86 -42.39 -0.61
N LEU D 73 -3.06 -43.15 0.13
CA LEU D 73 -3.34 -43.45 1.52
C LEU D 73 -2.08 -43.26 2.36
N ASP D 74 -2.31 -43.01 3.65
CA ASP D 74 -1.22 -42.97 4.62
C ASP D 74 -0.58 -44.35 4.72
N LYS D 75 0.76 -44.39 4.68
CA LYS D 75 1.44 -45.68 4.74
C LYS D 75 1.15 -46.38 6.06
N MET D 76 1.12 -45.63 7.16
CA MET D 76 0.86 -46.21 8.47
C MET D 76 -0.63 -46.14 8.84
N LYS D 77 -1.22 -44.96 8.75
CA LYS D 77 -2.61 -44.79 9.16
C LYS D 77 -3.60 -45.36 8.14
N LYS D 78 -3.17 -45.55 6.89
CA LYS D 78 -4.02 -46.08 5.83
C LYS D 78 -5.22 -45.17 5.57
N THR D 79 -5.05 -43.88 5.78
CA THR D 79 -6.08 -42.89 5.52
C THR D 79 -5.68 -42.01 4.34
N ALA D 80 -6.67 -41.39 3.72
CA ALA D 80 -6.43 -40.56 2.54
C ALA D 80 -5.42 -39.46 2.88
N CYS D 81 -4.44 -39.29 2.00
CA CYS D 81 -3.39 -38.30 2.21
C CYS D 81 -3.24 -37.37 1.00
N GLY D 82 -4.36 -37.08 0.32
CA GLY D 82 -4.40 -35.97 -0.60
C GLY D 82 -3.88 -36.22 -2.00
N PHE D 83 -3.90 -37.46 -2.48
CA PHE D 83 -3.53 -37.73 -3.86
C PHE D 83 -4.18 -39.03 -4.30
N CYS D 84 -4.19 -39.23 -5.62
CA CYS D 84 -4.81 -40.42 -6.19
C CYS D 84 -4.24 -40.66 -7.59
N PHE D 85 -4.64 -41.77 -8.18
CA PHE D 85 -4.31 -42.12 -9.55
C PHE D 85 -5.61 -42.41 -10.29
N VAL D 86 -5.75 -41.82 -11.47
CA VAL D 86 -6.91 -42.03 -12.33
C VAL D 86 -6.41 -42.65 -13.63
N GLU D 87 -6.84 -43.87 -13.91
CA GLU D 87 -6.49 -44.58 -15.13
C GLU D 87 -7.71 -44.60 -16.05
N TYR D 88 -7.53 -44.11 -17.27
CA TYR D 88 -8.54 -44.10 -18.30
C TYR D 88 -8.38 -45.33 -19.19
N TYR D 89 -9.42 -45.59 -19.99
CA TYR D 89 -9.35 -46.68 -20.95
C TYR D 89 -8.51 -46.32 -22.17
N SER D 90 -8.48 -45.04 -22.55
CA SER D 90 -7.75 -44.60 -23.73
C SER D 90 -6.88 -43.41 -23.39
N ARG D 91 -5.78 -43.27 -24.13
CA ARG D 91 -4.85 -42.16 -23.93
C ARG D 91 -5.48 -40.82 -24.27
N ALA D 92 -6.47 -40.80 -25.17
CA ALA D 92 -7.11 -39.55 -25.53
C ALA D 92 -7.83 -38.92 -24.34
N ASP D 93 -8.52 -39.74 -23.54
CA ASP D 93 -9.21 -39.22 -22.37
C ASP D 93 -8.23 -38.68 -21.35
N ALA D 94 -7.11 -39.37 -21.15
CA ALA D 94 -6.08 -38.88 -20.24
C ALA D 94 -5.51 -37.55 -20.74
N GLU D 95 -5.30 -37.43 -22.05
CA GLU D 95 -4.82 -36.17 -22.61
C GLU D 95 -5.83 -35.05 -22.39
N ASN D 96 -7.11 -35.34 -22.58
CA ASN D 96 -8.14 -34.33 -22.34
C ASN D 96 -8.15 -33.89 -20.88
N ALA D 97 -8.01 -34.85 -19.96
CA ALA D 97 -7.94 -34.50 -18.55
C ALA D 97 -6.72 -33.62 -18.25
N MET D 98 -5.58 -33.97 -18.82
CA MET D 98 -4.38 -33.15 -18.63
C MET D 98 -4.56 -31.75 -19.20
N ARG D 99 -5.32 -31.63 -20.29
CA ARG D 99 -5.52 -30.34 -20.93
C ARG D 99 -6.49 -29.45 -20.16
N TYR D 100 -7.61 -30.02 -19.68
CA TYR D 100 -8.71 -29.22 -19.19
C TYR D 100 -9.08 -29.47 -17.73
N ILE D 101 -8.75 -30.62 -17.16
CA ILE D 101 -9.01 -30.83 -15.75
C ILE D 101 -7.85 -30.31 -14.90
N ASN D 102 -6.63 -30.36 -15.43
CA ASN D 102 -5.48 -29.83 -14.72
C ASN D 102 -5.68 -28.35 -14.39
N GLY D 103 -5.31 -27.97 -13.18
CA GLY D 103 -5.35 -26.58 -12.78
C GLY D 103 -6.72 -26.02 -12.45
N THR D 104 -7.72 -26.88 -12.29
CA THR D 104 -9.07 -26.45 -11.91
C THR D 104 -9.33 -26.84 -10.45
N ARG D 105 -10.53 -26.53 -9.98
CA ARG D 105 -10.87 -26.64 -8.57
C ARG D 105 -11.65 -27.91 -8.29
N LEU D 106 -11.22 -28.65 -7.27
CA LEU D 106 -12.00 -29.74 -6.70
C LEU D 106 -11.99 -29.54 -5.19
N ASP D 107 -13.18 -29.36 -4.60
CA ASP D 107 -13.30 -28.97 -3.20
C ASP D 107 -12.56 -27.66 -2.94
N ASP D 108 -12.65 -26.74 -3.91
CA ASP D 108 -12.07 -25.39 -3.83
C ASP D 108 -10.55 -25.41 -3.83
N ARG D 109 -9.93 -26.51 -4.23
CA ARG D 109 -8.47 -26.63 -4.27
C ARG D 109 -8.02 -26.80 -5.71
N ILE D 110 -6.97 -26.07 -6.10
CA ILE D 110 -6.39 -26.23 -7.42
C ILE D 110 -5.65 -27.57 -7.44
N ILE D 111 -6.19 -28.53 -8.17
CA ILE D 111 -5.60 -29.86 -8.26
C ILE D 111 -4.61 -29.89 -9.42
N ARG D 112 -3.59 -30.74 -9.28
CA ARG D 112 -2.53 -30.86 -10.26
C ARG D 112 -2.54 -32.27 -10.84
N THR D 113 -2.50 -32.37 -12.17
CA THR D 113 -2.44 -33.66 -12.84
C THR D 113 -1.08 -33.84 -13.51
N ASP D 114 -0.55 -35.05 -13.44
CA ASP D 114 0.73 -35.39 -14.03
C ASP D 114 0.63 -36.75 -14.70
N TRP D 115 1.46 -37.00 -15.70
CA TRP D 115 1.50 -38.30 -16.35
C TRP D 115 2.10 -39.33 -15.40
N ASP D 116 1.58 -40.55 -15.45
CA ASP D 116 2.03 -41.63 -14.59
C ASP D 116 2.55 -42.77 -15.44
N ALA D 117 3.73 -43.29 -15.09
CA ALA D 117 4.32 -44.40 -15.82
C ALA D 117 3.55 -45.70 -15.65
N GLY D 118 2.61 -45.76 -14.71
CA GLY D 118 1.83 -46.95 -14.49
C GLY D 118 1.74 -47.30 -13.02
N PHE D 119 0.56 -47.71 -12.57
CA PHE D 119 0.35 -48.04 -11.16
C PHE D 119 0.95 -49.41 -10.84
N LYS D 120 1.52 -49.52 -9.64
CA LYS D 120 2.01 -50.77 -9.11
C LYS D 120 1.60 -50.85 -7.64
N GLU D 121 1.54 -52.07 -7.13
CA GLU D 121 1.15 -52.26 -5.74
C GLU D 121 2.11 -51.53 -4.82
N GLY D 122 1.55 -50.80 -3.85
CA GLY D 122 2.34 -50.03 -2.91
C GLY D 122 2.63 -48.61 -3.34
N ARG D 123 2.26 -48.23 -4.56
CA ARG D 123 2.49 -46.88 -5.03
C ARG D 123 1.41 -45.91 -4.54
N GLN D 124 0.36 -46.40 -3.91
CA GLN D 124 -0.70 -45.55 -3.37
C GLN D 124 -0.42 -45.08 -1.96
N TYR D 125 0.75 -45.40 -1.41
CA TYR D 125 1.12 -44.97 -0.07
C TYR D 125 2.12 -43.83 -0.15
N GLY D 126 1.93 -42.84 0.72
CA GLY D 126 2.87 -41.74 0.78
C GLY D 126 4.26 -42.21 1.15
N ARG D 127 5.26 -41.52 0.60
CA ARG D 127 6.65 -41.87 0.83
C ARG D 127 7.31 -41.02 1.89
N GLY D 128 6.55 -40.19 2.60
CA GLY D 128 7.09 -39.43 3.70
C GLY D 128 7.31 -40.29 4.93
N ARG D 129 8.15 -39.78 5.82
CA ARG D 129 8.50 -40.54 7.03
C ARG D 129 7.27 -40.78 7.90
N SER D 130 6.40 -39.78 8.02
CA SER D 130 5.20 -39.94 8.83
C SER D 130 4.15 -40.82 8.17
N GLY D 131 4.34 -41.19 6.91
CA GLY D 131 3.40 -42.03 6.18
C GLY D 131 2.56 -41.30 5.16
N GLY D 132 2.52 -39.97 5.20
CA GLY D 132 1.85 -39.18 4.20
C GLY D 132 2.78 -38.79 3.08
N GLN D 133 2.33 -37.84 2.27
CA GLN D 133 3.15 -37.35 1.17
C GLN D 133 4.35 -36.58 1.70
N VAL D 134 5.44 -36.59 0.91
CA VAL D 134 6.67 -35.92 1.33
C VAL D 134 6.43 -34.43 1.48
N ARG D 135 5.63 -33.84 0.59
CA ARG D 135 5.36 -32.40 0.69
C ARG D 135 4.67 -32.06 2.00
N ASP D 136 3.78 -32.93 2.46
CA ASP D 136 3.02 -32.62 3.68
C ASP D 136 3.95 -32.48 4.87
N GLU D 137 4.94 -33.36 5.00
CA GLU D 137 5.92 -33.23 6.06
C GLU D 137 6.94 -32.13 5.79
N TYR D 138 7.14 -31.77 4.53
CA TYR D 138 8.14 -30.78 4.16
C TYR D 138 7.58 -29.36 4.04
N ARG D 139 6.28 -29.17 4.25
CA ARG D 139 5.67 -27.85 4.13
C ARG D 139 5.55 -27.21 5.51
N GLN D 140 5.67 -25.89 5.56
CA GLN D 140 5.64 -25.13 6.80
C GLN D 140 4.42 -24.25 6.95
N ASP D 141 3.57 -24.15 5.92
CA ASP D 141 2.34 -23.39 6.04
C ASP D 141 1.26 -24.22 6.74
N TYR D 142 0.11 -23.60 6.97
CA TYR D 142 -1.03 -24.26 7.58
C TYR D 142 -2.07 -24.59 6.51
N ASP D 143 -2.56 -25.82 6.54
CA ASP D 143 -3.54 -26.30 5.56
C ASP D 143 -4.61 -27.07 6.31
N ALA D 144 -5.81 -26.49 6.43
CA ALA D 144 -6.91 -27.19 7.10
C ALA D 144 -7.36 -28.41 6.32
N GLY D 145 -7.33 -28.34 4.99
CA GLY D 145 -7.74 -29.46 4.17
C GLY D 145 -6.74 -30.59 4.06
N ARG D 146 -5.51 -30.37 4.52
CA ARG D 146 -4.46 -31.39 4.51
C ARG D 146 -3.94 -31.64 5.92
N GLY D 147 -4.83 -31.62 6.89
CA GLY D 147 -4.46 -31.88 8.28
C GLY D 147 -4.10 -30.64 9.08
N GLY D 148 -3.18 -29.82 8.57
CA GLY D 148 -2.76 -28.62 9.26
C GLY D 148 -1.33 -28.25 8.92
N TYR D 149 -0.51 -28.04 9.94
CA TYR D 149 0.90 -27.76 9.71
C TYR D 149 1.63 -29.02 9.27
N GLY D 150 2.82 -28.83 8.71
CA GLY D 150 3.60 -29.96 8.26
C GLY D 150 4.03 -30.85 9.41
N LYS D 151 4.16 -32.14 9.12
CA LYS D 151 4.53 -33.11 10.16
C LYS D 151 5.92 -32.81 10.71
N LEU D 152 6.80 -32.23 9.90
CA LEU D 152 8.12 -31.87 10.40
C LEU D 152 8.06 -30.65 11.31
N ALA D 153 7.06 -29.80 11.15
CA ALA D 153 6.89 -28.62 12.00
C ALA D 153 5.96 -28.91 13.17
N GLN D 154 4.72 -29.31 12.88
CA GLN D 154 3.74 -29.66 13.89
C GLN D 154 3.61 -28.56 14.95
N ASN D 155 3.16 -27.41 14.46
CA ASN D 155 2.98 -26.22 15.30
C ASN D 155 4.33 -25.60 15.64
N SER E 55 -1.89 57.14 5.69
CA SER E 55 -2.37 56.88 7.04
C SER E 55 -1.20 56.71 8.00
N HIS E 56 -1.43 56.01 9.11
CA HIS E 56 -0.40 55.78 10.10
C HIS E 56 0.34 54.48 9.81
N TYR E 57 1.51 54.34 10.43
CA TYR E 57 2.34 53.16 10.22
C TYR E 57 1.58 51.90 10.63
N ARG E 58 2.16 50.75 10.28
CA ARG E 58 1.55 49.45 10.52
C ARG E 58 2.33 48.72 11.60
N ALA E 59 1.60 48.05 12.50
CA ALA E 59 2.23 47.26 13.53
C ALA E 59 2.95 46.05 12.91
N VAL E 60 4.16 45.79 13.39
CA VAL E 60 4.97 44.70 12.88
C VAL E 60 4.56 43.39 13.53
N LYS F 112 -30.13 -1.44 -15.84
CA LYS F 112 -29.97 -2.85 -15.53
C LYS F 112 -28.81 -3.07 -14.57
N LYS F 113 -29.07 -3.80 -13.49
CA LYS F 113 -28.04 -4.05 -12.48
C LYS F 113 -27.01 -5.03 -13.02
N ILE F 114 -25.82 -4.97 -12.42
CA ILE F 114 -24.70 -5.84 -12.78
C ILE F 114 -24.57 -6.92 -11.72
N ASN F 115 -24.43 -8.16 -12.16
CA ASN F 115 -24.23 -9.30 -11.27
C ASN F 115 -22.73 -9.53 -11.11
N ASN F 116 -22.20 -9.19 -9.93
CA ASN F 116 -20.78 -9.29 -9.66
C ASN F 116 -20.43 -10.41 -8.69
N ILE F 117 -21.33 -11.39 -8.53
CA ILE F 117 -21.09 -12.48 -7.59
C ILE F 117 -19.81 -13.22 -7.97
N TRP F 118 -19.69 -13.60 -9.24
CA TRP F 118 -18.50 -14.31 -9.69
C TRP F 118 -17.29 -13.40 -9.72
N GLY F 119 -17.48 -12.10 -9.99
CA GLY F 119 -16.38 -11.17 -9.90
C GLY F 119 -15.83 -11.07 -8.49
N ALA F 120 -16.72 -10.99 -7.50
CA ALA F 120 -16.28 -10.96 -6.11
C ALA F 120 -15.57 -12.27 -5.74
N VAL F 121 -16.12 -13.40 -6.17
CA VAL F 121 -15.48 -14.68 -5.88
C VAL F 121 -14.09 -14.73 -6.50
N LEU F 122 -13.95 -14.22 -7.73
CA LEU F 122 -12.66 -14.24 -8.40
C LEU F 122 -11.66 -13.32 -7.72
N GLN F 123 -12.14 -12.17 -7.23
CA GLN F 123 -11.27 -11.29 -6.46
C GLN F 123 -10.78 -11.98 -5.19
N GLU F 124 -11.68 -12.68 -4.50
CA GLU F 124 -11.28 -13.42 -3.31
C GLU F 124 -10.27 -14.51 -3.65
N GLN F 125 -10.47 -15.21 -4.75
CA GLN F 125 -9.53 -16.25 -5.17
C GLN F 125 -8.18 -15.65 -5.52
N ASN F 126 -8.17 -14.49 -6.17
CA ASN F 126 -6.91 -13.83 -6.47
C ASN F 126 -6.20 -13.42 -5.19
N GLN F 127 -6.94 -12.93 -4.20
CA GLN F 127 -6.35 -12.62 -2.91
C GLN F 127 -5.74 -13.86 -2.26
N ASP F 128 -6.46 -14.99 -2.32
CA ASP F 128 -5.93 -16.24 -1.77
C ASP F 128 -4.67 -16.67 -2.49
N ALA F 129 -4.65 -16.53 -3.81
CA ALA F 129 -3.47 -16.90 -4.58
C ALA F 129 -2.27 -16.01 -4.21
N VAL F 130 -2.51 -14.71 -4.02
CA VAL F 130 -1.44 -13.82 -3.62
C VAL F 130 -0.94 -14.18 -2.23
N ALA F 131 -1.85 -14.54 -1.32
CA ALA F 131 -1.44 -14.98 0.01
C ALA F 131 -0.59 -16.24 -0.08
N THR F 132 -0.99 -17.19 -0.92
CA THR F 132 -0.20 -18.40 -1.09
C THR F 132 1.18 -18.10 -1.65
N GLU F 133 1.25 -17.19 -2.63
CA GLU F 133 2.54 -16.80 -3.18
C GLU F 133 3.40 -16.14 -2.11
N LEU F 134 2.80 -15.29 -1.27
CA LEU F 134 3.53 -14.68 -0.17
C LEU F 134 4.03 -15.72 0.82
N GLY F 135 3.27 -16.81 0.99
CA GLY F 135 3.68 -17.84 1.94
C GLY F 135 5.03 -18.45 1.58
N ILE F 136 5.28 -18.68 0.30
CA ILE F 136 6.50 -19.34 -0.14
C ILE F 136 7.56 -18.30 -0.45
N LEU F 137 7.32 -17.05 -0.05
CA LEU F 137 8.32 -16.00 -0.22
C LEU F 137 9.59 -16.36 0.55
N GLY F 138 10.74 -16.15 -0.09
CA GLY F 138 12.01 -16.46 0.53
C GLY F 138 13.04 -15.38 0.23
N MET F 139 14.22 -15.55 0.86
CA MET F 139 15.32 -14.62 0.65
C MET F 139 16.66 -15.33 0.51
N GLU F 140 16.67 -16.64 0.32
CA GLU F 140 17.90 -17.42 0.22
C GLU F 140 18.17 -17.91 -1.20
N GLY F 141 17.19 -18.54 -1.84
CA GLY F 141 17.37 -19.08 -3.17
C GLY F 141 16.06 -19.11 -3.92
N THR F 142 16.14 -19.55 -5.18
CA THR F 142 14.97 -19.64 -6.04
C THR F 142 14.35 -21.03 -5.92
N ILE F 143 13.02 -21.06 -5.82
CA ILE F 143 12.26 -22.30 -5.69
C ILE F 143 11.55 -22.56 -7.01
N ASP F 144 11.75 -23.75 -7.57
CA ASP F 144 11.12 -24.10 -8.83
C ASP F 144 9.61 -24.14 -8.68
N ARG F 145 8.90 -23.69 -9.71
CA ARG F 145 7.44 -23.69 -9.74
C ARG F 145 6.90 -24.73 -10.71
N SER F 146 7.68 -25.79 -10.95
CA SER F 146 7.29 -26.80 -11.93
C SER F 146 6.09 -27.63 -11.47
N ARG F 147 5.78 -27.63 -10.16
CA ARG F 147 4.67 -28.41 -9.62
C ARG F 147 3.44 -27.57 -9.33
N GLN F 148 3.46 -26.29 -9.71
CA GLN F 148 2.29 -25.43 -9.58
C GLN F 148 1.69 -25.51 -8.17
N SER F 149 0.42 -25.93 -8.07
CA SER F 149 -0.27 -25.89 -6.78
C SER F 149 0.31 -26.88 -5.78
N GLU F 150 1.16 -27.80 -6.21
CA GLU F 150 1.81 -28.74 -5.31
C GLU F 150 3.19 -28.27 -4.88
N THR F 151 3.57 -27.04 -5.23
CA THR F 151 4.89 -26.54 -4.87
C THR F 151 5.03 -26.43 -3.35
N TYR F 152 6.20 -26.79 -2.86
CA TYR F 152 6.51 -26.65 -1.44
C TYR F 152 8.01 -26.42 -1.30
N ASN F 153 8.39 -25.80 -0.18
CA ASN F 153 9.80 -25.48 0.04
C ASN F 153 10.58 -26.76 0.34
N TYR F 154 11.19 -27.34 -0.69
CA TYR F 154 11.99 -28.55 -0.51
C TYR F 154 13.43 -28.25 -0.12
N LEU F 155 13.94 -27.07 -0.47
CA LEU F 155 15.29 -26.69 -0.04
C LEU F 155 15.35 -26.52 1.46
N LEU F 156 14.36 -25.82 2.03
CA LEU F 156 14.31 -25.66 3.48
C LEU F 156 14.12 -27.02 4.16
N ALA F 157 13.33 -27.91 3.55
CA ALA F 157 13.16 -29.25 4.09
C ALA F 157 14.47 -30.01 4.10
N LYS F 158 15.25 -29.92 3.02
CA LYS F 158 16.56 -30.57 2.99
C LYS F 158 17.48 -29.99 4.05
N LYS F 159 17.45 -28.67 4.23
CA LYS F 159 18.27 -28.05 5.27
C LYS F 159 17.87 -28.57 6.65
N LEU F 160 16.57 -28.66 6.92
CA LEU F 160 16.11 -29.14 8.22
C LEU F 160 16.50 -30.60 8.44
N ARG F 161 16.33 -31.43 7.42
CA ARG F 161 16.59 -32.85 7.57
C ARG F 161 18.04 -33.12 7.96
N LYS F 162 18.98 -32.40 7.35
CA LYS F 162 20.40 -32.56 7.65
C LYS F 162 20.66 -32.36 9.14
#